data_7Z0S
#
_entry.id   7Z0S
#
_cell.length_a   1.00
_cell.length_b   1.00
_cell.length_c   1.00
_cell.angle_alpha   90.00
_cell.angle_beta   90.00
_cell.angle_gamma   90.00
#
_symmetry.space_group_name_H-M   'P 1'
#
loop_
_entity.id
_entity.type
_entity.pdbx_description
1 polymer 'Formate hydrogenlyase subunit 3'
2 polymer 'Formate hydrogenlyase subunit 5'
3 polymer 'Formate hydrogenlyase subunit 2'
4 polymer 'Formate hydrogenlyase subunit 7'
5 polymer 'Formate hydrogenlyase subunit 6'
6 polymer 'Formate hydrogenlyase subunit 4'
7 non-polymer CARDIOLIPIN
8 non-polymer PHOSPHATIDYLETHANOLAMINE
9 non-polymer 'NICKEL (II) ION'
10 non-polymer 'CARBONMONOXIDE-(DICYANO) IRON'
11 non-polymer '1-CIS-9-OCTADECANOYL-2-CIS-9-HEXADECANOYL PHOSPHATIDYL GLYCEROL'
12 non-polymer 'IRON/SULFUR CLUSTER'
13 non-polymer 'FE (III) ION'
14 non-polymer 'Lauryl Maltose Neopentyl Glycol'
15 water water
#
loop_
_entity_poly.entity_id
_entity_poly.type
_entity_poly.pdbx_seq_one_letter_code
_entity_poly.pdbx_strand_id
1 'polypeptide(L)'
;MSAISLINSGVAWFVAAAVLAFLFSFQKALSGWIAGIGGAVGSLYTAAAGFTVLTGAVGVSGALSLVSYDVQISPLNAIW
LITLGLCGLFVSLYNIDWHRHAQVKCNGLQINMLMAAAVCAVIASNLGMFVVMAEIMALCAVFLTSNSKEGKLWFALGRL
GTLLLAIACWLLWQRYGTLDLRLLDMRMQQLPLGSDIWLLGVIGFGLLAGIIPLHGWVPQAHANASAPAAALFSTVVMKI
GLLGILTLSLLGGNAPLWWGIALLVLGMITAFVGGLYALVEHNIQRLLAYHTLENIGIILLGLGAGVTGIALEQPALIAL
GLVGGLYHLLNHSLFKSVLFLGAGSVWFRTGHRDIEKLGGIGKKMPVISIAMLVGLMAMAALPPLNGFAGEWVIYQSFFK
LSNSGAFVARLLGPLLAVGLAITGALAVMCMAKVYGVTFLGAPRTKEAENATCAPLLMSVSVVALAICCVIGGVAAPWLL
PMLSAAVPLPLEPANTTVSQPMITLLLIACPLLPFIIMAICKGDRLPSRSRGAAWVCGYDHEKSMVITAHGFAMPVKQAF
APVLKLRKWLNPVSLVPGWQCEGSALLFRRMALVELAVLVVIIVSRGA
;
C
2 'polypeptide(L)'
;MSEEKLGQHYLAALNEAFPGVVLDHAWQTKDQLTVTVKVNYLPEVVEFLYYKQGGWLSVLFGNDERKLNGHYAVYYVLSM
EKGHHHHHHHHHHGSTKCWITVRVEVDANKPEYPSVTPRVPAAVWGEREVRDMYGLIPVGLPDERRLVLPDDWPDELYPL
RKDSMDYRQRPAPTTDAETYEFINELGDKKNNVVPIGPLHVTSDEPGHFRLFVDGENIIDADYRLFYVHRGMEKLAETRM
GYNEVTFLSDRVCGICGFAHSTAYTTSVENAMGIQVPERAQMIRAILLEVERLHSHLLNLGLACHFTGFDSGFMQFFRVR
ETSMKMAEILTGARKTYGLNLIGGIRRDLLKDDMIQTRQLAQQMRREVQELVDVLLSTPNMEQRTVGIGRLDPEIARDFS
NVGPMVRASGHARDTRADHPFVGYGLLPMEVHSEQGCDVISRLKVRINEVYTALNMIDYGLDNLPGGPLMVEGFTYIPHR
FALGFAEAPRGDDIHWSMTGDNQKLYRWRCRAATYANWPTLRYMLRGNTVSDAPLIIGSLDPCYSCTDRMTVVDVRKKKS
KVVPYKELERYSIERKNSPLK
;
E
3 'polypeptide(L)'
;MNRFVIADSTLCIGCHTCEAACSETHRQHGLQSMPRLRVMLNEKESAPQLCHHCEDAPCAVVCPVNAITRVDGAVQLNES
LCVSCKLCGIACPFGAIEFSGSRPLDIPANANTPKAPPAPPAPARVSTLLDWVPGIRAIAVKCDLCSFDEQGPACVRMCP
TKALHLVDNTDIARVSKRKRELTFNTDFGDLTLFQQAQSGEAK
;
B
4 'polypeptide(L)'
;MSNLLGPRDANGIPVPMTVDESIASMKASLLKKIKRSAYVYRVDCGGCNGCEIEIFATLSPLFDAERFGIKVVPSPRHAD
ILLFTGAVTRAMRSPALRAWQSAPDPKICISYGACGNSGGIFHDLYCVWGGTDKIVPVDVYIPGCPPTPAATLYGFAMAL
GLLEQKIHARGPGELDEQPAEILHGDMVQPLRVKVDREARRLAGYRYGRQIADDYLTQLGQGEEQVARWLEAENDPRLNE
IVSHLNHVVEEARIR
;
G
5 'polypeptide(L)'
;MFTFIKKVIKTGTATSSYPLEPIAVDKNFRGKPEQNPQQCIGCAACVNACPSNALTVETDLATGELAWEFNLGHCIFCGR
CEEVCPTAAIKLSQEYELAVWKKEDFLQQSRFALCNCRVCNRPFAVQKEIDYAIALLKHNGDSRAENHRESFETCPECKR
QKCLVPSDRIELTRHMKEAI
;
F
6 'polypeptide(L)'
;MSVLYPLIQALVLFAVAPLLSGITRVARARLHNRRGPGVLQEYRDIIKLLGRQSVGPDASGWVFRLTPYVMVGVMLTIAT
ALPVVTVGSPLPQLGDLITLLYLFAIARFFFAISGLDTGSPFTAIGASREAMLGVLVEPMLLLGLWVAAQVAGSTNISNI
TDTVYHWPLSQSIPLVLALCACAFATFIEMGKLPFDLAEAEQELQEGPLSEYSGSGFGVMKWGISLKQLVVLQMFVGVFI
PWGQMETFTAGGLLLALVIAIVKLVVGVLVIALFENSMARLRLDITPRITWAGFGFAFLAFVSLLAA
;
D
#
loop_
_chem_comp.id
_chem_comp.type
_chem_comp.name
_chem_comp.formula
CDL non-polymer CARDIOLIPIN 'C81 H156 O17 P2 -2'
DR9 non-polymer '1-CIS-9-OCTADECANOYL-2-CIS-9-HEXADECANOYL PHOSPHATIDYL GLYCEROL' 'C40 H75 O10 P'
FCO non-polymer 'CARBONMONOXIDE-(DICYANO) IRON' 'C3 Fe N2 O'
FE non-polymer 'FE (III) ION' 'Fe 3'
LMN non-polymer 'Lauryl Maltose Neopentyl Glycol' 'C47 H88 O22'
NI non-polymer 'NICKEL (II) ION' 'Ni 2'
PTY non-polymer PHOSPHATIDYLETHANOLAMINE 'C40 H80 N O8 P'
SF4 non-polymer 'IRON/SULFUR CLUSTER' 'Fe4 S4'
#
# COMPACT_ATOMS: atom_id res chain seq x y z
N SER A 2 -56.16 -13.34 -42.04
CA SER A 2 -55.32 -14.50 -41.80
C SER A 2 -53.85 -14.10 -41.67
N ALA A 3 -53.06 -14.96 -41.03
CA ALA A 3 -51.64 -14.70 -40.87
C ALA A 3 -50.85 -14.88 -42.16
N ILE A 4 -51.40 -15.62 -43.13
CA ILE A 4 -50.74 -15.78 -44.43
C ILE A 4 -50.71 -14.46 -45.16
N SER A 5 -51.81 -13.70 -45.12
CA SER A 5 -51.84 -12.38 -45.75
C SER A 5 -50.91 -11.41 -45.03
N LEU A 6 -50.80 -11.51 -43.71
CA LEU A 6 -49.87 -10.68 -42.95
C LEU A 6 -48.42 -10.98 -43.32
N ILE A 7 -48.08 -12.27 -43.44
CA ILE A 7 -46.70 -12.61 -43.77
C ILE A 7 -46.41 -12.32 -45.25
N ASN A 8 -47.42 -12.34 -46.11
CA ASN A 8 -47.24 -11.94 -47.50
C ASN A 8 -47.01 -10.44 -47.62
N SER A 9 -47.75 -9.65 -46.83
CA SER A 9 -47.51 -8.21 -46.77
C SER A 9 -46.14 -7.90 -46.19
N GLY A 10 -45.70 -8.66 -45.20
CA GLY A 10 -44.36 -8.46 -44.65
C GLY A 10 -43.24 -8.76 -45.64
N VAL A 11 -43.38 -9.87 -46.39
CA VAL A 11 -42.39 -10.22 -47.41
C VAL A 11 -42.38 -9.18 -48.53
N ALA A 12 -43.58 -8.72 -48.95
CA ALA A 12 -43.67 -7.72 -50.00
C ALA A 12 -43.08 -6.38 -49.55
N TRP A 13 -43.31 -5.99 -48.29
CA TRP A 13 -42.73 -4.74 -47.79
C TRP A 13 -41.22 -4.84 -47.66
N PHE A 14 -40.70 -6.02 -47.25
CA PHE A 14 -39.24 -6.21 -47.19
C PHE A 14 -38.61 -6.12 -48.58
N VAL A 15 -39.23 -6.77 -49.57
CA VAL A 15 -38.69 -6.77 -50.93
C VAL A 15 -38.75 -5.37 -51.54
N ALA A 16 -39.87 -4.68 -51.36
CA ALA A 16 -40.01 -3.31 -51.88
C ALA A 16 -39.08 -2.35 -51.17
N ALA A 17 -38.85 -2.55 -49.87
CA ALA A 17 -37.90 -1.72 -49.13
C ALA A 17 -36.49 -1.92 -49.64
N ALA A 18 -36.09 -3.17 -49.89
CA ALA A 18 -34.75 -3.45 -50.42
C ALA A 18 -34.57 -2.85 -51.82
N VAL A 19 -35.60 -2.98 -52.67
CA VAL A 19 -35.51 -2.49 -54.05
C VAL A 19 -35.43 -0.96 -54.08
N LEU A 20 -36.33 -0.29 -53.33
CA LEU A 20 -36.32 1.15 -53.31
C LEU A 20 -35.17 1.73 -52.51
N ALA A 21 -34.54 0.94 -51.63
CA ALA A 21 -33.30 1.37 -51.00
C ALA A 21 -32.12 1.26 -51.96
N PHE A 22 -32.13 0.27 -52.85
CA PHE A 22 -31.06 0.18 -53.83
C PHE A 22 -31.20 1.24 -54.92
N LEU A 23 -32.42 1.50 -55.40
CA LEU A 23 -32.59 2.45 -56.49
C LEU A 23 -32.42 3.89 -56.03
N PHE A 24 -32.84 4.21 -54.80
CA PHE A 24 -32.69 5.56 -54.27
C PHE A 24 -31.46 5.70 -53.39
N SER A 25 -30.40 4.95 -53.68
CA SER A 25 -29.19 4.93 -52.87
C SER A 25 -28.23 6.06 -53.20
N PHE A 26 -28.56 6.93 -54.16
CA PHE A 26 -27.69 8.06 -54.46
C PHE A 26 -27.73 9.10 -53.35
N GLN A 27 -28.85 9.18 -52.62
CA GLN A 27 -28.93 9.96 -51.39
C GLN A 27 -29.03 8.96 -50.24
N LYS A 28 -28.01 8.98 -49.36
CA LYS A 28 -27.91 7.94 -48.34
C LYS A 28 -28.95 8.11 -47.25
N ALA A 29 -29.29 9.36 -46.90
CA ALA A 29 -30.30 9.61 -45.87
C ALA A 29 -31.69 9.19 -46.34
N LEU A 30 -32.04 9.51 -47.59
CA LEU A 30 -33.34 9.10 -48.14
C LEU A 30 -33.43 7.59 -48.30
N SER A 31 -32.33 6.96 -48.74
CA SER A 31 -32.29 5.51 -48.85
C SER A 31 -32.43 4.84 -47.49
N GLY A 32 -31.79 5.40 -46.48
CA GLY A 32 -31.93 4.88 -45.12
C GLY A 32 -33.33 5.06 -44.57
N TRP A 33 -33.97 6.20 -44.87
CA TRP A 33 -35.35 6.42 -44.47
C TRP A 33 -36.29 5.41 -45.12
N ILE A 34 -36.10 5.17 -46.42
CA ILE A 34 -36.96 4.23 -47.16
C ILE A 34 -36.76 2.81 -46.64
N ALA A 35 -35.48 2.41 -46.46
CA ALA A 35 -35.17 1.08 -45.98
C ALA A 35 -35.66 0.84 -44.57
N GLY A 36 -35.48 1.83 -43.68
CA GLY A 36 -35.95 1.68 -42.31
C GLY A 36 -37.47 1.66 -42.19
N ILE A 37 -38.16 2.50 -42.98
CA ILE A 37 -39.61 2.53 -42.92
C ILE A 37 -40.20 1.23 -43.47
N GLY A 38 -39.69 0.77 -44.61
CA GLY A 38 -40.18 -0.49 -45.18
C GLY A 38 -39.83 -1.70 -44.35
N GLY A 39 -38.62 -1.73 -43.78
CA GLY A 39 -38.25 -2.82 -42.89
C GLY A 39 -39.05 -2.83 -41.60
N ALA A 40 -39.36 -1.64 -41.07
CA ALA A 40 -40.18 -1.55 -39.87
C ALA A 40 -41.61 -2.02 -40.13
N VAL A 41 -42.18 -1.66 -41.28
CA VAL A 41 -43.54 -2.10 -41.62
C VAL A 41 -43.58 -3.60 -41.89
N GLY A 42 -42.58 -4.12 -42.62
CA GLY A 42 -42.52 -5.55 -42.87
C GLY A 42 -42.27 -6.36 -41.61
N SER A 43 -41.47 -5.82 -40.68
CA SER A 43 -41.28 -6.48 -39.40
C SER A 43 -42.52 -6.41 -38.53
N LEU A 44 -43.29 -5.32 -38.64
CA LEU A 44 -44.57 -5.23 -37.93
C LEU A 44 -45.55 -6.30 -38.45
N TYR A 45 -45.61 -6.49 -39.77
CA TYR A 45 -46.44 -7.54 -40.33
C TYR A 45 -45.95 -8.94 -39.94
N THR A 46 -44.63 -9.13 -39.92
CA THR A 46 -44.05 -10.43 -39.53
C THR A 46 -44.35 -10.75 -38.07
N ALA A 47 -44.17 -9.77 -37.18
CA ALA A 47 -44.47 -9.96 -35.77
C ALA A 47 -45.96 -10.15 -35.53
N ALA A 48 -46.80 -9.46 -36.31
CA ALA A 48 -48.25 -9.63 -36.19
C ALA A 48 -48.68 -11.03 -36.61
N ALA A 49 -48.09 -11.55 -37.69
CA ALA A 49 -48.36 -12.93 -38.11
C ALA A 49 -47.88 -13.93 -37.06
N GLY A 50 -46.72 -13.68 -36.46
CA GLY A 50 -46.23 -14.55 -35.41
C GLY A 50 -47.12 -14.56 -34.17
N PHE A 51 -47.58 -13.37 -33.75
CA PHE A 51 -48.49 -13.28 -32.62
C PHE A 51 -49.83 -13.94 -32.94
N THR A 52 -50.30 -13.81 -34.18
CA THR A 52 -51.57 -14.44 -34.58
C THR A 52 -51.47 -15.96 -34.54
N VAL A 53 -50.37 -16.52 -35.05
CA VAL A 53 -50.21 -17.97 -35.04
C VAL A 53 -49.99 -18.49 -33.62
N LEU A 54 -49.23 -17.76 -32.81
CA LEU A 54 -49.00 -18.18 -31.42
C LEU A 54 -50.26 -18.06 -30.57
N THR A 55 -51.11 -17.06 -30.84
CA THR A 55 -52.35 -16.92 -30.08
C THR A 55 -53.38 -17.95 -30.52
N GLY A 56 -53.48 -18.21 -31.83
CA GLY A 56 -54.45 -19.16 -32.34
C GLY A 56 -54.16 -20.61 -32.00
N ALA A 57 -52.92 -20.92 -31.64
CA ALA A 57 -52.46 -22.25 -31.18
C ALA A 57 -52.70 -23.34 -32.23
N VAL A 58 -52.65 -22.98 -33.51
CA VAL A 58 -52.85 -23.93 -34.59
C VAL A 58 -52.03 -23.47 -35.79
N GLY A 59 -51.53 -24.43 -36.55
CA GLY A 59 -50.79 -24.09 -37.75
C GLY A 59 -51.70 -23.62 -38.87
N VAL A 60 -51.26 -22.59 -39.57
CA VAL A 60 -51.98 -22.07 -40.73
C VAL A 60 -51.22 -22.48 -41.99
N SER A 61 -51.93 -22.54 -43.10
CA SER A 61 -51.36 -22.96 -44.37
C SER A 61 -51.76 -21.97 -45.45
N GLY A 62 -50.95 -21.92 -46.52
CA GLY A 62 -51.25 -21.04 -47.62
C GLY A 62 -50.06 -20.90 -48.54
N ALA A 63 -50.08 -19.85 -49.35
CA ALA A 63 -48.99 -19.57 -50.27
C ALA A 63 -48.87 -18.05 -50.44
N LEU A 64 -47.64 -17.61 -50.69
CA LEU A 64 -47.39 -16.20 -50.97
C LEU A 64 -47.91 -15.84 -52.35
N SER A 65 -48.45 -14.64 -52.49
CA SER A 65 -48.98 -14.20 -53.77
C SER A 65 -47.81 -13.67 -54.57
N LEU A 66 -46.64 -13.45 -53.94
CA LEU A 66 -45.52 -12.85 -54.70
C LEU A 66 -44.88 -13.88 -55.66
N VAL A 67 -44.61 -15.10 -55.20
CA VAL A 67 -44.05 -16.16 -56.03
C VAL A 67 -44.71 -17.47 -55.57
N SER A 68 -44.55 -18.52 -56.38
CA SER A 68 -45.10 -19.82 -56.04
C SER A 68 -44.33 -20.43 -54.88
N TYR A 69 -44.74 -20.10 -53.67
CA TYR A 69 -44.03 -20.48 -52.44
C TYR A 69 -45.05 -21.04 -51.45
N ASP A 70 -45.02 -22.35 -51.25
CA ASP A 70 -45.90 -22.98 -50.26
C ASP A 70 -45.47 -22.60 -48.86
N VAL A 71 -46.46 -22.31 -48.00
CA VAL A 71 -46.21 -21.78 -46.67
C VAL A 71 -46.98 -22.58 -45.61
N GLN A 72 -46.26 -23.20 -44.68
CA GLN A 72 -46.80 -23.54 -43.36
C GLN A 72 -46.21 -22.87 -42.14
N ILE A 73 -47.04 -22.18 -41.38
CA ILE A 73 -46.62 -21.44 -40.19
C ILE A 73 -47.13 -22.22 -38.98
N SER A 74 -46.31 -23.10 -38.46
CA SER A 74 -46.62 -23.78 -37.21
C SER A 74 -46.45 -22.82 -36.05
N PRO A 75 -47.08 -23.09 -34.90
CA PRO A 75 -46.80 -22.28 -33.69
C PRO A 75 -45.36 -22.37 -33.20
N LEU A 76 -44.62 -23.42 -33.57
CA LEU A 76 -43.19 -23.46 -33.27
C LEU A 76 -42.43 -22.40 -34.05
N ASN A 77 -42.77 -22.20 -35.32
CA ASN A 77 -42.12 -21.18 -36.14
C ASN A 77 -42.64 -19.78 -35.87
N ALA A 78 -43.80 -19.66 -35.19
CA ALA A 78 -44.34 -18.36 -34.85
C ALA A 78 -43.46 -17.62 -33.86
N ILE A 79 -42.74 -18.36 -33.01
CA ILE A 79 -41.77 -17.74 -32.11
C ILE A 79 -40.61 -17.13 -32.90
N TRP A 80 -40.19 -17.80 -33.97
CA TRP A 80 -39.17 -17.23 -34.86
C TRP A 80 -39.71 -16.02 -35.61
N LEU A 81 -40.99 -16.03 -35.97
CA LEU A 81 -41.59 -14.86 -36.62
C LEU A 81 -41.66 -13.67 -35.66
N ILE A 82 -42.04 -13.92 -34.40
CA ILE A 82 -42.07 -12.87 -33.37
C ILE A 82 -40.66 -12.33 -33.11
N THR A 83 -39.68 -13.24 -33.05
CA THR A 83 -38.27 -12.89 -32.92
C THR A 83 -37.81 -11.97 -34.05
N LEU A 84 -38.07 -12.37 -35.30
CA LEU A 84 -37.62 -11.63 -36.46
C LEU A 84 -38.30 -10.27 -36.55
N GLY A 85 -39.61 -10.21 -36.29
CA GLY A 85 -40.31 -8.94 -36.36
C GLY A 85 -39.89 -7.98 -35.27
N LEU A 86 -39.78 -8.47 -34.03
CA LEU A 86 -39.41 -7.61 -32.91
C LEU A 86 -37.97 -7.16 -32.99
N CYS A 87 -37.10 -7.94 -33.63
CA CYS A 87 -35.75 -7.46 -33.86
C CYS A 87 -35.71 -6.45 -34.99
N GLY A 88 -36.28 -6.82 -36.16
CA GLY A 88 -36.11 -6.03 -37.36
C GLY A 88 -36.84 -4.71 -37.34
N LEU A 89 -37.89 -4.59 -36.51
CA LEU A 89 -38.59 -3.31 -36.35
C LEU A 89 -37.65 -2.24 -35.78
N PHE A 90 -37.05 -2.51 -34.63
CA PHE A 90 -36.17 -1.53 -34.02
C PHE A 90 -34.81 -1.50 -34.69
N VAL A 91 -34.42 -2.58 -35.39
CA VAL A 91 -33.19 -2.53 -36.19
C VAL A 91 -33.36 -1.58 -37.38
N SER A 92 -34.53 -1.60 -38.02
CA SER A 92 -34.77 -0.69 -39.15
C SER A 92 -34.95 0.75 -38.68
N LEU A 93 -35.66 0.94 -37.55
CA LEU A 93 -35.78 2.28 -36.97
C LEU A 93 -34.44 2.82 -36.51
N TYR A 94 -33.54 1.95 -36.07
CA TYR A 94 -32.16 2.32 -35.83
C TYR A 94 -31.43 2.65 -37.13
N ASN A 95 -31.71 1.90 -38.20
CA ASN A 95 -31.02 2.07 -39.47
C ASN A 95 -31.32 3.41 -40.12
N ILE A 96 -32.49 3.97 -39.83
CA ILE A 96 -32.88 5.29 -40.33
C ILE A 96 -31.86 6.36 -39.92
N ASP A 97 -31.52 6.41 -38.63
CA ASP A 97 -30.49 7.33 -38.18
C ASP A 97 -29.08 6.76 -38.28
N TRP A 98 -28.93 5.46 -38.54
CA TRP A 98 -27.61 4.91 -38.82
C TRP A 98 -27.10 5.39 -40.17
N HIS A 99 -28.01 5.65 -41.12
CA HIS A 99 -27.60 6.16 -42.42
C HIS A 99 -27.22 7.64 -42.41
N ARG A 100 -27.17 8.30 -41.26
CA ARG A 100 -26.73 9.69 -41.16
C ARG A 100 -25.23 9.82 -40.94
N HIS A 101 -24.51 8.72 -40.72
CA HIS A 101 -23.07 8.78 -40.55
C HIS A 101 -22.39 8.94 -41.90
N ALA A 102 -21.33 9.75 -41.92
CA ALA A 102 -20.61 10.00 -43.17
C ALA A 102 -19.75 8.80 -43.56
N GLN A 103 -19.31 8.01 -42.59
CA GLN A 103 -18.37 6.92 -42.84
C GLN A 103 -19.04 5.58 -43.07
N VAL A 104 -20.37 5.51 -43.03
CA VAL A 104 -21.09 4.28 -43.32
C VAL A 104 -21.69 4.38 -44.72
N LYS A 105 -22.07 3.23 -45.24
CA LYS A 105 -22.64 3.12 -46.58
C LYS A 105 -24.07 2.60 -46.49
N CYS A 106 -24.75 2.61 -47.64
CA CYS A 106 -26.10 2.08 -47.71
C CYS A 106 -26.09 0.57 -47.57
N ASN A 107 -26.98 0.05 -46.72
CA ASN A 107 -27.04 -1.39 -46.52
C ASN A 107 -28.46 -1.93 -46.56
N GLY A 108 -29.47 -1.09 -46.86
CA GLY A 108 -30.85 -1.49 -46.69
C GLY A 108 -31.32 -2.55 -47.68
N LEU A 109 -30.68 -2.63 -48.84
CA LEU A 109 -30.97 -3.70 -49.79
C LEU A 109 -30.50 -5.02 -49.16
N GLN A 110 -29.27 -5.03 -48.65
CA GLN A 110 -28.74 -6.22 -47.99
C GLN A 110 -29.57 -6.61 -46.76
N ILE A 111 -29.89 -5.63 -45.92
CA ILE A 111 -30.68 -5.87 -44.71
C ILE A 111 -32.09 -6.38 -44.95
N ASN A 112 -32.82 -5.75 -45.88
CA ASN A 112 -34.20 -6.15 -46.11
C ASN A 112 -34.28 -7.45 -46.92
N MET A 113 -33.32 -7.73 -47.79
CA MET A 113 -33.28 -9.05 -48.44
C MET A 113 -32.96 -10.15 -47.44
N LEU A 114 -32.09 -9.85 -46.45
CA LEU A 114 -31.85 -10.78 -45.34
C LEU A 114 -33.13 -11.06 -44.57
N MET A 115 -33.88 -10.00 -44.27
CA MET A 115 -35.13 -10.15 -43.50
C MET A 115 -36.17 -10.94 -44.28
N ALA A 116 -36.29 -10.68 -45.59
CA ALA A 116 -37.25 -11.40 -46.43
C ALA A 116 -36.89 -12.86 -46.58
N ALA A 117 -35.61 -13.16 -46.84
CA ALA A 117 -35.16 -14.54 -46.93
C ALA A 117 -35.27 -15.25 -45.59
N ALA A 118 -35.06 -14.55 -44.49
CA ALA A 118 -35.22 -15.13 -43.15
C ALA A 118 -36.67 -15.49 -42.88
N VAL A 119 -37.60 -14.58 -43.22
CA VAL A 119 -39.02 -14.82 -42.99
C VAL A 119 -39.51 -15.98 -43.86
N CYS A 120 -39.08 -16.02 -45.12
CA CYS A 120 -39.47 -17.12 -45.99
C CYS A 120 -38.80 -18.44 -45.60
N ALA A 121 -37.66 -18.37 -44.92
CA ALA A 121 -37.07 -19.58 -44.35
C ALA A 121 -37.86 -20.07 -43.15
N VAL A 122 -38.39 -19.14 -42.34
CA VAL A 122 -39.23 -19.52 -41.20
C VAL A 122 -40.52 -20.18 -41.68
N ILE A 123 -41.16 -19.58 -42.69
CA ILE A 123 -42.49 -20.04 -43.12
C ILE A 123 -42.35 -21.07 -44.24
N ALA A 124 -41.16 -21.63 -44.40
CA ALA A 124 -40.87 -22.56 -45.48
C ALA A 124 -41.64 -23.87 -45.33
N SER A 125 -42.11 -24.40 -46.46
CA SER A 125 -42.79 -25.68 -46.53
C SER A 125 -41.84 -26.83 -46.87
N ASN A 126 -41.03 -26.64 -47.90
CA ASN A 126 -40.08 -27.64 -48.34
C ASN A 126 -38.76 -27.42 -47.63
N LEU A 127 -38.11 -28.52 -47.24
CA LEU A 127 -36.81 -28.41 -46.60
C LEU A 127 -35.74 -27.98 -47.59
N GLY A 128 -35.89 -28.36 -48.86
CA GLY A 128 -35.04 -27.81 -49.90
C GLY A 128 -35.18 -26.31 -50.07
N MET A 129 -36.42 -25.81 -49.93
CA MET A 129 -36.69 -24.36 -50.00
C MET A 129 -36.22 -23.64 -48.75
N PHE A 130 -36.23 -24.30 -47.60
CA PHE A 130 -35.66 -23.72 -46.36
C PHE A 130 -34.15 -23.60 -46.55
N VAL A 131 -33.55 -24.55 -47.25
CA VAL A 131 -32.07 -24.53 -47.47
C VAL A 131 -31.80 -23.49 -48.55
N VAL A 132 -32.74 -23.21 -49.44
CA VAL A 132 -32.60 -22.13 -50.41
C VAL A 132 -32.76 -20.75 -49.78
N MET A 133 -33.77 -20.55 -48.92
CA MET A 133 -33.92 -19.23 -48.30
C MET A 133 -32.87 -18.98 -47.23
N ALA A 134 -32.41 -20.01 -46.52
CA ALA A 134 -31.27 -19.84 -45.62
C ALA A 134 -29.97 -19.39 -46.26
N GLU A 135 -29.70 -19.84 -47.49
CA GLU A 135 -28.52 -19.39 -48.23
C GLU A 135 -28.68 -18.00 -48.88
N ILE A 136 -29.93 -17.67 -49.24
CA ILE A 136 -30.23 -16.33 -49.77
C ILE A 136 -29.96 -15.38 -48.61
N MET A 137 -30.43 -15.74 -47.42
CA MET A 137 -30.13 -14.98 -46.21
C MET A 137 -28.63 -14.93 -45.94
N ALA A 138 -27.94 -16.07 -46.08
CA ALA A 138 -26.52 -16.13 -45.76
C ALA A 138 -25.68 -15.33 -46.75
N LEU A 139 -26.06 -15.32 -48.03
CA LEU A 139 -25.41 -14.44 -49.00
C LEU A 139 -25.74 -12.98 -48.71
N CYS A 140 -27.01 -12.66 -48.44
CA CYS A 140 -27.33 -11.27 -48.12
C CYS A 140 -26.72 -10.81 -46.81
N ALA A 141 -26.37 -11.75 -45.93
CA ALA A 141 -25.62 -11.48 -44.72
C ALA A 141 -24.12 -11.33 -44.92
N VAL A 142 -23.52 -12.18 -45.76
CA VAL A 142 -22.08 -12.09 -45.98
C VAL A 142 -21.74 -10.88 -46.84
N PHE A 143 -22.72 -10.32 -47.57
CA PHE A 143 -22.46 -9.05 -48.24
C PHE A 143 -22.65 -7.85 -47.31
N LEU A 144 -23.02 -8.07 -46.05
CA LEU A 144 -23.11 -7.00 -45.06
C LEU A 144 -21.83 -6.84 -44.24
N THR A 145 -20.79 -7.60 -44.56
CA THR A 145 -19.54 -7.49 -43.81
C THR A 145 -18.80 -6.21 -44.20
N SER A 146 -17.76 -5.91 -43.42
CA SER A 146 -17.01 -4.66 -43.63
C SER A 146 -16.21 -4.70 -44.93
N ASN A 147 -15.56 -5.82 -45.22
CA ASN A 147 -14.80 -5.96 -46.45
C ASN A 147 -14.80 -7.44 -46.85
N SER A 148 -14.05 -7.76 -47.90
CA SER A 148 -13.95 -9.14 -48.36
C SER A 148 -13.17 -10.02 -47.40
N LYS A 149 -12.28 -9.44 -46.60
CA LYS A 149 -11.43 -10.22 -45.70
C LYS A 149 -12.20 -10.80 -44.53
N GLU A 150 -13.24 -10.11 -44.07
CA GLU A 150 -14.05 -10.56 -42.94
C GLU A 150 -15.18 -11.50 -43.34
N GLY A 151 -15.51 -11.58 -44.62
CA GLY A 151 -16.50 -12.53 -45.11
C GLY A 151 -15.93 -13.70 -45.89
N LYS A 152 -14.62 -13.87 -45.92
CA LYS A 152 -14.00 -14.98 -46.65
C LYS A 152 -14.29 -16.32 -45.97
N LEU A 153 -14.06 -16.38 -44.66
CA LEU A 153 -14.37 -17.58 -43.89
C LEU A 153 -15.86 -17.83 -43.84
N TRP A 154 -16.67 -16.79 -43.86
CA TRP A 154 -18.14 -17.00 -43.88
C TRP A 154 -18.57 -17.58 -45.23
N PHE A 155 -17.96 -17.14 -46.33
CA PHE A 155 -18.28 -17.70 -47.66
C PHE A 155 -17.80 -19.16 -47.77
N ALA A 156 -16.69 -19.50 -47.14
CA ALA A 156 -16.20 -20.88 -47.18
C ALA A 156 -17.05 -21.81 -46.31
N LEU A 157 -17.28 -21.42 -45.05
CA LEU A 157 -18.01 -22.31 -44.14
C LEU A 157 -19.49 -22.28 -44.52
N GLY A 158 -20.03 -21.11 -44.84
CA GLY A 158 -21.44 -20.96 -45.22
C GLY A 158 -21.82 -21.67 -46.50
N ARG A 159 -20.88 -21.91 -47.41
CA ARG A 159 -21.26 -22.70 -48.60
C ARG A 159 -20.99 -24.17 -48.31
N LEU A 160 -19.98 -24.48 -47.51
CA LEU A 160 -19.73 -25.88 -47.08
C LEU A 160 -21.03 -26.38 -46.51
N GLY A 161 -21.53 -25.71 -45.49
CA GLY A 161 -22.82 -26.03 -44.93
C GLY A 161 -24.06 -26.19 -45.76
N THR A 162 -24.09 -25.59 -46.94
CA THR A 162 -25.09 -25.88 -47.97
C THR A 162 -24.84 -27.09 -48.90
N LEU A 163 -23.55 -27.39 -49.08
CA LEU A 163 -23.14 -28.58 -49.80
C LEU A 163 -23.62 -29.71 -48.90
N LEU A 164 -23.38 -29.61 -47.59
CA LEU A 164 -23.85 -30.66 -46.67
C LEU A 164 -25.37 -30.68 -46.58
N LEU A 165 -26.00 -29.51 -46.57
CA LEU A 165 -27.47 -29.45 -46.53
C LEU A 165 -28.09 -29.93 -47.83
N ALA A 166 -27.43 -29.65 -48.97
CA ALA A 166 -27.92 -30.14 -50.25
C ALA A 166 -27.76 -31.65 -50.36
N ILE A 167 -26.67 -32.19 -49.79
CA ILE A 167 -26.51 -33.64 -49.75
C ILE A 167 -27.59 -34.27 -48.88
N ALA A 168 -27.88 -33.66 -47.72
CA ALA A 168 -28.95 -34.16 -46.86
C ALA A 168 -30.33 -34.07 -47.52
N CYS A 169 -30.58 -33.00 -48.28
CA CYS A 169 -31.86 -32.85 -48.96
C CYS A 169 -32.01 -33.83 -50.13
N TRP A 170 -30.91 -34.07 -50.86
CA TRP A 170 -30.92 -35.09 -51.91
C TRP A 170 -31.14 -36.48 -51.32
N LEU A 171 -30.53 -36.75 -50.16
CA LEU A 171 -30.72 -38.02 -49.46
C LEU A 171 -32.16 -38.19 -49.00
N LEU A 172 -32.78 -37.11 -48.51
CA LEU A 172 -34.19 -37.15 -48.16
C LEU A 172 -35.09 -37.35 -49.37
N TRP A 173 -34.73 -36.69 -50.46
CA TRP A 173 -35.53 -36.92 -51.68
C TRP A 173 -35.42 -38.40 -52.06
N GLN A 174 -34.22 -38.97 -52.06
CA GLN A 174 -34.05 -40.35 -52.49
C GLN A 174 -34.78 -41.31 -51.54
N ARG A 175 -34.69 -41.09 -50.23
CA ARG A 175 -35.29 -42.06 -49.26
C ARG A 175 -36.81 -41.89 -49.13
N TYR A 176 -37.35 -40.68 -49.27
CA TYR A 176 -38.77 -40.51 -49.05
C TYR A 176 -39.58 -40.03 -50.24
N GLY A 177 -38.95 -39.52 -51.29
CA GLY A 177 -39.70 -39.05 -52.44
C GLY A 177 -40.43 -37.74 -52.23
N THR A 178 -40.11 -37.00 -51.17
CA THR A 178 -40.66 -35.68 -50.93
C THR A 178 -39.70 -34.90 -50.06
N LEU A 179 -39.85 -33.57 -50.09
CA LEU A 179 -39.15 -32.68 -49.18
C LEU A 179 -40.10 -31.78 -48.41
N ASP A 180 -41.42 -31.95 -48.57
CA ASP A 180 -42.38 -31.23 -47.77
C ASP A 180 -42.33 -31.70 -46.32
N LEU A 181 -42.36 -30.75 -45.39
CA LEU A 181 -42.11 -31.07 -43.99
C LEU A 181 -43.36 -31.75 -43.42
N ARG A 182 -44.54 -31.36 -43.91
CA ARG A 182 -45.77 -32.04 -43.50
C ARG A 182 -45.77 -33.52 -43.92
N LEU A 183 -45.48 -33.76 -45.20
CA LEU A 183 -45.34 -35.13 -45.70
C LEU A 183 -44.19 -35.93 -45.09
N LEU A 184 -43.06 -35.29 -44.82
CA LEU A 184 -41.95 -35.97 -44.15
C LEU A 184 -42.31 -36.37 -42.72
N ASP A 185 -43.06 -35.51 -42.02
CA ASP A 185 -43.56 -35.80 -40.68
C ASP A 185 -44.47 -37.04 -40.70
N MET A 186 -45.33 -37.16 -41.71
CA MET A 186 -46.17 -38.34 -41.80
C MET A 186 -45.38 -39.57 -42.23
N ARG A 187 -44.37 -39.40 -43.09
CA ARG A 187 -43.63 -40.55 -43.67
C ARG A 187 -42.55 -41.06 -42.73
N MET A 188 -42.24 -40.30 -41.70
CA MET A 188 -41.29 -40.77 -40.68
C MET A 188 -41.94 -41.12 -39.36
N GLN A 189 -43.15 -41.68 -39.42
CA GLN A 189 -43.71 -42.42 -38.30
C GLN A 189 -43.51 -43.92 -38.44
N GLN A 190 -43.00 -44.38 -39.58
CA GLN A 190 -42.65 -45.78 -39.79
C GLN A 190 -41.16 -45.96 -40.06
N LEU A 191 -40.62 -45.24 -41.04
CA LEU A 191 -39.19 -45.27 -41.32
C LEU A 191 -38.55 -44.01 -40.75
N PRO A 192 -37.65 -44.11 -39.76
CA PRO A 192 -37.10 -42.91 -39.12
C PRO A 192 -36.15 -42.11 -39.99
N LEU A 193 -35.74 -40.95 -39.48
CA LEU A 193 -34.76 -40.11 -40.19
C LEU A 193 -33.41 -40.67 -39.83
N GLY A 194 -32.61 -40.99 -40.83
CA GLY A 194 -31.32 -41.62 -40.55
C GLY A 194 -30.48 -40.67 -39.76
N SER A 195 -29.43 -41.19 -39.13
CA SER A 195 -28.50 -40.33 -38.36
C SER A 195 -27.45 -39.79 -39.31
N ASP A 196 -27.30 -40.37 -40.52
CA ASP A 196 -26.38 -39.70 -41.44
C ASP A 196 -27.03 -38.41 -41.96
N ILE A 197 -28.33 -38.46 -42.26
CA ILE A 197 -29.05 -37.26 -42.70
C ILE A 197 -29.07 -36.22 -41.59
N TRP A 198 -29.38 -36.66 -40.37
CA TRP A 198 -29.44 -35.76 -39.22
C TRP A 198 -28.07 -35.19 -38.89
N LEU A 199 -27.01 -35.99 -39.01
CA LEU A 199 -25.66 -35.50 -38.79
C LEU A 199 -25.26 -34.47 -39.83
N LEU A 200 -25.56 -34.73 -41.11
CA LEU A 200 -25.27 -33.78 -42.17
C LEU A 200 -26.04 -32.48 -41.98
N GLY A 201 -27.32 -32.57 -41.62
CA GLY A 201 -28.12 -31.39 -41.41
C GLY A 201 -27.71 -30.59 -40.20
N VAL A 202 -27.35 -31.28 -39.10
CA VAL A 202 -26.92 -30.59 -37.89
C VAL A 202 -25.58 -29.89 -38.11
N ILE A 203 -24.65 -30.54 -38.81
CA ILE A 203 -23.37 -29.89 -39.09
C ILE A 203 -23.55 -28.71 -40.06
N GLY A 204 -24.40 -28.88 -41.09
CA GLY A 204 -24.64 -27.79 -42.02
C GLY A 204 -25.38 -26.61 -41.41
N PHE A 205 -26.34 -26.89 -40.51
CA PHE A 205 -27.07 -25.82 -39.85
C PHE A 205 -26.26 -25.17 -38.75
N GLY A 206 -25.41 -25.93 -38.06
CA GLY A 206 -24.51 -25.35 -37.08
C GLY A 206 -23.36 -24.58 -37.69
N LEU A 207 -23.06 -24.83 -38.97
CA LEU A 207 -22.21 -23.93 -39.72
C LEU A 207 -22.88 -22.60 -40.00
N LEU A 208 -24.21 -22.52 -39.88
CA LEU A 208 -24.96 -21.27 -39.91
C LEU A 208 -25.39 -20.79 -38.54
N ALA A 209 -25.77 -21.71 -37.64
CA ALA A 209 -26.16 -21.32 -36.30
C ALA A 209 -24.97 -20.97 -35.42
N GLY A 210 -23.77 -21.42 -35.76
CA GLY A 210 -22.61 -21.13 -34.97
C GLY A 210 -22.41 -22.06 -33.79
N ILE A 211 -22.52 -23.36 -34.02
CA ILE A 211 -22.21 -24.34 -32.99
C ILE A 211 -20.70 -24.53 -32.96
N ILE A 212 -20.10 -24.31 -31.81
CA ILE A 212 -18.64 -24.49 -31.65
C ILE A 212 -18.32 -25.97 -31.76
N PRO A 213 -17.35 -26.39 -32.61
CA PRO A 213 -16.33 -25.62 -33.35
C PRO A 213 -16.60 -25.31 -34.83
N LEU A 214 -17.84 -25.16 -35.24
CA LEU A 214 -18.18 -24.67 -36.58
C LEU A 214 -18.46 -23.18 -36.57
N HIS A 215 -17.90 -22.46 -35.60
CA HIS A 215 -18.22 -21.08 -35.29
C HIS A 215 -17.24 -20.08 -35.88
N GLY A 216 -16.30 -20.54 -36.72
CA GLY A 216 -15.10 -19.76 -36.99
C GLY A 216 -15.36 -18.47 -37.75
N TRP A 217 -16.48 -18.39 -38.46
CA TRP A 217 -16.81 -17.19 -39.21
C TRP A 217 -17.42 -16.09 -38.35
N VAL A 218 -17.96 -16.43 -37.18
CA VAL A 218 -18.77 -15.51 -36.37
C VAL A 218 -17.99 -14.28 -35.86
N PRO A 219 -16.82 -14.38 -35.19
CA PRO A 219 -16.20 -13.14 -34.71
C PRO A 219 -15.57 -12.37 -35.85
N GLN A 220 -15.07 -13.06 -36.87
CA GLN A 220 -14.56 -12.35 -38.07
C GLN A 220 -15.70 -11.56 -38.67
N ALA A 221 -16.85 -12.20 -38.89
CA ALA A 221 -17.98 -11.52 -39.48
C ALA A 221 -18.53 -10.36 -38.67
N HIS A 222 -18.59 -10.50 -37.36
CA HIS A 222 -19.11 -9.42 -36.53
C HIS A 222 -18.09 -8.34 -36.23
N ALA A 223 -16.81 -8.55 -36.59
CA ALA A 223 -15.70 -7.76 -36.03
C ALA A 223 -15.79 -6.27 -36.35
N ASN A 224 -16.03 -5.93 -37.62
CA ASN A 224 -16.13 -4.54 -38.01
C ASN A 224 -17.36 -4.26 -38.87
N ALA A 225 -18.37 -5.11 -38.77
CA ALA A 225 -19.62 -4.87 -39.50
C ALA A 225 -20.41 -3.73 -38.86
N SER A 226 -21.38 -3.23 -39.61
CA SER A 226 -22.25 -2.20 -39.08
C SER A 226 -23.18 -2.78 -38.01
N ALA A 227 -23.66 -1.89 -37.13
CA ALA A 227 -24.49 -2.34 -36.01
C ALA A 227 -25.83 -2.98 -36.39
N PRO A 228 -26.64 -2.46 -37.34
CA PRO A 228 -27.81 -3.27 -37.76
C PRO A 228 -27.45 -4.59 -38.39
N ALA A 229 -26.35 -4.63 -39.15
CA ALA A 229 -25.90 -5.88 -39.77
C ALA A 229 -25.46 -6.88 -38.71
N ALA A 230 -24.65 -6.44 -37.74
CA ALA A 230 -24.17 -7.35 -36.71
C ALA A 230 -25.29 -7.81 -35.78
N ALA A 231 -26.23 -6.91 -35.47
CA ALA A 231 -27.41 -7.29 -34.69
C ALA A 231 -28.26 -8.31 -35.44
N LEU A 232 -28.43 -8.14 -36.75
CA LEU A 232 -29.21 -9.10 -37.52
C LEU A 232 -28.48 -10.43 -37.67
N PHE A 233 -27.14 -10.42 -37.78
CA PHE A 233 -26.36 -11.66 -37.78
C PHE A 233 -26.59 -12.43 -36.48
N SER A 234 -26.46 -11.74 -35.36
CA SER A 234 -26.53 -12.40 -34.07
C SER A 234 -27.95 -12.80 -33.67
N THR A 235 -28.97 -12.14 -34.20
CA THR A 235 -30.32 -12.39 -33.74
C THR A 235 -31.24 -13.05 -34.76
N VAL A 236 -30.84 -13.17 -36.02
CA VAL A 236 -31.73 -13.70 -37.04
C VAL A 236 -31.03 -14.82 -37.79
N VAL A 237 -29.84 -14.52 -38.34
CA VAL A 237 -29.14 -15.45 -39.23
C VAL A 237 -28.66 -16.67 -38.45
N MET A 238 -28.12 -16.46 -37.26
CA MET A 238 -27.64 -17.55 -36.42
C MET A 238 -28.78 -18.29 -35.72
N LYS A 239 -30.00 -17.77 -35.84
CA LYS A 239 -31.21 -18.37 -35.20
C LYS A 239 -31.95 -19.19 -36.24
N ILE A 240 -31.82 -18.90 -37.55
CA ILE A 240 -32.39 -19.73 -38.61
C ILE A 240 -31.71 -21.10 -38.63
N GLY A 241 -30.40 -21.16 -38.35
CA GLY A 241 -29.73 -22.44 -38.21
C GLY A 241 -30.25 -23.27 -37.05
N LEU A 242 -30.57 -22.60 -35.94
CA LEU A 242 -31.22 -23.29 -34.82
C LEU A 242 -32.63 -23.74 -35.18
N LEU A 243 -33.34 -22.96 -36.00
CA LEU A 243 -34.64 -23.38 -36.50
C LEU A 243 -34.53 -24.62 -37.36
N GLY A 244 -33.50 -24.70 -38.19
CA GLY A 244 -33.28 -25.90 -38.99
C GLY A 244 -32.91 -27.11 -38.14
N ILE A 245 -32.12 -26.89 -37.09
CA ILE A 245 -31.75 -27.97 -36.17
C ILE A 245 -32.99 -28.48 -35.43
N LEU A 246 -33.82 -27.56 -34.92
CA LEU A 246 -35.04 -27.95 -34.22
C LEU A 246 -36.07 -28.54 -35.17
N THR A 247 -36.07 -28.12 -36.44
CA THR A 247 -36.96 -28.74 -37.42
C THR A 247 -36.54 -30.18 -37.69
N LEU A 248 -35.26 -30.40 -37.96
CA LEU A 248 -34.77 -31.74 -38.28
C LEU A 248 -34.81 -32.69 -37.09
N SER A 249 -34.58 -32.18 -35.89
CA SER A 249 -34.51 -33.05 -34.70
C SER A 249 -35.92 -33.48 -34.32
N LEU A 250 -36.91 -32.62 -34.53
CA LEU A 250 -38.29 -32.89 -34.07
C LEU A 250 -39.17 -33.44 -35.21
N LEU A 251 -38.60 -34.05 -36.26
CA LEU A 251 -39.48 -34.65 -37.31
C LEU A 251 -39.74 -36.12 -36.94
N GLY A 252 -41.01 -36.51 -36.83
CA GLY A 252 -41.36 -37.91 -36.54
C GLY A 252 -41.67 -38.16 -35.08
N GLY A 253 -41.41 -37.17 -34.21
CA GLY A 253 -41.64 -37.33 -32.76
C GLY A 253 -40.91 -38.54 -32.24
N ASN A 254 -39.98 -39.06 -33.02
CA ASN A 254 -39.26 -40.30 -32.64
C ASN A 254 -37.76 -40.04 -32.77
N ALA A 255 -37.11 -39.66 -31.68
CA ALA A 255 -35.69 -39.39 -31.87
C ALA A 255 -34.86 -40.45 -31.17
N PRO A 256 -33.71 -40.80 -31.74
CA PRO A 256 -32.72 -41.60 -30.99
C PRO A 256 -32.22 -40.83 -29.79
N LEU A 257 -31.79 -41.58 -28.77
CA LEU A 257 -31.32 -40.97 -27.52
C LEU A 257 -30.06 -40.14 -27.73
N TRP A 258 -29.15 -40.59 -28.60
CA TRP A 258 -27.90 -39.89 -28.80
C TRP A 258 -28.04 -38.57 -29.56
N TRP A 259 -29.19 -38.31 -30.18
CA TRP A 259 -29.42 -37.02 -30.81
C TRP A 259 -29.49 -35.91 -29.76
N GLY A 260 -30.32 -36.11 -28.74
CA GLY A 260 -30.41 -35.13 -27.66
C GLY A 260 -29.14 -35.04 -26.84
N ILE A 261 -28.45 -36.18 -26.65
CA ILE A 261 -27.17 -36.18 -25.95
C ILE A 261 -26.12 -35.40 -26.72
N ALA A 262 -26.08 -35.59 -28.05
CA ALA A 262 -25.14 -34.85 -28.89
C ALA A 262 -25.47 -33.37 -28.93
N LEU A 263 -26.76 -33.03 -28.95
CA LEU A 263 -27.17 -31.63 -28.90
C LEU A 263 -26.79 -30.99 -27.57
N LEU A 264 -26.85 -31.72 -26.46
CA LEU A 264 -26.59 -31.13 -25.12
C LEU A 264 -25.08 -30.92 -24.96
N VAL A 265 -24.27 -31.89 -25.33
CA VAL A 265 -22.79 -31.78 -25.28
C VAL A 265 -22.35 -30.62 -26.18
N LEU A 266 -22.81 -30.60 -27.42
CA LEU A 266 -22.44 -29.52 -28.38
C LEU A 266 -22.91 -28.17 -27.82
N GLY A 267 -24.11 -28.08 -27.26
CA GLY A 267 -24.56 -26.86 -26.62
C GLY A 267 -23.72 -26.46 -25.43
N MET A 268 -23.27 -27.45 -24.64
CA MET A 268 -22.41 -27.13 -23.50
C MET A 268 -21.03 -26.68 -23.97
N ILE A 269 -20.49 -27.31 -25.00
CA ILE A 269 -19.23 -26.88 -25.59
C ILE A 269 -19.34 -25.47 -26.13
N THR A 270 -20.42 -25.19 -26.87
CA THR A 270 -20.64 -23.86 -27.45
C THR A 270 -20.82 -22.80 -26.37
N ALA A 271 -21.59 -23.12 -25.33
CA ALA A 271 -21.86 -22.16 -24.26
C ALA A 271 -20.60 -21.83 -23.47
N PHE A 272 -19.86 -22.86 -23.01
CA PHE A 272 -18.71 -22.57 -22.19
C PHE A 272 -17.57 -21.96 -23.01
N VAL A 273 -17.32 -22.45 -24.23
CA VAL A 273 -16.23 -21.90 -25.03
C VAL A 273 -16.55 -20.49 -25.51
N GLY A 274 -17.80 -20.19 -25.86
CA GLY A 274 -18.16 -18.83 -26.22
C GLY A 274 -18.07 -17.86 -25.05
N GLY A 275 -18.57 -18.27 -23.89
CA GLY A 275 -18.49 -17.43 -22.71
C GLY A 275 -17.07 -17.20 -22.23
N LEU A 276 -16.20 -18.19 -22.37
CA LEU A 276 -14.80 -18.01 -22.00
C LEU A 276 -14.05 -17.17 -23.02
N TYR A 277 -14.28 -17.41 -24.31
CA TYR A 277 -13.54 -16.71 -25.38
C TYR A 277 -13.98 -15.27 -25.47
N ALA A 278 -15.20 -14.94 -25.02
CA ALA A 278 -15.61 -13.54 -24.98
C ALA A 278 -14.79 -12.70 -24.02
N LEU A 279 -14.35 -13.30 -22.91
CA LEU A 279 -13.65 -12.57 -21.82
C LEU A 279 -12.21 -12.28 -22.21
N VAL A 280 -11.82 -12.58 -23.44
CA VAL A 280 -10.43 -12.33 -23.90
C VAL A 280 -10.48 -11.43 -25.12
N GLU A 281 -11.58 -10.71 -25.31
CA GLU A 281 -11.76 -9.86 -26.50
C GLU A 281 -11.86 -8.40 -26.05
N HIS A 282 -11.36 -7.49 -26.87
CA HIS A 282 -11.40 -6.03 -26.60
C HIS A 282 -12.30 -5.32 -27.62
N ASN A 283 -12.47 -5.86 -28.82
CA ASN A 283 -13.43 -5.30 -29.80
C ASN A 283 -14.79 -5.70 -29.24
N ILE A 284 -15.65 -4.75 -28.99
CA ILE A 284 -16.95 -4.96 -28.36
C ILE A 284 -17.81 -5.88 -29.23
N GLN A 285 -17.70 -5.79 -30.56
CA GLN A 285 -18.54 -6.58 -31.43
C GLN A 285 -18.07 -8.03 -31.53
N ARG A 286 -16.77 -8.28 -31.47
CA ARG A 286 -16.26 -9.64 -31.38
C ARG A 286 -16.65 -10.29 -30.05
N LEU A 287 -16.62 -9.49 -28.98
CA LEU A 287 -17.06 -9.97 -27.67
C LEU A 287 -18.54 -10.34 -27.69
N LEU A 288 -19.37 -9.49 -28.29
CA LEU A 288 -20.79 -9.79 -28.39
C LEU A 288 -21.06 -10.92 -29.38
N ALA A 289 -20.17 -11.17 -30.33
CA ALA A 289 -20.27 -12.35 -31.19
C ALA A 289 -20.01 -13.64 -30.43
N TYR A 290 -19.00 -13.65 -29.58
CA TYR A 290 -18.68 -14.83 -28.76
C TYR A 290 -19.79 -15.01 -27.74
N HIS A 291 -20.38 -13.92 -27.27
CA HIS A 291 -21.53 -14.00 -26.39
C HIS A 291 -22.82 -14.42 -27.08
N THR A 292 -22.98 -14.09 -28.36
CA THR A 292 -24.01 -14.71 -29.17
C THR A 292 -23.79 -16.21 -29.25
N LEU A 293 -22.53 -16.65 -29.39
CA LEU A 293 -22.22 -18.07 -29.42
C LEU A 293 -22.54 -18.64 -28.03
N GLU A 294 -22.25 -17.93 -26.95
CA GLU A 294 -22.60 -18.53 -25.65
C GLU A 294 -24.11 -18.70 -25.60
N ASN A 295 -24.89 -17.65 -25.87
CA ASN A 295 -26.33 -17.89 -25.89
C ASN A 295 -26.93 -18.91 -26.86
N ILE A 296 -26.35 -19.08 -28.07
CA ILE A 296 -26.70 -20.18 -28.96
C ILE A 296 -26.48 -21.51 -28.27
N GLY A 297 -25.38 -21.63 -27.51
CA GLY A 297 -25.14 -22.85 -26.74
C GLY A 297 -26.18 -23.10 -25.66
N ILE A 298 -26.67 -22.05 -25.00
CA ILE A 298 -27.74 -22.19 -23.97
C ILE A 298 -29.07 -22.58 -24.65
N ILE A 299 -29.37 -22.10 -25.83
CA ILE A 299 -30.66 -22.42 -26.51
C ILE A 299 -30.63 -23.90 -26.91
N LEU A 300 -29.47 -24.43 -27.28
CA LEU A 300 -29.30 -25.86 -27.65
C LEU A 300 -29.31 -26.72 -26.39
N LEU A 301 -28.81 -26.23 -25.27
CA LEU A 301 -28.91 -26.97 -24.00
C LEU A 301 -30.40 -27.09 -23.68
N GLY A 302 -31.22 -26.11 -24.04
CA GLY A 302 -32.67 -26.26 -23.87
C GLY A 302 -33.29 -27.18 -24.89
N LEU A 303 -32.95 -26.99 -26.17
CA LEU A 303 -33.52 -27.82 -27.24
C LEU A 303 -33.03 -29.26 -27.15
N GLY A 304 -31.79 -29.47 -26.72
CA GLY A 304 -31.29 -30.82 -26.56
C GLY A 304 -31.90 -31.53 -25.37
N ALA A 305 -32.22 -30.77 -24.31
CA ALA A 305 -32.99 -31.34 -23.21
C ALA A 305 -34.39 -31.75 -23.67
N GLY A 306 -35.01 -30.93 -24.53
CA GLY A 306 -36.29 -31.31 -25.10
C GLY A 306 -36.24 -32.54 -25.99
N VAL A 307 -35.21 -32.64 -26.83
CA VAL A 307 -35.03 -33.80 -27.70
C VAL A 307 -34.72 -35.05 -26.89
N THR A 308 -33.93 -34.91 -25.83
CA THR A 308 -33.64 -36.02 -24.92
C THR A 308 -34.89 -36.49 -24.21
N GLY A 309 -35.75 -35.56 -23.78
CA GLY A 309 -37.03 -35.94 -23.19
C GLY A 309 -37.97 -36.62 -24.17
N ILE A 310 -37.92 -36.20 -25.44
CA ILE A 310 -38.69 -36.88 -26.48
C ILE A 310 -38.20 -38.31 -26.65
N ALA A 311 -36.87 -38.49 -26.63
CA ALA A 311 -36.29 -39.83 -26.77
C ALA A 311 -36.56 -40.71 -25.54
N LEU A 312 -36.65 -40.12 -24.35
CA LEU A 312 -36.97 -40.87 -23.14
C LEU A 312 -38.45 -40.88 -22.81
N GLU A 313 -39.29 -40.29 -23.68
CA GLU A 313 -40.75 -40.21 -23.53
C GLU A 313 -41.16 -39.62 -22.18
N GLN A 314 -40.48 -38.55 -21.77
CA GLN A 314 -40.79 -37.86 -20.53
C GLN A 314 -41.31 -36.46 -20.86
N PRO A 315 -42.64 -36.24 -20.80
CA PRO A 315 -43.21 -34.98 -21.31
C PRO A 315 -42.82 -33.75 -20.51
N ALA A 316 -42.49 -33.91 -19.22
CA ALA A 316 -42.04 -32.79 -18.42
C ALA A 316 -40.70 -32.25 -18.92
N LEU A 317 -39.79 -33.16 -19.29
CA LEU A 317 -38.50 -32.77 -19.83
C LEU A 317 -38.65 -32.08 -21.18
N ILE A 318 -39.57 -32.58 -22.03
CA ILE A 318 -39.86 -31.95 -23.31
C ILE A 318 -40.38 -30.54 -23.11
N ALA A 319 -41.33 -30.37 -22.17
CA ALA A 319 -41.94 -29.08 -21.94
C ALA A 319 -40.93 -28.07 -21.41
N LEU A 320 -40.17 -28.46 -20.38
CA LEU A 320 -39.20 -27.55 -19.77
C LEU A 320 -38.09 -27.18 -20.74
N GLY A 321 -37.53 -28.17 -21.45
CA GLY A 321 -36.47 -27.88 -22.39
C GLY A 321 -36.93 -27.06 -23.59
N LEU A 322 -38.02 -27.47 -24.23
CA LEU A 322 -38.49 -26.81 -25.44
C LEU A 322 -39.25 -25.51 -25.17
N VAL A 323 -39.53 -25.17 -23.91
CA VAL A 323 -40.04 -23.85 -23.59
C VAL A 323 -38.92 -22.92 -23.13
N GLY A 324 -38.00 -23.43 -22.30
CA GLY A 324 -36.87 -22.61 -21.87
C GLY A 324 -35.95 -22.22 -23.01
N GLY A 325 -35.69 -23.14 -23.94
CA GLY A 325 -34.84 -22.82 -25.07
C GLY A 325 -35.44 -21.78 -26.00
N LEU A 326 -36.74 -21.87 -26.28
CA LEU A 326 -37.36 -20.93 -27.20
C LEU A 326 -37.57 -19.56 -26.55
N TYR A 327 -37.90 -19.55 -25.24
CA TYR A 327 -38.00 -18.29 -24.53
C TYR A 327 -36.65 -17.60 -24.43
N HIS A 328 -35.61 -18.39 -24.20
CA HIS A 328 -34.24 -17.82 -24.19
C HIS A 328 -33.89 -17.33 -25.59
N LEU A 329 -34.34 -18.01 -26.63
CA LEU A 329 -34.06 -17.58 -28.00
C LEU A 329 -34.65 -16.21 -28.30
N LEU A 330 -35.95 -16.04 -27.99
CA LEU A 330 -36.61 -14.76 -28.23
C LEU A 330 -36.02 -13.65 -27.36
N ASN A 331 -35.76 -13.94 -26.08
CA ASN A 331 -35.27 -12.90 -25.19
C ASN A 331 -33.79 -12.59 -25.46
N HIS A 332 -33.04 -13.56 -25.96
CA HIS A 332 -31.65 -13.30 -26.37
C HIS A 332 -31.68 -12.36 -27.55
N SER A 333 -32.52 -12.67 -28.51
CA SER A 333 -32.63 -11.78 -29.66
C SER A 333 -32.91 -10.35 -29.22
N LEU A 334 -33.78 -10.19 -28.22
CA LEU A 334 -34.11 -8.86 -27.69
C LEU A 334 -32.86 -8.20 -27.07
N PHE A 335 -32.18 -8.88 -26.14
CA PHE A 335 -31.08 -8.16 -25.49
C PHE A 335 -29.80 -8.15 -26.33
N LYS A 336 -29.61 -9.08 -27.26
CA LYS A 336 -28.48 -8.99 -28.16
C LYS A 336 -28.69 -7.85 -29.16
N SER A 337 -29.94 -7.62 -29.58
CA SER A 337 -30.25 -6.42 -30.36
C SER A 337 -29.98 -5.15 -29.56
N VAL A 338 -30.34 -5.16 -28.26
CA VAL A 338 -30.05 -4.02 -27.37
C VAL A 338 -28.56 -3.71 -27.36
N LEU A 339 -27.74 -4.72 -27.15
CA LEU A 339 -26.31 -4.50 -26.93
C LEU A 339 -25.59 -4.15 -28.23
N PHE A 340 -25.97 -4.79 -29.35
CA PHE A 340 -25.33 -4.45 -30.62
C PHE A 340 -25.72 -3.04 -31.09
N LEU A 341 -27.00 -2.66 -30.94
CA LEU A 341 -27.40 -1.32 -31.35
C LEU A 341 -26.82 -0.25 -30.43
N GLY A 342 -26.74 -0.51 -29.12
CA GLY A 342 -26.13 0.47 -28.23
C GLY A 342 -24.63 0.63 -28.43
N ALA A 343 -23.93 -0.49 -28.67
CA ALA A 343 -22.50 -0.41 -28.97
C ALA A 343 -22.26 0.28 -30.31
N GLY A 344 -23.15 0.07 -31.28
CA GLY A 344 -23.08 0.85 -32.50
C GLY A 344 -23.36 2.32 -32.32
N SER A 345 -24.23 2.67 -31.36
CA SER A 345 -24.43 4.08 -31.02
C SER A 345 -23.18 4.70 -30.41
N VAL A 346 -22.48 3.93 -29.57
CA VAL A 346 -21.22 4.39 -29.00
C VAL A 346 -20.17 4.56 -30.10
N TRP A 347 -20.13 3.64 -31.08
CA TRP A 347 -19.27 3.81 -32.24
C TRP A 347 -19.71 5.00 -33.11
N PHE A 348 -21.01 5.24 -33.20
CA PHE A 348 -21.54 6.37 -33.96
C PHE A 348 -21.07 7.69 -33.38
N ARG A 349 -21.06 7.79 -32.06
CA ARG A 349 -20.65 9.04 -31.41
C ARG A 349 -19.16 9.14 -31.17
N THR A 350 -18.41 8.04 -31.22
CA THR A 350 -16.99 8.08 -30.93
C THR A 350 -16.11 7.64 -32.09
N GLY A 351 -16.51 6.63 -32.85
CA GLY A 351 -15.66 6.08 -33.89
C GLY A 351 -14.81 4.91 -33.45
N HIS A 352 -15.02 4.39 -32.25
CA HIS A 352 -14.20 3.33 -31.69
C HIS A 352 -15.05 2.11 -31.38
N ARG A 353 -14.55 0.93 -31.77
CA ARG A 353 -15.09 -0.34 -31.31
C ARG A 353 -14.22 -0.98 -30.24
N ASP A 354 -12.99 -0.50 -30.05
CA ASP A 354 -12.15 -0.95 -28.97
C ASP A 354 -12.62 -0.29 -27.69
N ILE A 355 -12.93 -1.09 -26.66
CA ILE A 355 -13.32 -0.55 -25.36
C ILE A 355 -12.17 -0.12 -24.48
N GLU A 356 -10.95 -0.24 -24.97
CA GLU A 356 -9.80 0.26 -24.18
C GLU A 356 -9.60 1.71 -24.59
N LYS A 357 -10.30 2.20 -25.60
CA LYS A 357 -10.16 3.58 -26.07
C LYS A 357 -11.52 4.21 -25.92
N LEU A 358 -12.35 3.66 -25.04
CA LEU A 358 -13.74 4.05 -24.97
C LEU A 358 -14.22 4.27 -23.55
N GLY A 359 -13.46 4.99 -22.74
CA GLY A 359 -13.86 5.21 -21.37
C GLY A 359 -14.96 6.25 -21.22
N GLY A 360 -15.71 6.13 -20.13
CA GLY A 360 -16.58 7.20 -19.64
C GLY A 360 -17.73 7.63 -20.53
N ILE A 361 -18.33 6.69 -21.27
CA ILE A 361 -19.45 7.02 -22.13
C ILE A 361 -20.76 7.16 -21.36
N GLY A 362 -20.79 6.71 -20.10
CA GLY A 362 -22.02 6.73 -19.34
C GLY A 362 -22.47 8.12 -18.92
N LYS A 363 -21.54 9.06 -18.81
CA LYS A 363 -21.89 10.45 -18.56
C LYS A 363 -22.17 11.23 -19.84
N LYS A 364 -21.63 10.78 -20.97
CA LYS A 364 -21.86 11.44 -22.24
C LYS A 364 -23.07 10.89 -22.98
N MET A 365 -23.36 9.59 -22.84
CA MET A 365 -24.51 8.95 -23.46
C MET A 365 -25.30 8.24 -22.37
N PRO A 366 -26.05 8.99 -21.55
CA PRO A 366 -26.63 8.37 -20.34
C PRO A 366 -27.81 7.45 -20.61
N VAL A 367 -28.69 7.81 -21.55
CA VAL A 367 -29.85 6.99 -21.87
C VAL A 367 -29.41 5.68 -22.50
N ILE A 368 -28.44 5.76 -23.43
CA ILE A 368 -27.81 4.58 -24.00
C ILE A 368 -27.09 3.77 -22.92
N SER A 369 -26.47 4.44 -21.94
CA SER A 369 -25.78 3.74 -20.86
C SER A 369 -26.74 2.94 -19.99
N ILE A 370 -27.91 3.50 -19.68
CA ILE A 370 -28.91 2.77 -18.90
C ILE A 370 -29.45 1.58 -19.68
N ALA A 371 -29.74 1.78 -20.98
CA ALA A 371 -30.27 0.69 -21.79
C ALA A 371 -29.24 -0.42 -22.02
N MET A 372 -27.98 -0.04 -22.25
CA MET A 372 -26.89 -1.02 -22.30
C MET A 372 -26.68 -1.74 -20.98
N LEU A 373 -26.83 -1.04 -19.85
CA LEU A 373 -26.74 -1.71 -18.55
C LEU A 373 -27.83 -2.76 -18.40
N VAL A 374 -29.06 -2.41 -18.83
CA VAL A 374 -30.17 -3.36 -18.79
C VAL A 374 -29.88 -4.58 -19.67
N GLY A 375 -29.32 -4.35 -20.87
CA GLY A 375 -28.98 -5.45 -21.75
C GLY A 375 -27.84 -6.34 -21.25
N LEU A 376 -26.79 -5.71 -20.68
CA LEU A 376 -25.65 -6.50 -20.18
C LEU A 376 -26.02 -7.28 -18.93
N MET A 377 -26.83 -6.70 -18.03
CA MET A 377 -27.35 -7.51 -16.93
C MET A 377 -28.32 -8.56 -17.41
N ALA A 378 -29.04 -8.30 -18.51
CA ALA A 378 -29.92 -9.31 -19.08
C ALA A 378 -29.15 -10.50 -19.62
N MET A 379 -27.98 -10.28 -20.19
CA MET A 379 -27.14 -11.35 -20.77
C MET A 379 -26.42 -12.16 -19.69
N ALA A 380 -26.08 -11.58 -18.54
CA ALA A 380 -25.47 -12.32 -17.42
C ALA A 380 -26.53 -13.16 -16.72
N ALA A 381 -27.76 -13.17 -17.21
CA ALA A 381 -28.89 -13.92 -16.62
C ALA A 381 -29.10 -13.50 -15.17
N LEU A 382 -29.02 -12.21 -14.90
CA LEU A 382 -29.30 -11.71 -13.54
C LEU A 382 -30.80 -11.45 -13.46
N PRO A 383 -31.50 -11.91 -12.40
CA PRO A 383 -32.93 -11.70 -12.22
C PRO A 383 -33.23 -10.26 -11.86
N PRO A 384 -34.42 -9.76 -12.16
CA PRO A 384 -35.56 -10.39 -12.84
C PRO A 384 -35.62 -10.07 -14.33
N LEU A 385 -34.47 -10.11 -15.01
CA LEU A 385 -34.42 -9.75 -16.41
C LEU A 385 -34.65 -10.99 -17.28
N ASN A 386 -34.75 -10.77 -18.60
CA ASN A 386 -35.24 -11.80 -19.50
C ASN A 386 -34.21 -12.85 -19.85
N GLY A 387 -32.98 -12.75 -19.34
CA GLY A 387 -32.01 -13.84 -19.58
C GLY A 387 -32.16 -14.94 -18.56
N PHE A 388 -32.56 -14.61 -17.35
CA PHE A 388 -32.75 -15.57 -16.24
C PHE A 388 -34.00 -16.38 -16.49
N ALA A 389 -34.98 -15.80 -17.17
CA ALA A 389 -36.29 -16.45 -17.34
C ALA A 389 -36.18 -17.77 -18.10
N GLY A 390 -35.37 -17.81 -19.15
CA GLY A 390 -35.23 -19.03 -19.98
C GLY A 390 -34.16 -19.92 -19.43
N GLU A 391 -33.17 -19.36 -18.76
CA GLU A 391 -32.03 -20.12 -18.19
C GLU A 391 -32.47 -20.83 -16.90
N TRP A 392 -33.39 -20.25 -16.15
CA TRP A 392 -33.93 -20.91 -14.95
C TRP A 392 -34.69 -22.15 -15.39
N VAL A 393 -35.42 -22.07 -16.49
CA VAL A 393 -36.25 -23.22 -16.98
C VAL A 393 -35.33 -24.30 -17.54
N ILE A 394 -34.24 -23.93 -18.19
CA ILE A 394 -33.26 -24.93 -18.70
C ILE A 394 -32.62 -25.63 -17.50
N TYR A 395 -32.41 -24.95 -16.38
CA TYR A 395 -31.91 -25.59 -15.15
C TYR A 395 -32.98 -26.55 -14.62
N GLN A 396 -34.27 -26.20 -14.73
CA GLN A 396 -35.30 -27.16 -14.35
C GLN A 396 -35.31 -28.37 -15.27
N SER A 397 -35.05 -28.16 -16.55
CA SER A 397 -34.89 -29.27 -17.49
C SER A 397 -33.65 -30.11 -17.16
N PHE A 398 -32.57 -29.45 -16.71
CA PHE A 398 -31.38 -30.17 -16.28
C PHE A 398 -31.66 -31.02 -15.04
N PHE A 399 -32.49 -30.50 -14.13
CA PHE A 399 -32.88 -31.26 -12.96
C PHE A 399 -33.79 -32.43 -13.32
N LYS A 400 -34.65 -32.25 -14.33
CA LYS A 400 -35.44 -33.37 -14.84
C LYS A 400 -34.57 -34.41 -15.51
N LEU A 401 -33.48 -33.97 -16.17
CA LEU A 401 -32.50 -34.90 -16.73
C LEU A 401 -31.77 -35.66 -15.63
N SER A 402 -31.47 -34.98 -14.52
CA SER A 402 -30.73 -35.61 -13.42
C SER A 402 -31.53 -36.71 -12.74
N ASN A 403 -32.82 -36.48 -12.53
CA ASN A 403 -33.70 -37.48 -11.94
C ASN A 403 -34.48 -38.22 -13.03
N SER A 404 -33.71 -38.89 -13.87
CA SER A 404 -34.31 -39.73 -14.93
C SER A 404 -33.88 -41.15 -14.62
N GLY A 405 -34.18 -42.12 -15.49
CA GLY A 405 -33.68 -43.48 -15.24
C GLY A 405 -32.49 -43.75 -16.12
N ALA A 406 -32.50 -43.19 -17.32
CA ALA A 406 -31.38 -43.36 -18.26
C ALA A 406 -30.07 -42.92 -17.60
N PHE A 407 -29.08 -43.82 -17.58
CA PHE A 407 -27.83 -43.48 -16.90
C PHE A 407 -27.15 -42.28 -17.55
N VAL A 408 -27.29 -42.12 -18.86
CA VAL A 408 -26.64 -41.00 -19.55
C VAL A 408 -27.30 -39.67 -19.19
N ALA A 409 -28.61 -39.67 -18.92
CA ALA A 409 -29.28 -38.45 -18.48
C ALA A 409 -28.90 -38.12 -17.04
N ARG A 410 -28.77 -39.14 -16.18
CA ARG A 410 -28.36 -38.91 -14.80
C ARG A 410 -26.90 -38.48 -14.70
N LEU A 411 -26.05 -38.96 -15.62
CA LEU A 411 -24.66 -38.53 -15.64
C LEU A 411 -24.51 -37.09 -16.14
N LEU A 412 -25.21 -36.75 -17.22
CA LEU A 412 -25.03 -35.43 -17.82
C LEU A 412 -25.75 -34.33 -17.05
N GLY A 413 -26.85 -34.66 -16.38
CA GLY A 413 -27.75 -33.70 -15.76
C GLY A 413 -27.14 -32.69 -14.79
N PRO A 414 -26.50 -33.16 -13.72
CA PRO A 414 -25.77 -32.23 -12.85
C PRO A 414 -24.57 -31.57 -13.52
N LEU A 415 -23.92 -32.26 -14.46
CA LEU A 415 -22.72 -31.73 -15.09
C LEU A 415 -23.05 -30.57 -16.02
N LEU A 416 -24.19 -30.65 -16.72
CA LEU A 416 -24.63 -29.54 -17.55
C LEU A 416 -25.01 -28.33 -16.69
N ALA A 417 -25.58 -28.59 -15.51
CA ALA A 417 -25.87 -27.50 -14.58
C ALA A 417 -24.60 -26.85 -14.06
N VAL A 418 -23.57 -27.65 -13.77
CA VAL A 418 -22.28 -27.12 -13.32
C VAL A 418 -21.65 -26.27 -14.41
N GLY A 419 -21.68 -26.77 -15.66
CA GLY A 419 -21.15 -26.00 -16.77
C GLY A 419 -21.92 -24.72 -17.03
N LEU A 420 -23.25 -24.76 -16.85
CA LEU A 420 -24.05 -23.54 -17.01
C LEU A 420 -23.79 -22.54 -15.90
N ALA A 421 -23.50 -23.00 -14.69
CA ALA A 421 -23.09 -22.11 -13.61
C ALA A 421 -21.75 -21.45 -13.92
N ILE A 422 -20.81 -22.22 -14.47
CA ILE A 422 -19.53 -21.67 -14.91
C ILE A 422 -19.73 -20.63 -16.01
N THR A 423 -20.58 -20.94 -16.98
CA THR A 423 -20.88 -20.04 -18.09
C THR A 423 -21.54 -18.76 -17.61
N GLY A 424 -22.48 -18.87 -16.66
CA GLY A 424 -23.11 -17.69 -16.09
C GLY A 424 -22.18 -16.82 -15.27
N ALA A 425 -21.26 -17.44 -14.52
CA ALA A 425 -20.30 -16.66 -13.74
C ALA A 425 -19.28 -15.97 -14.65
N LEU A 426 -18.84 -16.66 -15.71
CA LEU A 426 -17.99 -16.02 -16.72
C LEU A 426 -18.72 -14.90 -17.43
N ALA A 427 -20.03 -15.05 -17.66
CA ALA A 427 -20.85 -14.01 -18.24
C ALA A 427 -20.95 -12.79 -17.34
N VAL A 428 -21.12 -13.01 -16.04
CA VAL A 428 -21.18 -11.91 -15.06
C VAL A 428 -19.85 -11.16 -15.04
N MET A 429 -18.72 -11.90 -15.06
CA MET A 429 -17.42 -11.26 -15.13
C MET A 429 -17.23 -10.45 -16.42
N CYS A 430 -17.68 -10.99 -17.55
CA CYS A 430 -17.52 -10.31 -18.83
C CYS A 430 -18.37 -9.06 -18.92
N MET A 431 -19.62 -9.10 -18.45
CA MET A 431 -20.45 -7.89 -18.45
C MET A 431 -20.02 -6.87 -17.41
N ALA A 432 -19.44 -7.32 -16.29
CA ALA A 432 -18.83 -6.39 -15.35
C ALA A 432 -17.67 -5.65 -16.02
N LYS A 433 -16.90 -6.35 -16.83
CA LYS A 433 -15.76 -5.73 -17.54
C LYS A 433 -16.27 -4.80 -18.61
N VAL A 434 -17.27 -5.21 -19.33
CA VAL A 434 -17.76 -4.41 -20.45
C VAL A 434 -18.43 -3.12 -19.97
N TYR A 435 -19.27 -3.21 -18.94
CA TYR A 435 -19.86 -1.98 -18.42
C TYR A 435 -18.84 -1.12 -17.71
N GLY A 436 -17.82 -1.72 -17.09
CA GLY A 436 -16.86 -0.92 -16.35
C GLY A 436 -15.90 -0.15 -17.24
N VAL A 437 -15.35 -0.80 -18.26
CA VAL A 437 -14.30 -0.13 -19.04
C VAL A 437 -14.87 0.70 -20.19
N THR A 438 -16.18 0.62 -20.44
CA THR A 438 -16.79 1.44 -21.48
C THR A 438 -17.60 2.59 -20.91
N PHE A 439 -18.59 2.33 -20.07
CA PHE A 439 -19.49 3.38 -19.63
C PHE A 439 -19.11 3.97 -18.27
N LEU A 440 -18.03 3.50 -17.66
CA LEU A 440 -17.64 3.94 -16.34
C LEU A 440 -16.18 4.41 -16.37
N GLY A 441 -15.84 5.24 -15.39
CA GLY A 441 -14.49 5.76 -15.28
C GLY A 441 -14.27 6.99 -16.13
N ALA A 442 -12.99 7.36 -16.22
CA ALA A 442 -12.60 8.49 -17.04
C ALA A 442 -12.54 8.09 -18.51
N PRO A 443 -12.81 9.03 -19.42
CA PRO A 443 -12.54 8.78 -20.84
C PRO A 443 -11.04 8.65 -21.10
N ARG A 444 -10.72 7.82 -22.10
CA ARG A 444 -9.34 7.49 -22.39
C ARG A 444 -8.85 8.02 -23.73
N THR A 445 -9.75 8.50 -24.58
CA THR A 445 -9.39 9.18 -25.82
C THR A 445 -10.20 10.47 -25.91
N LYS A 446 -9.78 11.35 -26.83
CA LYS A 446 -10.51 12.59 -27.04
C LYS A 446 -11.84 12.36 -27.74
N GLU A 447 -11.99 11.24 -28.47
CA GLU A 447 -13.28 10.91 -29.05
C GLU A 447 -14.28 10.48 -27.99
N ALA A 448 -13.81 9.83 -26.92
CA ALA A 448 -14.69 9.48 -25.82
C ALA A 448 -15.07 10.70 -24.99
N GLU A 449 -14.22 11.73 -24.99
CA GLU A 449 -14.54 12.95 -24.26
C GLU A 449 -15.60 13.77 -24.98
N ASN A 450 -15.51 13.86 -26.31
CA ASN A 450 -16.39 14.69 -27.10
C ASN A 450 -17.60 13.93 -27.64
N ALA A 451 -17.95 12.81 -27.02
CA ALA A 451 -19.15 12.09 -27.40
C ALA A 451 -20.38 12.84 -26.91
N THR A 452 -21.36 13.01 -27.78
CA THR A 452 -22.64 13.60 -27.42
C THR A 452 -23.68 12.50 -27.32
N CYS A 453 -24.93 12.89 -27.08
CA CYS A 453 -26.01 11.92 -26.97
C CYS A 453 -26.33 11.31 -28.34
N ALA A 454 -26.93 10.12 -28.30
CA ALA A 454 -27.27 9.39 -29.51
C ALA A 454 -28.40 10.09 -30.27
N PRO A 455 -28.54 9.82 -31.56
CA PRO A 455 -29.70 10.34 -32.31
C PRO A 455 -31.01 9.76 -31.79
N LEU A 456 -32.11 10.41 -32.23
CA LEU A 456 -33.41 10.19 -31.60
C LEU A 456 -33.95 8.79 -31.85
N LEU A 457 -33.97 8.34 -33.12
CA LEU A 457 -34.54 7.03 -33.42
C LEU A 457 -33.64 5.90 -32.93
N MET A 458 -32.32 6.14 -32.87
CA MET A 458 -31.40 5.21 -32.23
C MET A 458 -31.76 5.00 -30.77
N SER A 459 -31.94 6.10 -30.03
CA SER A 459 -32.27 6.01 -28.62
C SER A 459 -33.64 5.39 -28.39
N VAL A 460 -34.61 5.72 -29.26
CA VAL A 460 -35.95 5.13 -29.17
C VAL A 460 -35.90 3.63 -29.40
N SER A 461 -35.12 3.19 -30.41
CA SER A 461 -35.02 1.76 -30.71
C SER A 461 -34.34 0.99 -29.57
N VAL A 462 -33.23 1.53 -29.04
CA VAL A 462 -32.50 0.82 -27.99
C VAL A 462 -33.31 0.82 -26.68
N VAL A 463 -33.96 1.93 -26.35
CA VAL A 463 -34.76 2.00 -25.13
C VAL A 463 -36.01 1.14 -25.23
N ALA A 464 -36.66 1.11 -26.40
CA ALA A 464 -37.85 0.27 -26.56
C ALA A 464 -37.48 -1.22 -26.55
N LEU A 465 -36.33 -1.57 -27.12
CA LEU A 465 -35.86 -2.95 -27.04
C LEU A 465 -35.51 -3.35 -25.61
N ALA A 466 -34.91 -2.43 -24.84
CA ALA A 466 -34.63 -2.72 -23.44
C ALA A 466 -35.91 -2.79 -22.59
N ILE A 467 -36.92 -2.00 -22.95
CA ILE A 467 -38.22 -2.08 -22.30
C ILE A 467 -38.87 -3.42 -22.59
N CYS A 468 -38.75 -3.91 -23.83
CA CYS A 468 -39.22 -5.26 -24.16
C CYS A 468 -38.43 -6.33 -23.42
N CYS A 469 -37.14 -6.08 -23.16
CA CYS A 469 -36.34 -7.01 -22.33
C CYS A 469 -36.86 -7.06 -20.90
N VAL A 470 -37.17 -5.89 -20.32
CA VAL A 470 -37.70 -5.84 -18.96
C VAL A 470 -39.08 -6.49 -18.90
N ILE A 471 -39.89 -6.30 -19.95
CA ILE A 471 -41.21 -6.93 -20.04
C ILE A 471 -41.08 -8.45 -20.14
N GLY A 472 -40.15 -8.93 -20.98
CA GLY A 472 -39.90 -10.36 -21.07
C GLY A 472 -39.25 -10.95 -19.84
N GLY A 473 -38.66 -10.11 -18.98
CA GLY A 473 -38.17 -10.57 -17.71
C GLY A 473 -39.19 -10.56 -16.59
N VAL A 474 -39.83 -9.41 -16.38
CA VAL A 474 -40.76 -9.25 -15.25
C VAL A 474 -42.03 -10.05 -15.48
N ALA A 475 -42.60 -9.97 -16.69
CA ALA A 475 -43.82 -10.68 -17.02
C ALA A 475 -43.56 -12.09 -17.54
N ALA A 476 -42.40 -12.67 -17.22
CA ALA A 476 -42.11 -14.05 -17.58
C ALA A 476 -43.09 -15.11 -17.03
N PRO A 477 -43.63 -15.03 -15.80
CA PRO A 477 -44.67 -16.03 -15.42
C PRO A 477 -45.95 -15.96 -16.22
N TRP A 478 -46.21 -14.88 -16.97
CA TRP A 478 -47.34 -14.84 -17.88
C TRP A 478 -46.94 -15.12 -19.32
N LEU A 479 -45.75 -14.68 -19.74
CA LEU A 479 -45.31 -14.92 -21.12
C LEU A 479 -44.83 -16.35 -21.35
N LEU A 480 -44.36 -17.02 -20.30
CA LEU A 480 -43.94 -18.41 -20.42
C LEU A 480 -45.07 -19.39 -20.76
N PRO A 481 -46.28 -19.35 -20.17
CA PRO A 481 -47.33 -20.28 -20.64
C PRO A 481 -47.92 -19.93 -21.99
N MET A 482 -47.60 -18.77 -22.58
CA MET A 482 -48.04 -18.51 -23.95
C MET A 482 -47.20 -19.24 -24.99
N LEU A 483 -46.09 -19.85 -24.59
CA LEU A 483 -45.32 -20.74 -25.44
C LEU A 483 -45.83 -22.17 -25.39
N SER A 484 -46.90 -22.43 -24.63
CA SER A 484 -47.53 -23.74 -24.62
C SER A 484 -48.32 -24.02 -25.89
N ALA A 485 -48.58 -23.00 -26.72
CA ALA A 485 -49.15 -23.25 -28.04
C ALA A 485 -48.16 -23.99 -28.93
N ALA A 486 -46.88 -23.61 -28.86
CA ALA A 486 -45.86 -24.31 -29.64
C ALA A 486 -45.57 -25.69 -29.08
N VAL A 487 -45.45 -25.78 -27.75
CA VAL A 487 -45.22 -27.07 -27.08
C VAL A 487 -46.47 -27.40 -26.26
N PRO A 488 -47.40 -28.20 -26.78
CA PRO A 488 -48.66 -28.47 -26.06
C PRO A 488 -48.49 -29.44 -24.89
N LEU A 489 -47.79 -28.98 -23.86
CA LEU A 489 -47.48 -29.78 -22.68
C LEU A 489 -47.50 -28.88 -21.46
N PRO A 490 -47.90 -29.41 -20.30
CA PRO A 490 -47.85 -28.61 -19.07
C PRO A 490 -46.41 -28.42 -18.59
N LEU A 491 -46.13 -27.23 -18.06
CA LEU A 491 -44.81 -26.91 -17.53
C LEU A 491 -44.76 -27.29 -16.06
N GLU A 492 -43.97 -28.30 -15.72
CA GLU A 492 -43.82 -28.74 -14.33
C GLU A 492 -42.39 -28.63 -13.79
N PRO A 493 -42.06 -27.52 -13.12
CA PRO A 493 -40.82 -27.49 -12.33
C PRO A 493 -40.95 -28.40 -11.12
N ALA A 494 -39.81 -28.96 -10.70
CA ALA A 494 -39.81 -29.95 -9.65
C ALA A 494 -40.05 -29.33 -8.29
N ASN A 495 -41.33 -29.15 -7.93
CA ASN A 495 -41.79 -28.67 -6.63
C ASN A 495 -41.21 -27.29 -6.29
N THR A 496 -41.10 -26.43 -7.30
CA THR A 496 -40.49 -25.13 -7.12
C THR A 496 -41.11 -24.16 -8.11
N THR A 497 -40.88 -22.88 -7.86
CA THR A 497 -41.34 -21.81 -8.74
C THR A 497 -40.42 -20.62 -8.57
N VAL A 498 -40.43 -19.74 -9.58
CA VAL A 498 -39.77 -18.45 -9.53
C VAL A 498 -40.83 -17.40 -9.83
N SER A 499 -40.83 -16.28 -9.10
CA SER A 499 -41.73 -15.17 -9.41
C SER A 499 -40.86 -13.93 -9.61
N GLN A 500 -40.60 -13.64 -10.89
CA GLN A 500 -39.93 -12.41 -11.28
C GLN A 500 -40.62 -11.10 -10.83
N PRO A 501 -41.96 -10.97 -10.73
CA PRO A 501 -42.51 -9.72 -10.15
C PRO A 501 -42.16 -9.59 -8.69
N MET A 502 -42.10 -10.67 -7.91
CA MET A 502 -41.66 -10.54 -6.49
C MET A 502 -40.19 -10.10 -6.47
N ILE A 503 -39.31 -10.73 -7.24
CA ILE A 503 -37.96 -10.19 -7.36
C ILE A 503 -37.83 -8.74 -7.83
N THR A 504 -38.72 -8.30 -8.74
CA THR A 504 -38.73 -6.92 -9.20
C THR A 504 -39.10 -5.96 -8.08
N LEU A 505 -40.16 -6.26 -7.34
CA LEU A 505 -40.58 -5.39 -6.23
C LEU A 505 -39.63 -5.47 -5.04
N LEU A 506 -38.89 -6.58 -4.89
CA LEU A 506 -37.97 -6.70 -3.77
C LEU A 506 -36.57 -6.20 -4.07
N LEU A 507 -36.23 -5.91 -5.32
CA LEU A 507 -34.95 -5.32 -5.65
C LEU A 507 -35.01 -3.79 -5.70
N ILE A 508 -36.19 -3.21 -5.50
CA ILE A 508 -36.35 -1.77 -5.46
C ILE A 508 -36.77 -1.29 -4.07
N ALA A 509 -37.66 -2.03 -3.41
CA ALA A 509 -38.13 -1.62 -2.09
C ALA A 509 -37.08 -1.86 -1.02
N CYS A 510 -36.35 -2.97 -1.11
CA CYS A 510 -35.29 -3.29 -0.14
C CYS A 510 -34.08 -2.35 -0.17
N PRO A 511 -33.61 -1.80 -1.30
CA PRO A 511 -32.59 -0.74 -1.20
C PRO A 511 -33.08 0.57 -0.60
N LEU A 512 -34.38 0.78 -0.45
CA LEU A 512 -34.85 2.02 0.16
C LEU A 512 -34.64 2.03 1.67
N LEU A 513 -34.56 0.85 2.29
CA LEU A 513 -34.36 0.79 3.74
C LEU A 513 -32.98 1.30 4.19
N PRO A 514 -31.84 0.92 3.56
CA PRO A 514 -30.58 1.60 3.93
C PRO A 514 -30.56 3.07 3.55
N PHE A 515 -31.27 3.46 2.49
CA PHE A 515 -31.41 4.88 2.17
C PHE A 515 -32.19 5.62 3.25
N ILE A 516 -33.25 4.98 3.79
CA ILE A 516 -34.04 5.60 4.86
C ILE A 516 -33.20 5.76 6.12
N ILE A 517 -32.43 4.72 6.48
CA ILE A 517 -31.59 4.82 7.68
C ILE A 517 -30.41 5.75 7.48
N MET A 518 -29.83 5.86 6.28
CA MET A 518 -28.78 6.89 6.07
C MET A 518 -29.43 8.27 6.11
N ALA A 519 -30.68 8.46 5.67
CA ALA A 519 -31.32 9.76 5.80
C ALA A 519 -31.70 10.08 7.25
N ILE A 520 -31.83 9.07 8.08
CA ILE A 520 -32.12 9.30 9.52
C ILE A 520 -30.80 9.52 10.26
N CYS A 521 -29.83 8.63 10.09
CA CYS A 521 -28.52 8.73 10.78
C CYS A 521 -27.63 9.80 10.14
N LYS A 522 -28.15 10.51 9.14
CA LYS A 522 -27.38 11.65 8.55
C LYS A 522 -27.62 12.84 9.45
N GLY A 523 -26.71 13.11 10.37
CA GLY A 523 -26.86 14.28 11.24
C GLY A 523 -26.43 15.54 10.52
N ASP A 524 -25.13 15.81 10.49
CA ASP A 524 -24.59 17.03 9.86
C ASP A 524 -23.60 16.59 8.80
N ARG A 525 -23.81 15.41 8.24
CA ARG A 525 -22.92 14.91 7.18
C ARG A 525 -22.90 15.99 6.12
N LEU A 526 -21.71 16.37 5.67
CA LEU A 526 -21.58 17.40 4.64
C LEU A 526 -22.01 16.78 3.32
N PRO A 527 -22.63 17.52 2.37
CA PRO A 527 -23.06 16.92 1.11
C PRO A 527 -21.91 16.21 0.40
N SER A 528 -22.29 15.32 -0.52
CA SER A 528 -21.35 14.43 -1.17
C SER A 528 -20.39 15.19 -2.08
N ARG A 529 -19.22 14.59 -2.28
CA ARG A 529 -18.10 15.24 -2.96
C ARG A 529 -17.59 14.35 -4.07
N SER A 530 -17.41 14.93 -5.26
CA SER A 530 -16.72 14.28 -6.38
C SER A 530 -15.65 15.28 -6.81
N ARG A 531 -14.45 15.15 -6.25
CA ARG A 531 -13.44 16.20 -6.34
C ARG A 531 -12.26 15.83 -7.23
N GLY A 532 -11.55 14.74 -6.92
CA GLY A 532 -10.28 14.50 -7.59
C GLY A 532 -10.12 13.12 -8.19
N ALA A 533 -8.87 12.70 -8.34
CA ALA A 533 -8.56 11.39 -8.90
C ALA A 533 -8.71 10.32 -7.83
N ALA A 534 -8.64 9.06 -8.26
CA ALA A 534 -8.72 7.94 -7.36
C ALA A 534 -7.43 7.81 -6.56
N TRP A 535 -7.52 7.13 -5.42
CA TRP A 535 -6.39 7.02 -4.51
C TRP A 535 -5.38 6.01 -5.03
N VAL A 536 -4.19 6.49 -5.35
CA VAL A 536 -3.09 5.69 -5.86
C VAL A 536 -1.90 5.82 -4.92
N CYS A 537 -2.21 5.91 -3.62
CA CYS A 537 -1.26 5.93 -2.49
C CYS A 537 -0.45 7.22 -2.43
N GLY A 538 -1.05 8.34 -2.81
CA GLY A 538 -0.40 9.63 -2.68
C GLY A 538 0.43 10.07 -3.86
N TYR A 539 0.53 9.26 -4.90
CA TYR A 539 1.24 9.62 -6.11
C TYR A 539 0.24 10.27 -7.08
N ASP A 540 0.77 10.84 -8.16
CA ASP A 540 -0.08 11.40 -9.20
C ASP A 540 -0.69 10.28 -10.03
N HIS A 541 -1.98 10.40 -10.32
CA HIS A 541 -2.71 9.38 -11.05
C HIS A 541 -2.46 9.52 -12.56
N GLU A 542 -1.73 8.54 -13.09
CA GLU A 542 -1.46 8.46 -14.54
C GLU A 542 -2.49 7.59 -15.24
N LYS A 543 -2.64 7.72 -16.56
CA LYS A 543 -3.62 6.98 -17.36
C LYS A 543 -3.35 5.48 -17.25
N SER A 544 -2.09 5.09 -17.08
CA SER A 544 -1.73 3.68 -16.98
C SER A 544 -2.14 3.01 -15.66
N MET A 545 -2.54 3.78 -14.65
CA MET A 545 -3.05 3.21 -13.42
C MET A 545 -4.48 2.71 -13.55
N VAL A 546 -5.18 3.11 -14.61
CA VAL A 546 -6.53 2.64 -14.85
C VAL A 546 -6.44 1.23 -15.43
N ILE A 547 -6.79 0.22 -14.61
CA ILE A 547 -6.86 -1.15 -15.11
C ILE A 547 -8.05 -1.27 -16.04
N THR A 548 -7.82 -1.84 -17.21
CA THR A 548 -8.80 -1.89 -18.28
C THR A 548 -9.14 -3.35 -18.57
N ALA A 549 -9.81 -3.57 -19.71
CA ALA A 549 -10.33 -4.88 -20.07
C ALA A 549 -9.23 -5.92 -20.29
N HIS A 550 -8.02 -5.51 -20.61
CA HIS A 550 -6.93 -6.46 -20.76
C HIS A 550 -6.52 -7.04 -19.41
N GLY A 551 -6.30 -6.18 -18.42
CA GLY A 551 -5.89 -6.63 -17.10
C GLY A 551 -7.01 -7.14 -16.22
N PHE A 552 -8.26 -6.90 -16.56
CA PHE A 552 -9.41 -7.41 -15.75
C PHE A 552 -9.62 -8.91 -16.01
N ALA A 553 -9.28 -9.42 -17.19
CA ALA A 553 -9.58 -10.80 -17.56
C ALA A 553 -8.32 -11.63 -17.83
N MET A 554 -7.22 -11.31 -17.15
CA MET A 554 -6.04 -12.17 -17.09
C MET A 554 -6.15 -13.40 -16.16
N PRO A 555 -6.84 -13.34 -14.99
CA PRO A 555 -7.03 -14.59 -14.23
C PRO A 555 -7.80 -15.68 -14.96
N VAL A 556 -8.74 -15.35 -15.85
CA VAL A 556 -9.34 -16.41 -16.65
C VAL A 556 -8.42 -16.89 -17.77
N LYS A 557 -7.42 -16.10 -18.14
CA LYS A 557 -6.39 -16.59 -19.04
C LYS A 557 -5.42 -17.53 -18.33
N GLN A 558 -5.23 -17.38 -17.03
CA GLN A 558 -4.39 -18.29 -16.28
C GLN A 558 -5.13 -19.56 -15.84
N ALA A 559 -6.35 -19.42 -15.31
CA ALA A 559 -7.06 -20.56 -14.75
C ALA A 559 -7.93 -21.30 -15.77
N PHE A 560 -7.92 -20.88 -17.02
CA PHE A 560 -8.55 -21.64 -18.10
C PHE A 560 -7.59 -21.74 -19.27
N ALA A 561 -6.32 -22.05 -18.96
CA ALA A 561 -5.28 -22.15 -19.98
C ALA A 561 -5.49 -23.24 -21.04
N PRO A 562 -5.88 -24.50 -20.72
CA PRO A 562 -6.04 -25.47 -21.83
C PRO A 562 -7.22 -25.18 -22.75
N VAL A 563 -8.33 -24.66 -22.24
CA VAL A 563 -9.46 -24.35 -23.10
C VAL A 563 -9.14 -23.17 -24.01
N LEU A 564 -8.42 -22.19 -23.50
CA LEU A 564 -8.01 -21.06 -24.32
C LEU A 564 -6.89 -21.43 -25.29
N LYS A 565 -6.11 -22.46 -24.96
CA LYS A 565 -5.08 -22.94 -25.87
C LYS A 565 -5.61 -23.93 -26.89
N LEU A 566 -6.82 -24.46 -26.70
CA LEU A 566 -7.45 -25.35 -27.67
C LEU A 566 -7.81 -24.66 -28.98
N ARG A 567 -7.81 -23.32 -29.00
CA ARG A 567 -8.19 -22.55 -30.20
C ARG A 567 -7.03 -22.53 -31.19
N LYS A 568 -5.84 -22.88 -30.74
CA LYS A 568 -4.64 -22.88 -31.57
C LYS A 568 -4.21 -24.28 -31.98
N TRP A 569 -4.45 -25.29 -31.14
CA TRP A 569 -4.09 -26.65 -31.50
C TRP A 569 -5.04 -27.24 -32.52
N LEU A 570 -6.33 -26.93 -32.39
CA LEU A 570 -7.37 -27.54 -33.22
C LEU A 570 -7.64 -26.76 -34.50
N ASN A 571 -6.85 -25.72 -34.78
CA ASN A 571 -7.10 -24.87 -35.93
C ASN A 571 -6.51 -25.50 -37.19
N PRO A 572 -7.33 -25.89 -38.19
CA PRO A 572 -6.82 -26.43 -39.45
C PRO A 572 -6.61 -25.36 -40.52
N VAL A 573 -5.89 -24.29 -40.17
CA VAL A 573 -5.72 -23.20 -41.12
C VAL A 573 -4.49 -23.45 -42.01
N SER A 574 -3.49 -24.18 -41.52
CA SER A 574 -2.33 -24.51 -42.32
C SER A 574 -2.54 -25.73 -43.20
N LEU A 575 -3.62 -26.47 -42.98
CA LEU A 575 -3.88 -27.70 -43.74
C LEU A 575 -4.72 -27.46 -44.98
N VAL A 576 -5.39 -26.32 -45.09
CA VAL A 576 -6.12 -25.97 -46.30
C VAL A 576 -5.10 -25.37 -47.28
N PRO A 577 -4.98 -25.91 -48.51
CA PRO A 577 -3.91 -25.47 -49.41
C PRO A 577 -4.05 -24.04 -49.94
N GLY A 578 -5.22 -23.69 -50.45
CA GLY A 578 -5.39 -22.40 -51.10
C GLY A 578 -5.97 -21.32 -50.22
N TRP A 579 -5.91 -21.50 -48.89
CA TRP A 579 -6.50 -20.52 -47.98
C TRP A 579 -5.67 -19.25 -47.88
N GLN A 580 -4.35 -19.35 -47.96
CA GLN A 580 -3.47 -18.21 -47.79
C GLN A 580 -3.12 -17.51 -49.10
N CYS A 581 -3.91 -17.71 -50.14
CA CYS A 581 -3.67 -17.04 -51.41
C CYS A 581 -4.04 -15.56 -51.31
N GLU A 582 -3.49 -14.77 -52.24
CA GLU A 582 -3.63 -13.32 -52.16
C GLU A 582 -5.04 -12.86 -52.51
N GLY A 583 -5.65 -13.44 -53.54
CA GLY A 583 -6.98 -13.04 -53.95
C GLY A 583 -8.04 -14.08 -53.72
N SER A 584 -7.92 -14.83 -52.62
CA SER A 584 -8.92 -15.85 -52.30
C SER A 584 -10.22 -15.24 -51.81
N ALA A 585 -10.12 -14.23 -50.92
CA ALA A 585 -11.31 -13.56 -50.40
C ALA A 585 -12.07 -12.82 -51.50
N LEU A 586 -11.33 -12.23 -52.43
CA LEU A 586 -11.95 -11.52 -53.55
C LEU A 586 -12.67 -12.48 -54.48
N LEU A 587 -12.05 -13.62 -54.80
CA LEU A 587 -12.71 -14.61 -55.67
C LEU A 587 -13.92 -15.22 -54.98
N PHE A 588 -13.85 -15.38 -53.65
CA PHE A 588 -15.01 -15.82 -52.88
C PHE A 588 -16.14 -14.82 -52.99
N ARG A 589 -15.80 -13.52 -53.01
CA ARG A 589 -16.82 -12.48 -53.16
C ARG A 589 -17.44 -12.48 -54.56
N ARG A 590 -16.62 -12.60 -55.62
CA ARG A 590 -17.17 -12.67 -56.98
C ARG A 590 -18.08 -13.87 -57.18
N MET A 591 -17.66 -15.07 -56.75
CA MET A 591 -18.57 -16.19 -56.95
C MET A 591 -19.74 -16.19 -55.95
N ALA A 592 -19.63 -15.43 -54.86
CA ALA A 592 -20.82 -15.13 -54.04
C ALA A 592 -21.85 -14.31 -54.80
N LEU A 593 -21.42 -13.35 -55.63
CA LEU A 593 -22.48 -12.61 -56.34
C LEU A 593 -22.97 -13.43 -57.53
N VAL A 594 -22.14 -14.29 -58.11
CA VAL A 594 -22.66 -15.15 -59.17
C VAL A 594 -23.68 -16.12 -58.58
N GLU A 595 -23.39 -16.71 -57.44
CA GLU A 595 -24.33 -17.70 -56.84
C GLU A 595 -25.61 -16.99 -56.37
N LEU A 596 -25.49 -15.83 -55.72
CA LEU A 596 -26.70 -15.11 -55.32
C LEU A 596 -27.54 -14.67 -56.51
N ALA A 597 -26.89 -14.25 -57.59
CA ALA A 597 -27.60 -13.82 -58.80
C ALA A 597 -28.36 -14.97 -59.44
N VAL A 598 -27.71 -16.12 -59.62
CA VAL A 598 -28.36 -17.25 -60.29
C VAL A 598 -29.45 -17.85 -59.39
N LEU A 599 -29.26 -17.75 -58.07
CA LEU A 599 -30.26 -18.27 -57.14
C LEU A 599 -31.51 -17.40 -57.15
N VAL A 600 -31.32 -16.08 -57.19
CA VAL A 600 -32.46 -15.16 -57.28
C VAL A 600 -33.18 -15.31 -58.61
N VAL A 601 -32.42 -15.54 -59.69
CA VAL A 601 -33.03 -15.73 -61.02
C VAL A 601 -33.87 -17.01 -61.05
N ILE A 602 -33.33 -18.11 -60.52
CA ILE A 602 -34.10 -19.36 -60.56
C ILE A 602 -35.27 -19.47 -59.58
N ILE A 603 -35.23 -18.67 -58.52
CA ILE A 603 -36.30 -18.81 -57.48
C ILE A 603 -37.55 -17.98 -57.82
N VAL A 604 -37.36 -16.90 -58.59
CA VAL A 604 -38.56 -16.15 -59.08
C VAL A 604 -39.27 -17.12 -60.04
N SER A 605 -38.54 -17.75 -60.97
CA SER A 605 -39.14 -18.77 -61.85
C SER A 605 -39.91 -19.76 -60.97
N LYS B 5 49.76 -3.51 9.65
CA LYS B 5 49.17 -2.96 8.45
C LYS B 5 48.56 -4.04 7.57
N LEU B 6 47.23 -4.03 7.47
CA LEU B 6 46.50 -4.97 6.63
C LEU B 6 46.22 -4.34 5.28
N GLY B 7 46.32 -5.14 4.22
CA GLY B 7 46.16 -4.66 2.87
C GLY B 7 47.44 -4.31 2.16
N GLN B 8 48.60 -4.68 2.70
CA GLN B 8 49.86 -4.42 2.02
C GLN B 8 50.00 -5.29 0.78
N HIS B 9 49.52 -6.54 0.85
CA HIS B 9 49.58 -7.44 -0.31
C HIS B 9 48.65 -6.97 -1.42
N TYR B 10 47.48 -6.44 -1.04
CA TYR B 10 46.56 -5.87 -2.03
C TYR B 10 47.15 -4.63 -2.70
N LEU B 11 47.85 -3.79 -1.92
CA LEU B 11 48.54 -2.63 -2.48
C LEU B 11 49.67 -3.04 -3.41
N ALA B 12 50.39 -4.10 -3.05
CA ALA B 12 51.44 -4.64 -3.91
C ALA B 12 50.87 -5.19 -5.21
N ALA B 13 49.72 -5.87 -5.13
CA ALA B 13 49.06 -6.38 -6.34
C ALA B 13 48.55 -5.24 -7.21
N LEU B 14 48.04 -4.17 -6.59
CA LEU B 14 47.58 -3.00 -7.33
C LEU B 14 48.73 -2.30 -8.03
N ASN B 15 49.88 -2.20 -7.37
CA ASN B 15 51.05 -1.59 -8.00
C ASN B 15 51.67 -2.51 -9.04
N GLU B 16 51.48 -3.82 -8.90
CA GLU B 16 51.97 -4.75 -9.91
C GLU B 16 51.12 -4.72 -11.17
N ALA B 17 49.79 -4.67 -11.02
CA ALA B 17 48.92 -4.62 -12.19
C ALA B 17 48.96 -3.25 -12.85
N PHE B 18 48.73 -2.16 -12.13
CA PHE B 18 48.66 -0.84 -12.83
C PHE B 18 49.80 0.05 -12.35
N PRO B 19 51.02 -0.11 -12.89
CA PRO B 19 52.18 0.65 -12.45
C PRO B 19 52.02 2.17 -12.55
N GLY B 20 52.26 2.88 -11.44
CA GLY B 20 52.15 4.35 -11.44
C GLY B 20 50.76 4.88 -11.13
N VAL B 21 49.73 4.05 -11.10
CA VAL B 21 48.33 4.57 -10.92
C VAL B 21 48.17 5.03 -9.48
N VAL B 22 48.74 4.27 -8.53
CA VAL B 22 48.70 4.72 -7.12
C VAL B 22 49.65 5.90 -6.97
N LEU B 23 49.11 7.06 -6.61
CA LEU B 23 49.91 8.25 -6.33
C LEU B 23 50.30 8.33 -4.86
N ASP B 24 49.35 8.18 -3.95
CA ASP B 24 49.60 8.27 -2.52
C ASP B 24 48.74 7.26 -1.79
N HIS B 25 49.33 6.60 -0.79
CA HIS B 25 48.62 5.66 0.05
C HIS B 25 48.90 5.96 1.51
N ALA B 26 47.92 5.68 2.37
CA ALA B 26 48.04 5.93 3.79
C ALA B 26 47.11 4.99 4.55
N TRP B 27 47.49 4.69 5.78
CA TRP B 27 46.69 3.85 6.68
C TRP B 27 46.06 4.72 7.75
N GLN B 28 44.74 4.64 7.87
CA GLN B 28 44.01 5.37 8.90
C GLN B 28 43.73 4.52 10.13
N THR B 29 43.54 3.22 9.93
CA THR B 29 43.45 2.23 10.98
C THR B 29 44.33 1.08 10.49
N LYS B 30 44.66 0.13 11.37
CA LYS B 30 45.47 -1.02 10.96
C LYS B 30 44.79 -1.89 9.91
N ASP B 31 43.46 -1.84 9.80
CA ASP B 31 42.73 -2.54 8.75
C ASP B 31 42.09 -1.60 7.73
N GLN B 32 42.46 -0.33 7.73
CA GLN B 32 41.90 0.65 6.79
C GLN B 32 43.03 1.29 6.00
N LEU B 33 42.97 1.16 4.68
CA LEU B 33 43.97 1.72 3.78
C LEU B 33 43.25 2.55 2.73
N THR B 34 43.76 3.77 2.49
CA THR B 34 43.22 4.64 1.46
C THR B 34 44.31 4.91 0.44
N VAL B 35 44.05 4.58 -0.82
CA VAL B 35 44.98 4.80 -1.91
C VAL B 35 44.43 5.92 -2.79
N THR B 36 45.31 6.82 -3.22
CA THR B 36 44.98 7.86 -4.17
C THR B 36 45.53 7.46 -5.52
N VAL B 37 44.64 7.27 -6.49
CA VAL B 37 45.02 6.83 -7.82
C VAL B 37 44.75 7.95 -8.81
N LYS B 38 45.23 7.77 -10.04
CA LYS B 38 44.93 8.70 -11.11
C LYS B 38 43.45 8.61 -11.48
N VAL B 39 42.89 9.76 -11.87
CA VAL B 39 41.44 9.89 -11.99
C VAL B 39 40.90 9.07 -13.17
N ASN B 40 41.64 8.98 -14.27
CA ASN B 40 41.18 8.22 -15.42
C ASN B 40 41.58 6.75 -15.41
N TYR B 41 42.30 6.28 -14.40
CA TYR B 41 42.43 4.84 -14.18
C TYR B 41 41.55 4.35 -13.03
N LEU B 42 40.65 5.19 -12.53
CA LEU B 42 39.76 4.80 -11.45
C LEU B 42 38.83 3.62 -11.76
N PRO B 43 38.11 3.53 -12.91
CA PRO B 43 37.28 2.34 -13.13
C PRO B 43 38.06 1.04 -13.27
N GLU B 44 39.31 1.09 -13.72
CA GLU B 44 40.11 -0.13 -13.82
C GLU B 44 40.57 -0.61 -12.45
N VAL B 45 40.89 0.32 -11.54
CA VAL B 45 41.39 -0.04 -10.22
C VAL B 45 40.28 -0.65 -9.38
N VAL B 46 39.08 -0.05 -9.40
CA VAL B 46 37.96 -0.57 -8.63
C VAL B 46 37.49 -1.90 -9.19
N GLU B 47 37.50 -2.06 -10.52
CA GLU B 47 37.15 -3.34 -11.13
C GLU B 47 38.18 -4.41 -10.79
N PHE B 48 39.47 -4.04 -10.74
CA PHE B 48 40.53 -4.98 -10.36
C PHE B 48 40.34 -5.45 -8.92
N LEU B 49 40.12 -4.51 -8.00
CA LEU B 49 39.90 -4.87 -6.60
C LEU B 49 38.56 -5.54 -6.37
N TYR B 50 37.61 -5.37 -7.27
CA TYR B 50 36.29 -5.98 -7.14
C TYR B 50 36.29 -7.43 -7.62
N TYR B 51 36.87 -7.69 -8.79
CA TYR B 51 36.78 -9.01 -9.39
C TYR B 51 38.06 -9.82 -9.27
N LYS B 52 39.23 -9.21 -9.46
CA LYS B 52 40.46 -9.95 -9.30
C LYS B 52 40.79 -10.20 -7.83
N GLN B 53 40.57 -9.20 -6.97
CA GLN B 53 40.90 -9.31 -5.56
C GLN B 53 39.70 -9.66 -4.70
N GLY B 54 38.52 -9.81 -5.30
CA GLY B 54 37.33 -10.25 -4.57
C GLY B 54 36.80 -9.28 -3.55
N GLY B 55 36.82 -7.98 -3.86
CA GLY B 55 36.29 -6.99 -2.95
C GLY B 55 34.80 -6.75 -3.13
N TRP B 56 34.23 -6.04 -2.17
CA TRP B 56 32.82 -5.66 -2.21
C TRP B 56 32.72 -4.15 -2.06
N LEU B 57 31.94 -3.52 -2.93
CA LEU B 57 31.79 -2.07 -2.91
C LEU B 57 30.84 -1.70 -1.78
N SER B 58 31.39 -1.06 -0.73
CA SER B 58 30.60 -0.70 0.44
C SER B 58 29.88 0.64 0.22
N VAL B 59 30.64 1.71 0.03
CA VAL B 59 30.11 3.05 -0.15
C VAL B 59 31.04 3.79 -1.09
N LEU B 60 30.47 4.64 -1.95
CA LEU B 60 31.23 5.54 -2.84
C LEU B 60 30.59 6.91 -2.58
N PHE B 61 31.37 7.98 -2.50
CA PHE B 61 30.79 9.26 -2.13
C PHE B 61 31.73 10.37 -2.54
N GLY B 62 31.19 11.58 -2.54
CA GLY B 62 31.96 12.77 -2.82
C GLY B 62 32.34 13.49 -1.54
N ASN B 63 33.34 14.36 -1.66
CA ASN B 63 33.75 15.20 -0.54
C ASN B 63 34.24 16.53 -1.08
N ASP B 64 33.60 17.62 -0.66
CA ASP B 64 33.95 18.95 -1.13
C ASP B 64 35.22 19.39 -0.41
N GLU B 65 36.36 19.06 -1.01
CA GLU B 65 37.67 19.37 -0.45
C GLU B 65 38.37 20.46 -1.26
N ARG B 66 37.60 21.40 -1.79
CA ARG B 66 38.17 22.48 -2.59
C ARG B 66 38.96 23.48 -1.74
N LYS B 67 38.72 23.53 -0.44
CA LYS B 67 39.49 24.36 0.46
C LYS B 67 40.57 23.59 1.21
N LEU B 68 40.76 22.31 0.88
CA LEU B 68 41.82 21.50 1.43
C LEU B 68 42.95 21.28 0.43
N ASN B 69 42.62 20.86 -0.79
CA ASN B 69 43.61 20.68 -1.84
C ASN B 69 43.14 21.18 -3.20
N GLY B 70 42.05 21.94 -3.26
CA GLY B 70 41.59 22.53 -4.49
C GLY B 70 40.76 21.63 -5.39
N HIS B 71 40.54 20.38 -4.99
CA HIS B 71 39.86 19.41 -5.83
C HIS B 71 38.70 18.79 -5.09
N TYR B 72 37.65 18.43 -5.82
CA TYR B 72 36.66 17.50 -5.32
C TYR B 72 37.30 16.13 -5.16
N ALA B 73 36.87 15.39 -4.15
CA ALA B 73 37.37 14.05 -3.90
C ALA B 73 36.23 13.05 -3.94
N VAL B 74 36.39 12.00 -4.73
CA VAL B 74 35.47 10.87 -4.74
C VAL B 74 36.21 9.68 -4.15
N TYR B 75 35.64 9.09 -3.11
CA TYR B 75 36.21 7.94 -2.44
C TYR B 75 35.45 6.70 -2.87
N TYR B 76 36.17 5.57 -2.96
CA TYR B 76 35.60 4.30 -3.39
C TYR B 76 36.02 3.24 -2.38
N VAL B 77 35.15 3.00 -1.40
CA VAL B 77 35.47 2.09 -0.31
C VAL B 77 35.17 0.66 -0.75
N LEU B 78 36.20 -0.19 -0.71
CA LEU B 78 36.08 -1.59 -1.07
C LEU B 78 36.33 -2.43 0.18
N SER B 79 35.50 -3.45 0.38
CA SER B 79 35.65 -4.37 1.50
C SER B 79 36.37 -5.62 1.01
N MET B 80 37.64 -5.75 1.38
CA MET B 80 38.42 -6.94 1.04
C MET B 80 37.93 -8.13 1.86
N GLU B 81 37.45 -9.16 1.18
CA GLU B 81 36.80 -10.28 1.86
C GLU B 81 37.27 -11.61 1.28
N LYS B 82 38.58 -11.76 1.06
CA LYS B 82 39.14 -13.06 0.73
C LYS B 82 40.25 -13.42 1.72
N THR B 96 44.57 -10.53 6.41
CA THR B 96 43.17 -10.85 6.60
C THR B 96 42.26 -9.82 5.93
N LYS B 97 41.00 -9.80 6.33
CA LYS B 97 40.03 -8.90 5.73
C LYS B 97 40.27 -7.46 6.19
N CYS B 98 40.20 -6.52 5.25
CA CYS B 98 40.52 -5.13 5.53
C CYS B 98 39.65 -4.26 4.63
N TRP B 99 39.91 -2.95 4.68
CA TRP B 99 39.21 -1.97 3.86
C TRP B 99 40.20 -1.27 2.94
N ILE B 100 39.80 -1.09 1.67
CA ILE B 100 40.55 -0.28 0.72
C ILE B 100 39.64 0.82 0.22
N THR B 101 40.07 2.06 0.42
CA THR B 101 39.38 3.22 -0.12
C THR B 101 40.15 3.73 -1.32
N VAL B 102 39.53 3.70 -2.49
CA VAL B 102 40.13 4.23 -3.70
C VAL B 102 39.69 5.68 -3.85
N ARG B 103 40.65 6.59 -3.88
CA ARG B 103 40.40 8.01 -3.84
C ARG B 103 40.91 8.66 -5.11
N VAL B 104 40.10 9.54 -5.71
CA VAL B 104 40.51 10.31 -6.87
C VAL B 104 40.24 11.78 -6.59
N GLU B 105 40.98 12.63 -7.28
CA GLU B 105 40.83 14.08 -7.19
C GLU B 105 40.19 14.57 -8.49
N VAL B 106 39.04 15.23 -8.35
CA VAL B 106 38.27 15.73 -9.49
C VAL B 106 38.42 17.23 -9.53
N ASP B 107 38.60 17.77 -10.74
CA ASP B 107 38.84 19.20 -10.92
C ASP B 107 37.61 20.01 -10.52
N ALA B 108 37.85 21.14 -9.86
CA ALA B 108 36.76 21.96 -9.34
C ALA B 108 36.03 22.68 -10.46
N ASN B 109 36.76 23.13 -11.48
CA ASN B 109 36.12 23.85 -12.58
C ASN B 109 35.36 22.90 -13.50
N LYS B 110 35.92 21.70 -13.73
CA LYS B 110 35.28 20.67 -14.55
C LYS B 110 35.11 19.44 -13.68
N PRO B 111 33.96 19.28 -13.01
CA PRO B 111 33.75 18.13 -12.11
C PRO B 111 33.39 16.86 -12.86
N GLU B 112 34.37 16.34 -13.59
CA GLU B 112 34.19 15.15 -14.44
C GLU B 112 35.22 14.10 -14.05
N TYR B 113 34.76 12.87 -13.84
CA TYR B 113 35.60 11.73 -13.61
C TYR B 113 34.96 10.52 -14.27
N PRO B 114 35.77 9.53 -14.69
CA PRO B 114 35.19 8.36 -15.37
C PRO B 114 34.36 7.50 -14.41
N SER B 115 33.27 6.95 -14.95
CA SER B 115 32.30 6.20 -14.15
C SER B 115 32.73 4.75 -14.01
N VAL B 116 32.47 4.19 -12.83
CA VAL B 116 32.81 2.81 -12.53
C VAL B 116 31.62 1.87 -12.80
N THR B 117 30.41 2.43 -12.91
CA THR B 117 29.20 1.65 -13.23
C THR B 117 29.26 0.81 -14.52
N PRO B 118 29.89 1.23 -15.63
CA PRO B 118 30.06 0.27 -16.74
C PRO B 118 30.91 -0.95 -16.42
N ARG B 119 31.77 -0.90 -15.40
CA ARG B 119 32.56 -2.05 -14.99
C ARG B 119 32.05 -2.71 -13.71
N VAL B 120 31.61 -1.93 -12.73
CA VAL B 120 31.07 -2.46 -11.49
C VAL B 120 29.61 -2.06 -11.35
N PRO B 121 28.66 -2.99 -11.46
CA PRO B 121 27.23 -2.63 -11.37
C PRO B 121 26.80 -2.15 -9.99
N ALA B 122 27.59 -2.36 -8.94
CA ALA B 122 27.29 -1.82 -7.61
C ALA B 122 27.48 -0.30 -7.53
N ALA B 123 28.11 0.31 -8.53
CA ALA B 123 28.46 1.72 -8.50
C ALA B 123 27.39 2.63 -9.07
N VAL B 124 26.16 2.13 -9.22
CA VAL B 124 25.15 2.87 -9.99
C VAL B 124 24.57 4.03 -9.17
N TRP B 125 24.40 3.82 -7.86
CA TRP B 125 23.69 4.78 -6.95
C TRP B 125 24.55 5.87 -6.28
N GLY B 126 25.80 5.67 -5.81
CA GLY B 126 26.61 6.75 -5.31
C GLY B 126 27.04 7.68 -6.42
N GLU B 127 27.28 7.13 -7.62
CA GLU B 127 27.49 7.97 -8.79
C GLU B 127 26.23 8.73 -9.16
N ARG B 128 25.05 8.17 -8.91
CA ARG B 128 23.83 8.95 -8.98
C ARG B 128 23.72 9.93 -7.80
N GLU B 129 24.31 9.59 -6.65
CA GLU B 129 24.22 10.47 -5.49
C GLU B 129 25.19 11.64 -5.61
N VAL B 130 26.40 11.42 -6.14
CA VAL B 130 27.35 12.53 -6.28
C VAL B 130 26.95 13.49 -7.40
N ARG B 131 26.08 13.09 -8.33
CA ARG B 131 25.48 14.06 -9.23
C ARG B 131 24.53 14.98 -8.49
N ASP B 132 23.75 14.43 -7.57
CA ASP B 132 22.73 15.21 -6.87
C ASP B 132 23.35 16.10 -5.80
N MET B 133 24.10 15.50 -4.87
CA MET B 133 24.61 16.26 -3.74
C MET B 133 25.83 17.10 -4.06
N TYR B 134 26.60 16.75 -5.10
CA TYR B 134 27.85 17.43 -5.38
C TYR B 134 27.97 17.99 -6.78
N GLY B 135 27.17 17.54 -7.74
CA GLY B 135 27.28 18.06 -9.08
C GLY B 135 28.42 17.50 -9.90
N LEU B 136 29.08 16.46 -9.42
CA LEU B 136 30.12 15.80 -10.19
C LEU B 136 29.49 15.01 -11.34
N ILE B 137 30.26 14.82 -12.41
CA ILE B 137 29.76 14.11 -13.58
C ILE B 137 30.53 12.81 -13.77
N PRO B 138 29.98 11.67 -13.35
CA PRO B 138 30.55 10.39 -13.77
C PRO B 138 30.31 10.15 -15.25
N VAL B 139 31.36 10.24 -16.05
CA VAL B 139 31.23 10.12 -17.50
C VAL B 139 31.06 8.66 -17.87
N GLY B 140 29.97 8.34 -18.55
CA GLY B 140 29.64 6.98 -18.91
C GLY B 140 28.63 6.30 -18.02
N LEU B 141 28.05 7.02 -17.07
CA LEU B 141 27.05 6.45 -16.18
C LEU B 141 25.75 6.21 -16.94
N PRO B 142 25.24 4.98 -16.99
CA PRO B 142 24.06 4.70 -17.84
C PRO B 142 22.77 5.27 -17.30
N ASP B 143 22.66 5.51 -16.00
CA ASP B 143 21.45 6.03 -15.38
C ASP B 143 21.78 7.37 -14.74
N GLU B 144 21.41 8.46 -15.41
CA GLU B 144 21.64 9.81 -14.90
C GLU B 144 20.39 10.39 -14.24
N ARG B 145 19.47 9.54 -13.81
CA ARG B 145 18.26 10.01 -13.17
C ARG B 145 18.55 10.56 -11.78
N ARG B 146 17.78 11.56 -11.37
CA ARG B 146 17.93 12.16 -10.06
C ARG B 146 17.48 11.17 -8.99
N LEU B 147 18.34 10.96 -7.99
CA LEU B 147 18.13 9.90 -7.01
C LEU B 147 17.81 10.43 -5.62
N VAL B 148 18.70 11.24 -5.05
CA VAL B 148 18.55 11.64 -3.65
C VAL B 148 17.66 12.86 -3.52
N LEU B 149 17.84 13.85 -4.38
CA LEU B 149 17.07 15.07 -4.33
C LEU B 149 15.62 14.81 -4.77
N PRO B 150 14.66 15.56 -4.22
CA PRO B 150 13.26 15.38 -4.62
C PRO B 150 13.00 15.97 -6.00
N ASP B 151 11.80 15.69 -6.50
CA ASP B 151 11.43 16.12 -7.85
C ASP B 151 11.24 17.63 -7.93
N ASP B 152 10.85 18.27 -6.83
CA ASP B 152 10.65 19.72 -6.82
C ASP B 152 11.91 20.49 -6.46
N TRP B 153 13.04 19.81 -6.31
CA TRP B 153 14.29 20.50 -6.05
C TRP B 153 14.77 21.20 -7.33
N PRO B 154 15.28 22.42 -7.21
CA PRO B 154 15.77 23.13 -8.41
C PRO B 154 17.03 22.52 -8.97
N ASP B 155 17.23 22.71 -10.27
CA ASP B 155 18.41 22.22 -10.95
C ASP B 155 19.66 23.05 -10.66
N GLU B 156 20.82 22.39 -10.76
CA GLU B 156 22.15 22.96 -10.51
C GLU B 156 22.21 23.64 -9.14
N LEU B 157 21.67 22.95 -8.13
CA LEU B 157 21.73 23.39 -6.74
C LEU B 157 22.14 22.13 -5.99
N TYR B 158 23.38 22.09 -5.55
CA TYR B 158 23.97 20.88 -4.95
C TYR B 158 24.19 21.10 -3.46
N PRO B 159 23.43 20.42 -2.60
CA PRO B 159 23.42 20.80 -1.17
C PRO B 159 24.68 20.44 -0.42
N LEU B 160 25.42 19.40 -0.83
CA LEU B 160 26.59 19.01 -0.07
C LEU B 160 27.84 19.79 -0.47
N ARG B 161 27.76 20.68 -1.45
CA ARG B 161 28.82 21.64 -1.69
C ARG B 161 28.80 22.68 -0.58
N LYS B 162 29.99 23.08 -0.13
CA LYS B 162 30.10 23.91 1.07
C LYS B 162 29.76 25.37 0.83
N ASP B 163 29.72 25.83 -0.42
CA ASP B 163 29.39 27.21 -0.71
C ASP B 163 28.18 27.37 -1.62
N SER B 164 27.51 26.28 -1.98
CA SER B 164 26.41 26.36 -2.93
C SER B 164 25.16 26.96 -2.28
N MET B 165 24.88 26.60 -1.04
CA MET B 165 23.62 26.98 -0.42
C MET B 165 23.79 26.96 1.10
N ASP B 166 22.90 27.67 1.78
CA ASP B 166 22.78 27.56 3.22
C ASP B 166 21.87 26.39 3.56
N TYR B 167 22.19 25.70 4.66
CA TYR B 167 21.43 24.51 5.03
C TYR B 167 20.02 24.84 5.51
N ARG B 168 19.76 26.09 5.91
CA ARG B 168 18.44 26.51 6.33
C ARG B 168 17.58 27.03 5.20
N GLN B 169 18.12 27.10 3.98
CA GLN B 169 17.40 27.68 2.85
C GLN B 169 16.44 26.64 2.30
N ARG B 170 15.16 27.02 2.15
CA ARG B 170 14.17 26.12 1.55
C ARG B 170 13.68 26.74 0.25
N PRO B 171 14.11 26.22 -0.90
CA PRO B 171 13.67 26.78 -2.18
C PRO B 171 12.21 26.46 -2.47
N ALA B 172 11.62 27.29 -3.32
CA ALA B 172 10.25 27.07 -3.74
C ALA B 172 10.17 25.80 -4.60
N PRO B 173 9.09 25.02 -4.46
CA PRO B 173 8.96 23.81 -5.28
C PRO B 173 8.77 24.15 -6.75
N THR B 174 9.62 23.55 -7.59
CA THR B 174 9.51 23.75 -9.04
C THR B 174 8.27 23.10 -9.62
N THR B 175 7.73 22.07 -8.97
CA THR B 175 6.52 21.42 -9.40
C THR B 175 5.84 20.80 -8.18
N ASP B 176 4.54 20.56 -8.32
CA ASP B 176 3.78 19.82 -7.31
C ASP B 176 3.56 18.37 -7.69
N ALA B 177 3.36 18.09 -8.98
CA ALA B 177 3.29 16.72 -9.46
C ALA B 177 4.69 16.16 -9.70
N GLU B 178 4.82 14.85 -9.52
CA GLU B 178 6.12 14.20 -9.61
C GLU B 178 6.56 14.10 -11.06
N THR B 179 7.81 14.49 -11.33
CA THR B 179 8.37 14.48 -12.67
C THR B 179 9.36 13.33 -12.88
N TYR B 180 9.41 12.38 -11.97
CA TYR B 180 10.36 11.28 -12.08
C TYR B 180 9.99 10.29 -13.19
N GLU B 181 10.97 9.91 -14.00
CA GLU B 181 10.76 8.94 -15.05
C GLU B 181 11.12 7.52 -14.64
N PHE B 182 10.31 6.56 -15.06
CA PHE B 182 10.43 5.18 -14.64
C PHE B 182 10.79 4.32 -15.85
N ILE B 183 11.62 3.31 -15.61
CA ILE B 183 12.16 2.47 -16.67
C ILE B 183 11.44 1.14 -16.65
N ASN B 184 10.81 0.79 -17.77
CA ASN B 184 10.18 -0.51 -17.99
C ASN B 184 10.98 -1.20 -19.07
N GLU B 185 11.88 -2.10 -18.67
CA GLU B 185 12.75 -2.76 -19.64
C GLU B 185 12.08 -3.97 -20.27
N LEU B 186 11.54 -4.87 -19.45
CA LEU B 186 11.00 -6.13 -19.95
C LEU B 186 9.59 -6.00 -20.50
N GLY B 187 8.91 -4.88 -20.26
CA GLY B 187 7.56 -4.69 -20.71
C GLY B 187 7.43 -3.64 -21.79
N ASP B 188 6.18 -3.31 -22.11
CA ASP B 188 5.88 -2.29 -23.11
C ASP B 188 4.93 -1.26 -22.49
N LYS B 189 4.42 -0.35 -23.32
CA LYS B 189 3.47 0.65 -22.86
C LYS B 189 2.07 0.07 -22.69
N LYS B 190 1.92 -1.19 -23.06
CA LYS B 190 0.61 -1.89 -22.95
C LYS B 190 0.46 -2.46 -21.54
N ASN B 191 1.48 -2.32 -20.69
CA ASN B 191 1.40 -2.70 -19.29
C ASN B 191 0.76 -1.63 -18.42
N ASN B 192 -0.02 -2.06 -17.45
CA ASN B 192 -0.52 -1.16 -16.42
C ASN B 192 0.51 -1.02 -15.31
N VAL B 193 0.34 0.01 -14.49
CA VAL B 193 1.22 0.24 -13.34
C VAL B 193 0.39 0.12 -12.07
N VAL B 194 0.94 -0.59 -11.09
CA VAL B 194 0.34 -0.69 -9.76
C VAL B 194 1.21 0.12 -8.80
N PRO B 195 0.77 1.29 -8.38
CA PRO B 195 1.59 2.09 -7.48
C PRO B 195 1.54 1.61 -6.04
N ILE B 196 2.57 0.91 -5.59
CA ILE B 196 2.71 0.56 -4.18
C ILE B 196 3.52 1.66 -3.53
N GLY B 197 2.86 2.48 -2.70
CA GLY B 197 3.52 3.59 -2.08
C GLY B 197 3.29 4.89 -2.80
N PRO B 198 3.69 6.02 -2.20
CA PRO B 198 4.31 6.21 -0.87
C PRO B 198 3.38 6.01 0.34
N LEU B 199 2.07 5.95 0.11
CA LEU B 199 1.14 5.83 1.22
C LEU B 199 0.28 4.58 1.10
N HIS B 200 0.91 3.45 0.80
CA HIS B 200 0.27 2.15 0.83
C HIS B 200 0.13 1.66 2.27
N VAL B 201 -0.68 0.61 2.45
CA VAL B 201 -0.80 -0.02 3.77
C VAL B 201 0.51 -0.67 4.16
N THR B 202 1.15 -1.35 3.23
CA THR B 202 2.45 -1.95 3.45
C THR B 202 3.59 -0.95 3.42
N SER B 203 3.34 0.26 2.92
CA SER B 203 4.33 1.32 3.01
C SER B 203 4.39 1.83 4.43
N ASP B 204 5.18 1.15 5.26
CA ASP B 204 5.38 1.56 6.64
C ASP B 204 6.10 2.89 6.70
N GLU B 205 7.02 3.06 5.74
CA GLU B 205 7.71 4.34 5.51
C GLU B 205 7.50 4.63 4.03
N PRO B 206 7.46 5.90 3.57
CA PRO B 206 7.15 6.21 2.17
C PRO B 206 8.20 5.68 1.21
N GLY B 207 7.75 4.86 0.27
CA GLY B 207 8.53 4.49 -0.89
C GLY B 207 7.61 4.04 -2.00
N HIS B 208 7.73 4.64 -3.17
CA HIS B 208 6.82 4.36 -4.28
C HIS B 208 7.42 3.27 -5.17
N PHE B 209 6.61 2.26 -5.47
CA PHE B 209 7.04 1.14 -6.31
C PHE B 209 6.14 1.05 -7.53
N ARG B 210 6.74 1.06 -8.69
CA ARG B 210 5.94 1.01 -9.91
C ARG B 210 6.01 -0.43 -10.40
N LEU B 211 4.88 -1.13 -10.35
CA LEU B 211 4.75 -2.51 -10.79
C LEU B 211 4.17 -2.49 -12.20
N PHE B 212 5.05 -2.62 -13.20
CA PHE B 212 4.62 -2.72 -14.59
C PHE B 212 4.03 -4.10 -14.79
N VAL B 213 2.71 -4.21 -14.73
CA VAL B 213 2.05 -5.50 -14.64
C VAL B 213 1.30 -5.81 -15.93
N ASP B 214 1.08 -7.09 -16.16
CA ASP B 214 0.18 -7.62 -17.18
C ASP B 214 -0.90 -8.37 -16.42
N GLY B 215 -1.90 -7.65 -15.93
CA GLY B 215 -2.89 -8.31 -15.07
C GLY B 215 -2.39 -8.28 -13.65
N GLU B 216 -2.04 -9.44 -13.10
CA GLU B 216 -1.46 -9.50 -11.74
C GLU B 216 -0.10 -10.19 -11.83
N ASN B 217 0.70 -9.89 -12.85
CA ASN B 217 2.00 -10.56 -13.03
C ASN B 217 2.96 -9.43 -13.30
N ILE B 218 3.97 -9.30 -12.46
CA ILE B 218 4.93 -8.20 -12.58
C ILE B 218 5.89 -8.51 -13.71
N ILE B 219 5.76 -7.78 -14.82
CA ILE B 219 6.69 -7.93 -15.93
C ILE B 219 8.04 -7.30 -15.58
N ASP B 220 7.99 -6.07 -15.07
CA ASP B 220 9.18 -5.37 -14.61
C ASP B 220 8.78 -4.45 -13.48
N ALA B 221 9.75 -4.00 -12.71
CA ALA B 221 9.49 -3.15 -11.56
C ALA B 221 10.55 -2.05 -11.48
N ASP B 222 10.11 -0.81 -11.56
CA ASP B 222 10.90 0.34 -11.17
C ASP B 222 10.28 0.93 -9.91
N TYR B 223 11.07 1.77 -9.23
CA TYR B 223 10.69 2.39 -7.94
C TYR B 223 11.27 3.79 -7.71
N ARG B 224 10.50 4.69 -7.10
CA ARG B 224 10.97 6.00 -6.66
C ARG B 224 11.06 5.99 -5.15
N LEU B 225 12.20 6.41 -4.63
CA LEU B 225 12.45 6.50 -3.20
C LEU B 225 12.90 7.91 -2.86
N PHE B 226 13.51 8.03 -1.68
CA PHE B 226 14.08 9.25 -1.13
C PHE B 226 13.00 10.28 -0.83
N TYR B 227 11.85 9.77 -0.40
CA TYR B 227 10.79 10.57 0.19
C TYR B 227 11.12 10.99 1.61
N VAL B 228 11.98 10.23 2.29
CA VAL B 228 12.28 10.43 3.69
C VAL B 228 13.57 11.25 3.84
N HIS B 229 14.23 11.57 2.72
CA HIS B 229 15.48 12.32 2.74
C HIS B 229 15.29 13.72 3.32
N ARG B 230 16.03 13.99 4.40
CA ARG B 230 15.93 15.26 5.11
C ARG B 230 17.14 16.15 4.92
N GLY B 231 18.28 15.59 4.53
CA GLY B 231 19.50 16.35 4.38
C GLY B 231 20.41 16.23 5.59
N MET B 232 20.59 15.00 6.06
CA MET B 232 21.18 14.79 7.37
C MET B 232 22.67 15.01 7.37
N GLU B 233 23.34 14.69 6.26
CA GLU B 233 24.78 14.85 6.16
C GLU B 233 25.16 16.33 6.10
N LYS B 234 24.28 17.17 5.57
CA LYS B 234 24.50 18.61 5.63
C LYS B 234 24.29 19.15 7.03
N LEU B 235 23.33 18.58 7.78
CA LEU B 235 23.09 19.00 9.15
C LEU B 235 24.24 18.63 10.07
N ALA B 236 24.93 17.53 9.76
CA ALA B 236 26.01 17.04 10.63
C ALA B 236 27.26 17.91 10.56
N GLU B 237 27.42 18.71 9.49
CA GLU B 237 28.60 19.55 9.34
C GLU B 237 28.30 21.03 9.50
N THR B 238 27.04 21.41 9.71
CA THR B 238 26.66 22.81 9.82
C THR B 238 26.17 23.18 11.22
N ARG B 239 25.14 22.51 11.74
CA ARG B 239 24.56 22.90 13.06
C ARG B 239 24.99 21.96 14.18
N MET B 240 25.56 20.80 13.88
CA MET B 240 25.83 19.81 14.90
C MET B 240 27.32 19.79 15.26
N GLY B 241 27.59 19.48 16.53
CA GLY B 241 28.93 19.11 16.96
C GLY B 241 29.13 17.60 16.85
N TYR B 242 30.30 17.12 17.20
CA TYR B 242 30.57 15.67 17.12
C TYR B 242 29.59 14.87 17.97
N ASN B 243 29.30 15.28 19.21
CA ASN B 243 28.47 14.50 20.15
C ASN B 243 26.99 14.65 19.83
N GLU B 244 26.64 15.64 19.03
CA GLU B 244 25.25 15.87 18.62
C GLU B 244 24.94 15.00 17.40
N VAL B 245 25.93 14.63 16.58
CA VAL B 245 25.65 13.73 15.47
C VAL B 245 25.35 12.32 15.99
N THR B 246 25.83 11.97 17.19
CA THR B 246 25.48 10.69 17.82
C THR B 246 23.99 10.57 18.05
N PHE B 247 23.33 11.67 18.41
CA PHE B 247 21.88 11.69 18.49
C PHE B 247 21.25 11.90 17.12
N LEU B 248 21.94 12.59 16.21
CA LEU B 248 21.47 12.68 14.84
C LEU B 248 21.55 11.33 14.13
N SER B 249 22.59 10.56 14.42
CA SER B 249 22.70 9.22 13.83
C SER B 249 21.66 8.27 14.41
N ASP B 250 21.21 8.51 15.64
CA ASP B 250 20.08 7.75 16.19
C ASP B 250 18.78 8.04 15.46
N ARG B 251 18.76 9.05 14.63
CA ARG B 251 17.52 9.47 13.95
C ARG B 251 17.67 9.27 12.46
N VAL B 252 18.76 8.66 11.99
CA VAL B 252 18.79 8.22 10.60
C VAL B 252 17.62 7.30 10.33
N CYS B 253 17.44 6.34 11.26
CA CYS B 253 16.38 5.33 11.15
C CYS B 253 15.97 4.91 12.54
N GLY B 254 14.70 4.98 12.85
CA GLY B 254 14.30 4.66 14.21
C GLY B 254 14.36 3.20 14.51
N ILE B 255 14.65 2.35 13.55
CA ILE B 255 14.73 0.87 13.73
C ILE B 255 16.19 0.46 13.91
N CYS B 256 17.14 1.18 13.32
CA CYS B 256 18.55 0.73 13.39
C CYS B 256 19.37 1.93 13.75
N GLY B 257 18.74 2.82 14.48
CA GLY B 257 19.35 4.08 14.88
C GLY B 257 20.63 3.91 15.68
N PHE B 258 20.69 2.89 16.53
CA PHE B 258 21.91 2.65 17.29
C PHE B 258 23.02 2.07 16.42
N ALA B 259 22.66 1.41 15.31
CA ALA B 259 23.66 0.95 14.37
C ALA B 259 24.34 2.14 13.68
N HIS B 260 23.52 3.14 13.38
CA HIS B 260 24.09 4.37 12.79
C HIS B 260 24.86 5.10 13.87
N SER B 261 24.36 5.10 15.09
CA SER B 261 25.02 5.79 16.21
C SER B 261 26.37 5.15 16.52
N THR B 262 26.46 3.82 16.45
CA THR B 262 27.73 3.15 16.71
C THR B 262 28.68 3.27 15.53
N ALA B 263 28.17 3.22 14.30
CA ALA B 263 29.03 3.36 13.13
C ALA B 263 29.56 4.78 12.99
N TYR B 264 28.77 5.78 13.38
CA TYR B 264 29.31 7.14 13.41
C TYR B 264 30.35 7.29 14.52
N THR B 265 30.07 6.72 15.69
CA THR B 265 30.94 6.91 16.85
C THR B 265 32.28 6.21 16.65
N THR B 266 32.28 4.99 16.12
CA THR B 266 33.54 4.33 15.80
C THR B 266 34.03 4.56 14.38
N SER B 267 34.05 5.82 13.96
CA SER B 267 34.67 6.42 12.81
C SER B 267 35.36 7.75 13.14
N VAL B 268 34.79 8.48 14.09
CA VAL B 268 35.49 9.61 14.70
C VAL B 268 36.56 9.02 15.61
N GLU B 269 36.19 7.99 16.38
CA GLU B 269 37.16 7.33 17.25
C GLU B 269 38.20 6.54 16.46
N ASN B 270 37.80 5.97 15.32
CA ASN B 270 38.77 5.33 14.45
C ASN B 270 39.66 6.34 13.75
N ALA B 271 39.13 7.53 13.46
CA ALA B 271 39.95 8.60 12.87
C ALA B 271 40.94 9.15 13.87
N MET B 272 40.60 9.16 15.16
CA MET B 272 41.44 9.77 16.17
C MET B 272 42.23 8.77 16.99
N GLY B 273 42.01 7.48 16.81
CA GLY B 273 42.67 6.48 17.65
C GLY B 273 42.21 6.54 19.10
N ILE B 274 40.93 6.82 19.33
CA ILE B 274 40.40 6.95 20.68
C ILE B 274 40.23 5.57 21.27
N GLN B 275 40.82 5.35 22.45
CA GLN B 275 40.74 4.05 23.13
C GLN B 275 39.51 4.06 24.01
N VAL B 276 38.40 3.57 23.46
CA VAL B 276 37.15 3.40 24.21
C VAL B 276 37.36 2.31 25.26
N PRO B 277 36.86 2.49 26.48
CA PRO B 277 36.97 1.43 27.49
C PRO B 277 36.25 0.13 27.13
N GLU B 278 36.78 -0.98 27.64
CA GLU B 278 36.31 -2.30 27.26
C GLU B 278 34.86 -2.57 27.68
N ARG B 279 34.41 -1.96 28.77
CA ARG B 279 33.01 -2.07 29.15
C ARG B 279 32.05 -1.37 28.21
N ALA B 280 32.43 -0.20 27.69
CA ALA B 280 31.57 0.53 26.76
C ALA B 280 31.45 -0.19 25.42
N GLN B 281 32.50 -0.90 25.00
CA GLN B 281 32.44 -1.60 23.72
C GLN B 281 31.50 -2.79 23.77
N MET B 282 31.45 -3.49 24.91
CA MET B 282 30.60 -4.67 25.00
C MET B 282 29.13 -4.28 25.17
N ILE B 283 28.85 -3.21 25.93
CA ILE B 283 27.48 -2.70 26.05
C ILE B 283 27.01 -2.13 24.71
N ARG B 284 27.93 -1.56 23.92
CA ARG B 284 27.62 -1.22 22.54
C ARG B 284 27.30 -2.46 21.73
N ALA B 285 28.05 -3.55 21.95
CA ALA B 285 27.79 -4.80 21.22
C ALA B 285 26.51 -5.47 21.72
N ILE B 286 26.17 -5.31 23.00
CA ILE B 286 24.95 -5.91 23.53
C ILE B 286 23.72 -5.20 22.96
N LEU B 287 23.72 -3.87 22.99
CA LEU B 287 22.57 -3.10 22.52
C LEU B 287 22.45 -3.10 21.00
N LEU B 288 23.51 -3.45 20.27
CA LEU B 288 23.36 -3.70 18.85
C LEU B 288 22.59 -4.98 18.59
N GLU B 289 22.65 -5.93 19.54
CA GLU B 289 21.88 -7.17 19.45
C GLU B 289 20.47 -7.02 20.01
N VAL B 290 20.27 -6.12 20.98
CA VAL B 290 18.92 -5.78 21.42
C VAL B 290 18.16 -5.08 20.30
N GLU B 291 18.84 -4.18 19.58
CA GLU B 291 18.27 -3.56 18.39
C GLU B 291 17.99 -4.59 17.31
N ARG B 292 18.84 -5.62 17.20
CA ARG B 292 18.62 -6.69 16.22
C ARG B 292 17.41 -7.53 16.59
N LEU B 293 17.14 -7.68 17.90
CA LEU B 293 16.03 -8.50 18.37
C LEU B 293 14.68 -7.90 17.96
N HIS B 294 14.50 -6.60 18.17
CA HIS B 294 13.23 -5.98 17.81
C HIS B 294 13.09 -5.85 16.30
N SER B 295 14.17 -5.61 15.57
CA SER B 295 14.07 -5.38 14.11
C SER B 295 13.69 -6.67 13.39
N HIS B 296 14.27 -7.80 13.77
CA HIS B 296 13.98 -9.06 13.05
C HIS B 296 12.58 -9.52 13.40
N LEU B 297 12.09 -9.27 14.61
CA LEU B 297 10.71 -9.59 14.93
C LEU B 297 9.74 -8.59 14.30
N LEU B 298 10.18 -7.35 14.08
CA LEU B 298 9.39 -6.41 13.30
C LEU B 298 9.26 -6.87 11.86
N ASN B 299 10.35 -7.38 11.30
CA ASN B 299 10.33 -7.88 9.90
C ASN B 299 9.51 -9.17 9.84
N LEU B 300 9.69 -10.04 10.80
CA LEU B 300 8.95 -11.31 10.79
C LEU B 300 7.46 -11.08 11.04
N GLY B 301 7.13 -10.11 11.90
CA GLY B 301 5.73 -9.78 12.10
C GLY B 301 5.11 -9.13 10.88
N LEU B 302 5.85 -8.27 10.19
CA LEU B 302 5.35 -7.66 8.97
C LEU B 302 5.31 -8.66 7.82
N ALA B 303 6.20 -9.66 7.83
CA ALA B 303 6.12 -10.73 6.84
C ALA B 303 4.86 -11.56 7.04
N CYS B 304 4.48 -11.80 8.30
CA CYS B 304 3.17 -12.40 8.57
C CYS B 304 2.04 -11.47 8.16
N HIS B 305 2.22 -10.17 8.39
CA HIS B 305 1.17 -9.19 8.11
C HIS B 305 0.88 -9.09 6.62
N PHE B 306 1.92 -9.12 5.78
CA PHE B 306 1.74 -8.92 4.34
C PHE B 306 1.07 -10.09 3.66
N THR B 307 1.09 -11.28 4.26
CA THR B 307 0.42 -12.45 3.71
C THR B 307 -1.00 -12.61 4.22
N GLY B 308 -1.50 -11.66 5.01
CA GLY B 308 -2.81 -11.75 5.60
C GLY B 308 -2.85 -12.36 6.97
N PHE B 309 -1.75 -12.98 7.40
CA PHE B 309 -1.64 -13.59 8.73
C PHE B 309 -1.41 -12.48 9.74
N ASP B 310 -2.49 -11.76 10.07
CA ASP B 310 -2.40 -10.66 11.02
C ASP B 310 -2.21 -11.16 12.45
N SER B 311 -2.54 -12.41 12.72
CA SER B 311 -2.29 -12.99 14.04
C SER B 311 -0.80 -13.17 14.28
N GLY B 312 -0.05 -13.57 13.25
CA GLY B 312 1.39 -13.64 13.38
C GLY B 312 2.05 -12.29 13.50
N PHE B 313 1.43 -11.26 12.91
CA PHE B 313 1.87 -9.89 13.14
C PHE B 313 1.67 -9.50 14.60
N MET B 314 0.55 -9.90 15.19
CA MET B 314 0.27 -9.61 16.59
C MET B 314 1.16 -10.41 17.51
N GLN B 315 1.43 -11.67 17.15
CA GLN B 315 2.25 -12.53 17.98
C GLN B 315 3.69 -12.07 18.03
N PHE B 316 4.26 -11.69 16.87
CA PHE B 316 5.65 -11.26 16.84
C PHE B 316 5.85 -9.89 17.48
N PHE B 317 4.83 -9.02 17.42
CA PHE B 317 4.93 -7.72 18.06
C PHE B 317 4.65 -7.78 19.55
N ARG B 318 4.06 -8.88 20.04
CA ARG B 318 3.92 -9.06 21.48
C ARG B 318 5.25 -9.45 22.10
N VAL B 319 6.05 -10.24 21.38
CA VAL B 319 7.37 -10.64 21.85
C VAL B 319 8.41 -9.56 21.59
N ARG B 320 8.14 -8.70 20.60
CA ARG B 320 9.02 -7.56 20.33
C ARG B 320 9.05 -6.58 21.49
N GLU B 321 7.94 -6.49 22.25
CA GLU B 321 7.87 -5.59 23.40
C GLU B 321 8.78 -6.03 24.55
N THR B 322 9.19 -7.30 24.58
CA THR B 322 10.21 -7.73 25.52
C THR B 322 11.55 -7.05 25.23
N SER B 323 11.92 -6.97 23.95
CA SER B 323 13.16 -6.28 23.58
C SER B 323 13.05 -4.77 23.71
N MET B 324 11.85 -4.21 23.51
CA MET B 324 11.66 -2.78 23.78
C MET B 324 11.72 -2.49 25.28
N LYS B 325 11.29 -3.45 26.11
CA LYS B 325 11.45 -3.31 27.55
C LYS B 325 12.91 -3.43 27.96
N MET B 326 13.66 -4.31 27.30
CA MET B 326 15.10 -4.39 27.53
C MET B 326 15.80 -3.11 27.13
N ALA B 327 15.40 -2.52 26.01
CA ALA B 327 16.00 -1.27 25.54
C ALA B 327 15.68 -0.11 26.46
N GLU B 328 14.48 -0.09 27.04
CA GLU B 328 14.12 0.96 28.00
C GLU B 328 14.89 0.81 29.31
N ILE B 329 15.15 -0.43 29.72
CA ILE B 329 15.91 -0.67 30.94
C ILE B 329 17.38 -0.31 30.73
N LEU B 330 17.96 -0.73 29.60
CA LEU B 330 19.39 -0.54 29.39
C LEU B 330 19.76 0.89 29.01
N THR B 331 18.91 1.60 28.26
CA THR B 331 19.27 2.91 27.73
C THR B 331 18.44 4.06 28.28
N GLY B 332 17.27 3.80 28.87
CA GLY B 332 16.40 4.85 29.33
C GLY B 332 15.36 5.28 28.32
N ALA B 333 15.43 4.79 27.10
CA ALA B 333 14.42 5.04 26.09
C ALA B 333 14.08 3.74 25.39
N ARG B 334 12.94 3.61 24.74
CA ARG B 334 12.55 2.33 24.12
C ARG B 334 13.22 2.08 22.77
N LYS B 335 13.40 3.14 21.97
CA LYS B 335 13.92 3.01 20.59
C LYS B 335 15.11 3.93 20.36
N THR B 336 14.98 5.21 20.68
CA THR B 336 16.08 6.16 20.35
C THR B 336 16.95 6.08 21.59
N TYR B 337 18.04 5.35 21.52
CA TYR B 337 18.74 4.98 22.75
C TYR B 337 19.46 6.17 23.38
N GLY B 338 20.15 6.96 22.56
CA GLY B 338 20.95 8.06 23.08
C GLY B 338 22.07 7.60 23.98
N LEU B 339 22.66 6.46 23.65
CA LEU B 339 23.67 5.86 24.52
C LEU B 339 25.07 6.34 24.22
N ASN B 340 25.39 6.57 22.95
CA ASN B 340 26.77 6.80 22.53
C ASN B 340 27.14 8.28 22.61
N LEU B 341 28.33 8.51 23.15
CA LEU B 341 28.95 9.83 23.06
C LEU B 341 30.23 9.44 22.34
N ILE B 342 31.04 10.38 21.90
CA ILE B 342 32.34 9.98 21.30
C ILE B 342 33.30 9.74 22.46
N GLY B 343 33.89 8.55 22.54
CA GLY B 343 34.78 8.22 23.66
C GLY B 343 34.15 7.23 24.60
N GLY B 344 32.84 7.03 24.50
CA GLY B 344 32.22 6.01 25.33
C GLY B 344 30.71 5.94 25.25
N ILE B 345 30.06 5.51 26.34
CA ILE B 345 28.61 5.42 26.40
C ILE B 345 28.10 6.20 27.61
N ARG B 346 26.80 6.50 27.65
CA ARG B 346 26.26 7.43 28.67
C ARG B 346 25.56 6.78 29.87
N ARG B 347 25.38 5.46 29.83
CA ARG B 347 24.64 4.72 30.88
C ARG B 347 25.33 3.43 31.32
N ASP B 348 25.40 3.12 32.63
CA ASP B 348 25.95 1.83 33.02
C ASP B 348 24.85 0.78 33.19
N LEU B 349 25.24 -0.43 33.58
CA LEU B 349 24.28 -1.52 33.89
C LEU B 349 24.49 -1.95 35.33
N LEU B 350 23.69 -1.48 36.28
CA LEU B 350 23.71 -1.85 37.68
C LEU B 350 22.86 -3.12 37.66
N LYS B 351 22.80 -3.85 38.78
CA LYS B 351 22.13 -5.18 38.80
C LYS B 351 20.62 -5.28 38.49
N ASP B 352 19.82 -4.27 38.84
CA ASP B 352 18.39 -4.34 38.55
C ASP B 352 18.34 -4.27 37.03
N ASP B 353 19.29 -3.57 36.41
CA ASP B 353 19.39 -3.61 34.96
C ASP B 353 19.90 -4.96 34.47
N MET B 354 20.90 -5.52 35.15
CA MET B 354 21.37 -6.86 34.82
C MET B 354 20.32 -7.91 35.12
N ILE B 355 19.62 -7.79 36.25
CA ILE B 355 18.68 -8.83 36.66
C ILE B 355 17.49 -8.86 35.72
N GLN B 356 16.86 -7.70 35.46
CA GLN B 356 15.64 -7.67 34.64
C GLN B 356 15.91 -8.07 33.19
N THR B 357 17.02 -7.60 32.61
CA THR B 357 17.28 -7.90 31.21
C THR B 357 17.70 -9.35 31.01
N ARG B 358 18.26 -9.98 32.03
CA ARG B 358 18.67 -11.40 31.92
C ARG B 358 17.37 -12.19 31.96
N GLN B 359 16.45 -11.84 32.85
CA GLN B 359 15.14 -12.50 32.88
C GLN B 359 14.40 -12.36 31.55
N LEU B 360 14.38 -11.15 31.00
CA LEU B 360 13.72 -10.92 29.71
C LEU B 360 14.36 -11.58 28.50
N ALA B 361 15.69 -11.75 28.52
CA ALA B 361 16.36 -12.44 27.41
C ALA B 361 16.08 -13.94 27.42
N GLN B 362 16.01 -14.55 28.60
CA GLN B 362 15.63 -15.97 28.66
C GLN B 362 14.14 -16.15 28.41
N GLN B 363 13.33 -15.15 28.77
CA GLN B 363 11.91 -15.19 28.42
C GLN B 363 11.72 -15.07 26.91
N MET B 364 12.59 -14.29 26.25
CA MET B 364 12.48 -14.07 24.81
C MET B 364 12.82 -15.33 24.03
N ARG B 365 13.77 -16.14 24.53
CA ARG B 365 14.26 -17.28 23.76
C ARG B 365 13.22 -18.40 23.67
N ARG B 366 12.50 -18.64 24.75
CA ARG B 366 11.49 -19.71 24.79
C ARG B 366 10.26 -19.25 24.04
N GLU B 367 10.11 -17.96 23.89
CA GLU B 367 8.90 -17.40 23.33
C GLU B 367 9.02 -17.15 21.82
N VAL B 368 10.23 -16.87 21.34
CA VAL B 368 10.49 -16.83 19.90
C VAL B 368 10.42 -18.23 19.29
N GLN B 369 10.93 -19.23 20.02
CA GLN B 369 10.93 -20.62 19.55
C GLN B 369 9.52 -21.16 19.32
N GLU B 370 8.56 -20.68 20.10
CA GLU B 370 7.16 -21.10 19.93
C GLU B 370 6.52 -20.35 18.76
N LEU B 371 7.04 -19.18 18.38
CA LEU B 371 6.49 -18.47 17.24
C LEU B 371 7.00 -19.00 15.91
N VAL B 372 8.22 -19.52 15.88
CA VAL B 372 8.73 -20.13 14.66
C VAL B 372 7.95 -21.41 14.34
N ASP B 373 7.53 -22.13 15.37
CA ASP B 373 6.72 -23.32 15.17
C ASP B 373 5.33 -22.99 14.63
N VAL B 374 4.78 -21.83 15.00
CA VAL B 374 3.45 -21.46 14.52
C VAL B 374 3.57 -20.62 13.24
N LEU B 375 4.80 -20.38 12.80
CA LEU B 375 5.04 -19.73 11.51
C LEU B 375 5.39 -20.70 10.40
N LEU B 376 6.20 -21.71 10.67
CA LEU B 376 6.47 -22.74 9.67
C LEU B 376 5.33 -23.75 9.52
N SER B 377 4.37 -23.75 10.46
CA SER B 377 3.18 -24.59 10.34
C SER B 377 1.94 -23.77 9.97
N THR B 378 2.14 -22.52 9.55
CA THR B 378 1.03 -21.70 9.07
C THR B 378 0.57 -22.22 7.71
N PRO B 379 -0.74 -22.49 7.51
CA PRO B 379 -1.22 -23.26 6.36
C PRO B 379 -0.92 -22.74 4.95
N ASN B 380 -0.78 -21.44 4.74
CA ASN B 380 -0.42 -20.96 3.41
C ASN B 380 0.91 -20.20 3.40
N MET B 381 1.65 -20.21 4.50
CA MET B 381 2.93 -19.49 4.54
C MET B 381 4.00 -20.14 3.68
N GLU B 382 3.92 -21.44 3.42
CA GLU B 382 4.90 -22.09 2.58
C GLU B 382 4.72 -21.75 1.10
N GLN B 383 3.48 -21.69 0.62
CA GLN B 383 3.26 -21.38 -0.80
C GLN B 383 3.34 -19.89 -1.10
N ARG B 384 3.33 -19.04 -0.08
CA ARG B 384 3.54 -17.61 -0.29
C ARG B 384 5.01 -17.20 -0.26
N THR B 385 5.89 -18.04 0.28
CA THR B 385 7.26 -17.61 0.57
C THR B 385 8.31 -18.44 -0.16
N VAL B 386 8.03 -19.71 -0.45
CA VAL B 386 9.01 -20.59 -1.07
C VAL B 386 9.06 -20.29 -2.57
N GLY B 387 10.25 -20.00 -3.09
CA GLY B 387 10.42 -19.72 -4.50
C GLY B 387 9.93 -18.37 -4.95
N ILE B 388 9.64 -17.47 -4.02
CA ILE B 388 9.07 -16.16 -4.32
C ILE B 388 10.16 -15.12 -4.07
N GLY B 389 10.30 -14.18 -5.01
CA GLY B 389 11.24 -13.09 -4.86
C GLY B 389 12.69 -13.55 -4.85
N ARG B 390 13.06 -14.37 -5.83
CA ARG B 390 14.38 -14.98 -5.84
C ARG B 390 15.45 -13.94 -6.17
N LEU B 391 16.45 -13.85 -5.32
CA LEU B 391 17.64 -13.03 -5.56
C LEU B 391 18.73 -13.94 -6.12
N ASP B 392 19.06 -13.75 -7.38
CA ASP B 392 20.08 -14.55 -8.05
C ASP B 392 21.45 -14.27 -7.43
N PRO B 393 22.20 -15.30 -7.01
CA PRO B 393 23.42 -15.09 -6.22
C PRO B 393 24.53 -14.32 -6.92
N GLU B 394 24.71 -14.52 -8.23
CA GLU B 394 25.73 -13.75 -8.94
C GLU B 394 25.24 -12.35 -9.28
N ILE B 395 23.92 -12.13 -9.28
CA ILE B 395 23.39 -10.77 -9.31
C ILE B 395 23.67 -10.07 -7.97
N ALA B 396 23.55 -10.81 -6.87
CA ALA B 396 23.83 -10.24 -5.54
C ALA B 396 25.31 -9.93 -5.35
N ARG B 397 26.19 -10.67 -6.02
CA ARG B 397 27.62 -10.38 -5.92
C ARG B 397 27.98 -9.12 -6.71
N ASP B 398 27.38 -8.96 -7.90
CA ASP B 398 27.73 -7.84 -8.77
C ASP B 398 27.26 -6.50 -8.19
N PHE B 399 26.09 -6.48 -7.57
CA PHE B 399 25.55 -5.25 -7.00
C PHE B 399 25.95 -5.03 -5.55
N SER B 400 26.75 -5.93 -4.99
CA SER B 400 27.28 -5.87 -3.62
C SER B 400 26.17 -5.75 -2.59
N ASN B 401 25.27 -6.74 -2.63
CA ASN B 401 24.19 -6.80 -1.66
C ASN B 401 24.75 -7.21 -0.29
N VAL B 402 24.07 -6.75 0.76
CA VAL B 402 24.55 -6.93 2.13
C VAL B 402 23.49 -7.63 2.96
N GLY B 403 23.94 -8.29 4.02
CA GLY B 403 23.08 -8.77 5.08
C GLY B 403 22.31 -10.04 4.80
N PRO B 404 21.13 -10.16 5.45
CA PRO B 404 20.31 -11.38 5.31
C PRO B 404 19.82 -11.65 3.90
N MET B 405 19.77 -10.60 3.08
CA MET B 405 19.33 -10.77 1.70
C MET B 405 20.44 -11.39 0.85
N VAL B 406 21.71 -11.10 1.14
CA VAL B 406 22.79 -11.74 0.40
C VAL B 406 23.24 -13.03 1.12
N ARG B 407 22.98 -13.14 2.43
CA ARG B 407 23.34 -14.35 3.16
C ARG B 407 22.39 -15.50 2.85
N ALA B 408 21.12 -15.20 2.59
CA ALA B 408 20.23 -16.20 2.02
C ALA B 408 20.65 -16.59 0.62
N SER B 409 21.28 -15.69 -0.14
CA SER B 409 21.74 -15.98 -1.49
C SER B 409 23.10 -16.68 -1.53
N GLY B 410 23.56 -17.20 -0.38
CA GLY B 410 24.74 -18.04 -0.34
C GLY B 410 26.03 -17.34 0.03
N HIS B 411 26.03 -16.02 0.11
CA HIS B 411 27.24 -15.26 0.43
C HIS B 411 27.26 -15.01 1.93
N ALA B 412 28.04 -15.80 2.66
CA ALA B 412 28.11 -15.71 4.12
C ALA B 412 29.12 -14.61 4.51
N ARG B 413 28.71 -13.37 4.26
CA ARG B 413 29.49 -12.20 4.63
C ARG B 413 28.75 -11.44 5.72
N ASP B 414 29.46 -11.02 6.76
CA ASP B 414 28.86 -10.31 7.93
C ASP B 414 29.95 -9.43 8.54
N THR B 415 29.64 -8.19 8.86
CA THR B 415 30.64 -7.24 9.34
C THR B 415 31.22 -7.62 10.69
N ARG B 416 30.35 -8.16 11.57
CA ARG B 416 30.70 -8.55 12.96
C ARG B 416 31.73 -9.65 12.98
N ALA B 417 31.86 -10.37 11.90
CA ALA B 417 32.82 -11.45 11.76
C ALA B 417 33.97 -11.08 10.82
N ASP B 418 33.65 -10.46 9.67
CA ASP B 418 34.70 -10.09 8.71
C ASP B 418 35.54 -8.91 9.19
N HIS B 419 34.90 -7.90 9.79
CA HIS B 419 35.61 -6.71 10.28
C HIS B 419 35.19 -6.48 11.73
N PRO B 420 35.83 -7.19 12.67
CA PRO B 420 35.37 -7.15 14.07
C PRO B 420 35.56 -5.78 14.72
N PHE B 421 34.50 -5.34 15.39
CA PHE B 421 34.38 -3.98 15.93
C PHE B 421 33.70 -4.09 17.27
N VAL B 422 33.70 -2.97 18.02
CA VAL B 422 33.38 -2.82 19.45
C VAL B 422 33.81 -4.04 20.27
N GLY B 423 32.89 -4.72 20.96
CA GLY B 423 33.23 -5.90 21.71
C GLY B 423 32.79 -7.20 21.07
N TYR B 424 32.76 -7.25 19.74
CA TYR B 424 32.31 -8.45 19.03
C TYR B 424 33.40 -9.50 18.88
N GLY B 425 34.66 -9.17 19.20
CA GLY B 425 35.70 -10.17 19.22
C GLY B 425 35.63 -10.99 20.48
N LEU B 426 34.91 -10.46 21.48
CA LEU B 426 34.70 -11.13 22.75
C LEU B 426 33.27 -11.64 22.97
N LEU B 427 32.61 -12.06 21.90
CA LEU B 427 31.20 -12.51 22.00
C LEU B 427 31.02 -13.75 21.11
N PRO B 428 30.10 -14.69 21.45
CA PRO B 428 29.92 -15.91 20.64
C PRO B 428 29.28 -15.69 19.27
N MET B 429 30.07 -15.26 18.30
CA MET B 429 29.49 -14.98 16.97
C MET B 429 29.38 -16.21 16.08
N GLU B 430 28.23 -16.45 15.49
CA GLU B 430 27.84 -17.39 14.45
C GLU B 430 27.18 -16.80 13.22
N VAL B 431 27.76 -17.03 12.05
CA VAL B 431 27.30 -16.43 10.79
C VAL B 431 26.23 -17.38 10.24
N HIS B 432 25.07 -16.83 9.90
CA HIS B 432 23.91 -17.61 9.46
C HIS B 432 23.65 -17.31 7.99
N SER B 433 23.81 -18.32 7.14
CA SER B 433 23.55 -18.21 5.72
C SER B 433 22.68 -19.36 5.25
N GLU B 434 21.94 -19.12 4.16
CA GLU B 434 21.12 -20.13 3.52
C GLU B 434 21.53 -20.25 2.06
N GLN B 435 20.93 -21.20 1.36
CA GLN B 435 21.22 -21.43 -0.05
C GLN B 435 20.03 -21.22 -0.98
N GLY B 436 18.81 -21.50 -0.54
CA GLY B 436 17.65 -21.05 -1.29
C GLY B 436 17.57 -19.54 -1.25
N CYS B 437 17.11 -18.94 -2.32
CA CYS B 437 17.33 -17.50 -2.52
C CYS B 437 16.04 -16.70 -2.43
N ASP B 438 15.08 -17.17 -1.65
CA ASP B 438 13.71 -16.67 -1.72
C ASP B 438 13.27 -15.98 -0.43
N VAL B 439 11.97 -15.69 -0.34
CA VAL B 439 11.41 -14.93 0.79
C VAL B 439 11.61 -15.69 2.10
N ILE B 440 11.37 -17.01 2.07
CA ILE B 440 11.39 -17.82 3.30
C ILE B 440 12.81 -17.91 3.86
N SER B 441 13.82 -17.96 2.99
CA SER B 441 15.19 -18.12 3.47
C SER B 441 15.73 -16.83 4.07
N ARG B 442 15.27 -15.68 3.58
CA ARG B 442 15.61 -14.42 4.20
C ARG B 442 14.95 -14.27 5.56
N LEU B 443 13.77 -14.88 5.72
CA LEU B 443 13.18 -15.00 7.05
C LEU B 443 13.98 -15.98 7.90
N LYS B 444 14.47 -17.07 7.29
CA LYS B 444 15.19 -18.09 8.06
C LYS B 444 16.58 -17.63 8.47
N VAL B 445 17.20 -16.72 7.70
CA VAL B 445 18.41 -16.06 8.19
C VAL B 445 18.08 -15.20 9.40
N ARG B 446 17.02 -14.42 9.30
CA ARG B 446 16.63 -13.51 10.39
C ARG B 446 16.18 -14.30 11.60
N ILE B 447 15.50 -15.44 11.41
CA ILE B 447 15.10 -16.27 12.54
C ILE B 447 16.32 -16.82 13.27
N ASN B 448 17.32 -17.30 12.52
CA ASN B 448 18.54 -17.82 13.13
C ASN B 448 19.38 -16.73 13.75
N GLU B 449 19.27 -15.49 13.24
CA GLU B 449 20.01 -14.39 13.82
C GLU B 449 19.40 -13.90 15.12
N VAL B 450 18.11 -14.20 15.36
CA VAL B 450 17.50 -13.92 16.66
C VAL B 450 18.13 -14.78 17.75
N TYR B 451 18.35 -16.07 17.45
CA TYR B 451 18.93 -16.99 18.43
C TYR B 451 20.38 -16.66 18.71
N THR B 452 21.11 -16.19 17.69
CA THR B 452 22.50 -15.78 17.90
C THR B 452 22.59 -14.48 18.67
N ALA B 453 21.67 -13.54 18.39
CA ALA B 453 21.63 -12.28 19.14
C ALA B 453 21.26 -12.52 20.60
N LEU B 454 20.36 -13.47 20.86
CA LEU B 454 20.06 -13.85 22.23
C LEU B 454 21.23 -14.54 22.92
N ASN B 455 22.07 -15.23 22.15
CA ASN B 455 23.24 -15.89 22.73
C ASN B 455 24.30 -14.87 23.13
N MET B 456 24.52 -13.85 22.30
CA MET B 456 25.50 -12.83 22.63
C MET B 456 25.00 -11.88 23.71
N ILE B 457 23.69 -11.68 23.82
CA ILE B 457 23.13 -10.91 24.93
C ILE B 457 23.29 -11.68 26.23
N ASP B 458 23.00 -12.99 26.20
CA ASP B 458 23.11 -13.82 27.40
C ASP B 458 24.56 -13.95 27.85
N TYR B 459 25.49 -14.07 26.90
CA TYR B 459 26.90 -14.13 27.27
C TYR B 459 27.40 -12.75 27.70
N GLY B 460 26.95 -11.71 27.00
CA GLY B 460 27.42 -10.36 27.30
C GLY B 460 26.94 -9.86 28.65
N LEU B 461 25.72 -10.23 29.05
CA LEU B 461 25.19 -9.87 30.36
C LEU B 461 25.81 -10.69 31.48
N ASP B 462 26.61 -11.71 31.17
CA ASP B 462 27.30 -12.50 32.17
C ASP B 462 28.80 -12.24 32.24
N ASN B 463 29.37 -11.61 31.22
CA ASN B 463 30.81 -11.44 31.11
C ASN B 463 31.19 -10.00 30.80
N LEU B 464 30.53 -9.04 31.46
CA LEU B 464 30.86 -7.64 31.26
C LEU B 464 32.21 -7.30 31.88
N PRO B 465 33.04 -6.49 31.23
CA PRO B 465 34.27 -6.02 31.86
C PRO B 465 33.97 -4.94 32.89
N GLY B 466 35.01 -4.58 33.65
CA GLY B 466 34.95 -3.48 34.59
C GLY B 466 35.68 -2.26 34.05
N GLY B 467 35.70 -1.22 34.87
CA GLY B 467 36.40 0.00 34.54
C GLY B 467 35.46 1.13 34.16
N PRO B 468 35.99 2.14 33.46
CA PRO B 468 35.18 3.30 33.12
C PRO B 468 34.25 3.01 31.95
N LEU B 469 33.40 3.99 31.65
CA LEU B 469 32.50 3.92 30.51
C LEU B 469 32.87 4.87 29.39
N MET B 470 33.72 5.85 29.65
CA MET B 470 34.09 6.79 28.58
C MET B 470 35.49 7.32 28.84
N VAL B 471 36.08 7.85 27.78
CA VAL B 471 37.22 8.74 27.89
C VAL B 471 36.79 10.11 27.39
N GLU B 472 37.37 11.15 27.98
CA GLU B 472 36.91 12.49 27.62
C GLU B 472 38.04 13.48 27.87
N GLY B 473 38.01 14.61 27.16
CA GLY B 473 39.05 15.62 27.27
C GLY B 473 39.95 15.60 26.05
N PHE B 474 39.72 14.62 25.18
CA PHE B 474 40.58 14.48 23.99
C PHE B 474 40.34 15.65 23.06
N THR B 475 41.28 15.91 22.19
CA THR B 475 41.15 17.00 21.21
C THR B 475 41.05 16.36 19.83
N TYR B 476 40.25 16.91 18.95
CA TYR B 476 40.16 16.38 17.57
C TYR B 476 41.23 17.03 16.69
N ILE B 477 42.04 16.22 16.01
CA ILE B 477 43.03 16.75 15.03
C ILE B 477 42.26 16.97 13.73
N PRO B 478 42.32 18.16 13.12
CA PRO B 478 41.55 18.44 11.89
C PRO B 478 41.98 17.57 10.72
N HIS B 479 41.01 17.33 9.83
CA HIS B 479 41.18 16.64 8.55
C HIS B 479 41.65 15.21 8.71
N ARG B 480 41.26 14.57 9.81
CA ARG B 480 41.50 13.16 10.03
C ARG B 480 40.22 12.39 9.76
N PHE B 481 40.36 11.24 9.10
CA PHE B 481 39.20 10.49 8.64
C PHE B 481 39.45 9.00 8.83
N ALA B 482 38.35 8.25 8.93
CA ALA B 482 38.37 6.80 8.93
C ALA B 482 36.98 6.30 8.56
N LEU B 483 36.85 4.98 8.51
CA LEU B 483 35.58 4.33 8.24
C LEU B 483 34.96 3.85 9.54
N GLY B 484 33.65 3.97 9.64
CA GLY B 484 32.92 3.43 10.76
C GLY B 484 31.87 2.44 10.31
N PHE B 485 31.99 1.21 10.80
CA PHE B 485 31.19 0.11 10.30
C PHE B 485 30.48 -0.56 11.47
N ALA B 486 29.18 -0.74 11.33
CA ALA B 486 28.39 -1.54 12.24
C ALA B 486 27.54 -2.49 11.39
N GLU B 487 27.35 -3.70 11.87
CA GLU B 487 26.44 -4.62 11.20
C GLU B 487 25.05 -4.33 11.72
N ALA B 488 24.29 -3.56 10.93
CA ALA B 488 22.90 -3.29 11.20
C ALA B 488 22.09 -4.56 10.95
N PRO B 489 20.85 -4.64 11.51
CA PRO B 489 19.98 -5.78 11.29
C PRO B 489 19.76 -6.14 9.81
N ARG B 490 19.90 -5.17 8.90
CA ARG B 490 19.63 -5.41 7.47
C ARG B 490 20.93 -5.50 6.67
N GLY B 491 22.07 -5.54 7.35
CA GLY B 491 23.37 -5.63 6.68
C GLY B 491 24.33 -4.56 7.13
N ASP B 492 25.49 -4.47 6.50
CA ASP B 492 26.55 -3.52 6.91
C ASP B 492 26.14 -2.05 6.83
N ASP B 493 26.49 -1.26 7.85
CA ASP B 493 26.26 0.19 7.87
C ASP B 493 27.65 0.80 7.86
N ILE B 494 28.05 1.43 6.78
CA ILE B 494 29.37 2.03 6.63
C ILE B 494 29.24 3.54 6.80
N HIS B 495 29.99 4.09 7.74
CA HIS B 495 30.02 5.52 8.00
C HIS B 495 31.42 6.04 7.76
N TRP B 496 31.53 7.26 7.26
CA TRP B 496 32.81 7.89 6.97
C TRP B 496 32.76 9.32 7.51
N SER B 497 33.55 9.59 8.54
CA SER B 497 33.57 10.90 9.19
C SER B 497 34.94 11.52 9.03
N MET B 498 34.98 12.78 8.63
CA MET B 498 36.20 13.57 8.60
C MET B 498 36.12 14.66 9.65
N THR B 499 37.12 14.74 10.51
CA THR B 499 37.12 15.74 11.57
C THR B 499 37.44 17.11 10.99
N GLY B 500 36.64 18.10 11.36
CA GLY B 500 36.85 19.46 10.86
C GLY B 500 37.70 20.30 11.78
N ASP B 501 37.29 20.41 13.04
CA ASP B 501 38.07 21.07 14.08
C ASP B 501 37.75 20.36 15.40
N ASN B 502 38.01 21.04 16.52
CA ASN B 502 37.71 20.46 17.83
C ASN B 502 36.22 20.37 18.12
N GLN B 503 35.38 21.06 17.37
CA GLN B 503 33.95 21.08 17.67
C GLN B 503 33.08 20.50 16.57
N LYS B 504 33.40 20.76 15.30
CA LYS B 504 32.53 20.38 14.21
C LYS B 504 33.21 19.39 13.28
N LEU B 505 32.40 18.60 12.59
CA LEU B 505 32.86 17.69 11.56
C LEU B 505 33.16 18.46 10.27
N TYR B 506 33.85 17.78 9.36
CA TYR B 506 34.04 18.28 8.00
C TYR B 506 33.12 17.58 7.00
N ARG B 507 32.94 16.27 7.14
CA ARG B 507 32.10 15.49 6.25
C ARG B 507 31.66 14.24 6.98
N TRP B 508 30.36 13.94 6.93
CA TRP B 508 29.82 12.71 7.50
C TRP B 508 29.00 12.02 6.42
N ARG B 509 29.52 10.89 5.95
CA ARG B 509 28.77 10.07 4.98
C ARG B 509 28.22 8.86 5.70
N CYS B 510 26.98 8.57 5.46
CA CYS B 510 26.33 7.38 5.99
C CYS B 510 25.83 6.54 4.82
N ARG B 511 26.23 5.27 4.77
CA ARG B 511 25.68 4.31 3.77
C ARG B 511 25.02 3.15 4.53
N ALA B 512 23.72 2.99 4.41
CA ALA B 512 22.99 1.99 5.15
C ALA B 512 22.85 0.71 4.32
N ALA B 513 22.19 -0.27 4.92
CA ALA B 513 22.18 -1.61 4.36
C ALA B 513 21.28 -1.71 3.13
N THR B 514 20.09 -1.13 3.20
CA THR B 514 19.12 -1.25 2.12
C THR B 514 19.51 -0.37 0.93
N TYR B 515 20.37 0.62 1.15
CA TYR B 515 20.99 1.38 0.06
C TYR B 515 21.83 0.47 -0.83
N ALA B 516 22.44 -0.58 -0.27
CA ALA B 516 23.12 -1.60 -1.06
C ALA B 516 22.19 -2.72 -1.52
N ASN B 517 20.98 -2.80 -0.97
CA ASN B 517 20.10 -3.93 -1.22
C ASN B 517 18.95 -3.60 -2.18
N TRP B 518 18.50 -2.35 -2.20
CA TRP B 518 17.44 -1.92 -3.12
C TRP B 518 17.68 -2.15 -4.61
N PRO B 519 18.87 -1.94 -5.21
CA PRO B 519 18.97 -2.06 -6.69
C PRO B 519 18.70 -3.45 -7.26
N THR B 520 18.67 -4.49 -6.45
CA THR B 520 18.33 -5.81 -6.94
C THR B 520 16.87 -6.17 -6.69
N LEU B 521 16.07 -5.25 -6.12
CA LEU B 521 14.65 -5.49 -5.92
C LEU B 521 13.92 -5.68 -7.24
N ARG B 522 14.39 -5.01 -8.30
CA ARG B 522 13.79 -5.12 -9.63
C ARG B 522 13.89 -6.55 -10.18
N TYR B 523 15.04 -7.19 -10.03
CA TYR B 523 15.21 -8.56 -10.48
C TYR B 523 14.48 -9.55 -9.57
N MET B 524 14.30 -9.20 -8.29
CA MET B 524 13.54 -10.00 -7.34
C MET B 524 12.05 -9.89 -7.58
N LEU B 525 11.57 -8.75 -8.06
CA LEU B 525 10.15 -8.55 -8.29
C LEU B 525 9.69 -9.06 -9.65
N ARG B 526 10.62 -9.34 -10.56
CA ARG B 526 10.24 -9.82 -11.89
C ARG B 526 9.77 -11.28 -11.82
N GLY B 527 8.71 -11.58 -12.57
CA GLY B 527 8.18 -12.92 -12.61
C GLY B 527 7.33 -13.33 -11.44
N ASN B 528 6.89 -12.37 -10.63
CA ASN B 528 6.04 -12.65 -9.48
C ASN B 528 4.71 -11.92 -9.65
N THR B 529 3.88 -11.97 -8.60
CA THR B 529 2.54 -11.41 -8.65
C THR B 529 2.45 -10.16 -7.78
N VAL B 530 1.38 -9.39 -8.01
CA VAL B 530 1.13 -8.17 -7.26
C VAL B 530 0.85 -8.48 -5.79
N SER B 531 0.19 -9.61 -5.51
CA SER B 531 -0.04 -10.02 -4.13
C SER B 531 1.24 -10.48 -3.46
N ASP B 532 2.23 -10.93 -4.23
CA ASP B 532 3.52 -11.28 -3.67
C ASP B 532 4.43 -10.07 -3.47
N ALA B 533 4.16 -8.97 -4.17
CA ALA B 533 5.07 -7.83 -4.20
C ALA B 533 5.30 -7.13 -2.85
N PRO B 534 4.30 -6.88 -1.98
CA PRO B 534 4.65 -6.37 -0.64
C PRO B 534 5.47 -7.33 0.20
N LEU B 535 5.31 -8.63 0.01
CA LEU B 535 6.10 -9.59 0.77
C LEU B 535 7.54 -9.65 0.28
N ILE B 536 7.75 -9.51 -1.04
CA ILE B 536 9.10 -9.51 -1.61
C ILE B 536 9.86 -8.28 -1.16
N ILE B 537 9.20 -7.12 -1.16
CA ILE B 537 9.79 -5.89 -0.61
C ILE B 537 10.04 -6.07 0.88
N GLY B 538 9.07 -6.59 1.62
CA GLY B 538 9.27 -6.82 3.05
C GLY B 538 10.38 -7.79 3.34
N SER B 539 10.67 -8.72 2.43
CA SER B 539 11.70 -9.77 2.65
C SER B 539 13.07 -9.12 2.48
N LEU B 540 13.17 -8.06 1.69
CA LEU B 540 14.42 -7.29 1.58
C LEU B 540 14.60 -6.65 2.96
N ASP B 541 13.52 -6.63 3.74
CA ASP B 541 13.51 -5.98 5.06
C ASP B 541 13.95 -4.57 4.73
N PRO B 542 13.04 -3.76 4.18
CA PRO B 542 13.41 -2.44 3.75
C PRO B 542 13.35 -1.41 4.89
N CYS B 543 14.40 -0.61 4.96
CA CYS B 543 14.45 0.51 5.92
C CYS B 543 14.64 1.74 5.06
N TYR B 544 13.56 2.42 4.82
CA TYR B 544 13.57 3.52 3.87
C TYR B 544 14.31 4.73 4.43
N SER B 545 14.08 5.06 5.70
CA SER B 545 14.75 6.20 6.33
C SER B 545 16.26 5.99 6.42
N CYS B 546 16.68 4.74 6.40
CA CYS B 546 18.12 4.45 6.45
C CYS B 546 18.67 4.75 5.07
N THR B 547 17.93 4.35 4.08
CA THR B 547 18.39 4.58 2.71
C THR B 547 18.44 6.06 2.37
N ASP B 548 17.43 6.82 2.77
CA ASP B 548 17.26 8.17 2.26
C ASP B 548 18.10 9.19 3.02
N ARG B 549 18.19 9.03 4.34
CA ARG B 549 18.81 9.98 5.27
C ARG B 549 18.29 11.41 5.12
N MET C 1 55.50 31.15 40.83
CA MET C 1 55.22 29.70 40.68
C MET C 1 54.20 29.49 39.56
N ASN C 2 54.19 30.40 38.59
CA ASN C 2 53.22 30.31 37.47
C ASN C 2 53.87 30.83 36.19
N ARG C 3 53.41 30.34 35.03
CA ARG C 3 53.91 30.73 33.72
C ARG C 3 52.83 31.47 32.96
N PHE C 4 53.17 32.62 32.39
CA PHE C 4 52.21 33.45 31.68
C PHE C 4 52.95 34.39 30.73
N VAL C 5 52.17 35.03 29.86
CA VAL C 5 52.66 36.04 28.92
C VAL C 5 52.13 37.39 29.39
N ILE C 6 53.02 38.38 29.48
CA ILE C 6 52.62 39.72 29.90
C ILE C 6 52.97 40.66 28.74
N ALA C 7 52.17 41.72 28.59
CA ALA C 7 52.41 42.75 27.61
C ALA C 7 52.97 44.04 28.21
N ASP C 8 53.84 44.71 27.45
CA ASP C 8 54.38 46.01 27.84
C ASP C 8 53.71 47.10 27.03
N SER C 9 53.06 48.05 27.72
CA SER C 9 52.25 49.06 27.04
C SER C 9 53.10 50.16 26.41
N THR C 10 54.29 50.41 26.97
CA THR C 10 55.16 51.47 26.48
C THR C 10 55.83 50.97 25.21
N LEU C 11 55.86 49.66 24.97
CA LEU C 11 56.42 49.12 23.74
C LEU C 11 55.36 48.74 22.71
N CYS C 12 54.17 48.34 23.16
CA CYS C 12 53.13 47.92 22.24
C CYS C 12 52.55 49.11 21.50
N ILE C 13 52.36 48.96 20.18
CA ILE C 13 51.85 50.02 19.32
C ILE C 13 50.42 49.79 18.90
N GLY C 14 49.78 48.73 19.38
CA GLY C 14 48.40 48.43 19.02
C GLY C 14 48.19 48.06 17.56
N CYS C 15 49.07 47.24 17.01
CA CYS C 15 48.97 46.83 15.62
C CYS C 15 48.13 45.57 15.41
N HIS C 16 47.74 44.90 16.51
CA HIS C 16 46.91 43.69 16.50
C HIS C 16 47.54 42.55 15.69
N THR C 17 48.87 42.50 15.65
CA THR C 17 49.55 41.38 15.01
C THR C 17 49.49 40.14 15.89
N CYS C 18 49.53 40.33 17.21
CA CYS C 18 49.46 39.22 18.15
C CYS C 18 48.08 38.57 18.15
N GLU C 19 47.02 39.37 17.96
CA GLU C 19 45.67 38.83 17.89
C GLU C 19 45.50 37.93 16.68
N ALA C 20 46.10 38.30 15.55
CA ALA C 20 46.07 37.46 14.37
C ALA C 20 46.95 36.23 14.52
N ALA C 21 48.11 36.38 15.16
CA ALA C 21 49.05 35.27 15.30
C ALA C 21 48.53 34.23 16.28
N CYS C 22 47.85 34.66 17.35
CA CYS C 22 47.22 33.72 18.27
C CYS C 22 46.05 33.03 17.61
N SER C 23 45.32 33.75 16.75
CA SER C 23 44.17 33.17 16.06
C SER C 23 44.60 32.11 15.04
N GLU C 24 45.74 32.31 14.39
CA GLU C 24 46.15 31.40 13.32
C GLU C 24 46.66 30.07 13.86
N THR C 25 47.43 30.10 14.95
CA THR C 25 48.02 28.87 15.48
C THR C 25 46.98 27.97 16.15
N HIS C 26 45.85 28.52 16.59
CA HIS C 26 44.78 27.70 17.14
C HIS C 26 43.80 27.26 16.06
N ARG C 27 43.71 28.00 14.95
CA ARG C 27 42.86 27.57 13.85
C ARG C 27 43.49 26.41 13.09
N GLN C 28 44.83 26.40 12.99
CA GLN C 28 45.52 25.27 12.38
C GLN C 28 45.41 24.02 13.24
N HIS C 29 45.44 24.19 14.57
CA HIS C 29 45.32 23.07 15.49
C HIS C 29 43.89 22.58 15.66
N GLY C 30 42.91 23.29 15.11
CA GLY C 30 41.51 22.95 15.27
C GLY C 30 40.85 23.52 16.50
N LEU C 31 41.57 24.30 17.31
CA LEU C 31 40.99 24.90 18.49
C LEU C 31 40.22 26.16 18.09
N GLN C 32 39.74 26.92 19.09
CA GLN C 32 38.98 28.13 18.80
C GLN C 32 39.89 29.21 18.24
N SER C 33 39.49 29.80 17.12
CA SER C 33 40.28 30.78 16.40
C SER C 33 40.01 32.20 16.85
N MET C 34 39.23 32.39 17.91
CA MET C 34 39.12 33.71 18.52
C MET C 34 40.43 34.05 19.22
N PRO C 35 40.94 35.27 19.06
CA PRO C 35 42.19 35.66 19.73
C PRO C 35 42.05 35.67 21.24
N ARG C 36 43.03 35.07 21.92
CA ARG C 36 43.00 34.89 23.36
C ARG C 36 43.69 36.02 24.12
N LEU C 37 44.32 36.95 23.42
CA LEU C 37 44.79 38.20 23.98
C LEU C 37 44.08 39.33 23.25
N ARG C 38 43.51 40.25 24.00
CA ARG C 38 42.71 41.33 23.39
C ARG C 38 43.41 42.66 23.66
N VAL C 39 43.57 43.49 22.63
CA VAL C 39 44.29 44.75 22.72
C VAL C 39 43.33 45.83 23.22
N MET C 40 43.63 46.39 24.38
CA MET C 40 42.86 47.48 24.96
C MET C 40 43.59 48.79 24.77
N LEU C 41 42.85 49.84 24.50
CA LEU C 41 43.56 51.09 24.20
C LEU C 41 43.01 52.21 25.06
N ASN C 42 43.82 52.73 25.97
CA ASN C 42 43.41 53.99 26.64
C ASN C 42 43.95 54.98 25.61
N GLU C 43 43.59 56.26 25.64
CA GLU C 43 44.05 57.15 24.53
C GLU C 43 45.57 57.38 24.61
N LYS C 44 46.22 56.95 25.69
CA LYS C 44 47.66 57.30 25.89
C LYS C 44 48.63 56.14 25.62
N GLU C 45 48.24 54.91 25.97
CA GLU C 45 49.06 53.72 25.67
C GLU C 45 48.17 52.55 25.29
N SER C 46 48.78 51.40 25.05
CA SER C 46 47.99 50.24 24.64
C SER C 46 48.76 48.97 24.98
N ALA C 47 48.03 47.93 25.39
CA ALA C 47 48.62 46.62 25.68
C ALA C 47 47.56 45.54 25.58
N PRO C 48 47.83 44.41 24.95
CA PRO C 48 46.87 43.30 24.96
C PRO C 48 46.79 42.63 26.33
N GLN C 49 45.57 42.32 26.75
CA GLN C 49 45.32 41.68 28.02
C GLN C 49 44.88 40.24 27.78
N LEU C 50 45.41 39.34 28.60
CA LEU C 50 45.24 37.90 28.42
C LEU C 50 45.25 37.25 29.80
N CYS C 51 45.37 35.93 29.82
CA CYS C 51 45.26 35.18 31.07
C CYS C 51 46.50 35.38 31.93
N HIS C 52 46.27 35.67 33.21
CA HIS C 52 47.36 35.86 34.16
C HIS C 52 47.92 34.54 34.66
N HIS C 53 47.18 33.44 34.47
CA HIS C 53 47.48 32.11 35.01
C HIS C 53 47.72 32.17 36.52
N CYS C 54 46.64 32.55 37.21
CA CYS C 54 46.69 32.90 38.61
C CYS C 54 46.96 31.68 39.48
N GLU C 55 47.55 31.92 40.65
CA GLU C 55 47.81 30.85 41.61
C GLU C 55 46.51 30.34 42.22
N ASP C 56 45.65 31.25 42.65
CA ASP C 56 44.38 30.84 43.25
C ASP C 56 43.40 30.34 42.19
N ALA C 57 43.41 30.96 41.00
CA ALA C 57 42.62 30.61 39.82
C ALA C 57 41.12 30.51 40.10
N PRO C 58 40.41 31.63 40.26
CA PRO C 58 38.97 31.57 40.54
C PRO C 58 38.13 30.96 39.41
N CYS C 59 38.64 30.92 38.18
CA CYS C 59 37.93 30.25 37.10
C CYS C 59 37.86 28.75 37.34
N ALA C 60 38.95 28.16 37.82
CA ALA C 60 38.97 26.72 38.08
C ALA C 60 38.14 26.33 39.31
N VAL C 61 37.85 27.29 40.19
CA VAL C 61 37.04 27.01 41.36
C VAL C 61 35.59 26.74 40.96
N VAL C 62 35.04 27.56 40.07
CA VAL C 62 33.62 27.52 39.76
C VAL C 62 33.29 26.62 38.58
N CYS C 63 34.26 25.91 38.02
CA CYS C 63 34.00 25.10 36.84
C CYS C 63 33.24 23.83 37.23
N PRO C 64 32.05 23.60 36.67
CA PRO C 64 31.24 22.46 37.10
C PRO C 64 31.64 21.13 36.48
N VAL C 65 32.53 21.13 35.50
CA VAL C 65 32.99 19.91 34.86
C VAL C 65 34.48 19.67 35.05
N ASN C 66 35.13 20.51 35.87
CA ASN C 66 36.57 20.48 36.15
C ASN C 66 37.40 20.56 34.86
N ALA C 67 36.98 21.43 33.94
CA ALA C 67 37.69 21.62 32.69
C ALA C 67 38.95 22.45 32.84
N ILE C 68 39.13 23.12 33.97
CA ILE C 68 40.23 24.06 34.18
C ILE C 68 41.14 23.48 35.25
N THR C 69 42.36 23.11 34.84
CA THR C 69 43.35 22.52 35.74
C THR C 69 44.66 23.30 35.63
N ARG C 70 45.68 22.83 36.34
CA ARG C 70 47.02 23.41 36.30
C ARG C 70 47.97 22.40 35.67
N VAL C 71 48.54 22.77 34.53
CA VAL C 71 49.51 21.93 33.82
C VAL C 71 50.77 22.75 33.59
N ASP C 72 51.90 22.26 34.12
CA ASP C 72 53.24 22.85 33.95
C ASP C 72 53.30 24.29 34.43
N GLY C 73 52.62 24.58 35.55
CA GLY C 73 52.56 25.92 36.06
C GLY C 73 51.63 26.85 35.32
N ALA C 74 50.82 26.32 34.40
CA ALA C 74 49.91 27.13 33.61
C ALA C 74 48.48 26.67 33.85
N VAL C 75 47.58 27.64 33.97
CA VAL C 75 46.16 27.36 34.12
C VAL C 75 45.60 26.99 32.75
N GLN C 76 45.26 25.73 32.56
CA GLN C 76 44.85 25.20 31.27
C GLN C 76 43.38 24.82 31.30
N LEU C 77 42.61 25.35 30.35
CA LEU C 77 41.20 25.05 30.22
C LEU C 77 41.01 24.02 29.11
N ASN C 78 40.39 22.90 29.44
CA ASN C 78 40.10 21.87 28.44
C ASN C 78 38.90 22.33 27.62
N GLU C 79 39.16 22.64 26.35
CA GLU C 79 38.10 23.15 25.47
C GLU C 79 37.09 22.06 25.11
N SER C 80 37.51 20.79 25.12
CA SER C 80 36.60 19.71 24.81
C SER C 80 35.73 19.31 26.00
N LEU C 81 36.09 19.74 27.21
CA LEU C 81 35.31 19.42 28.39
C LEU C 81 34.28 20.49 28.74
N CYS C 82 34.43 21.69 28.21
CA CYS C 82 33.60 22.82 28.60
C CYS C 82 32.16 22.64 28.11
N VAL C 83 31.21 22.87 29.01
CA VAL C 83 29.80 22.74 28.68
C VAL C 83 29.14 24.11 28.47
N SER C 84 29.96 25.16 28.28
CA SER C 84 29.52 26.52 27.96
C SER C 84 28.63 27.12 29.05
N CYS C 85 28.91 26.79 30.32
CA CYS C 85 28.11 27.33 31.41
C CYS C 85 28.49 28.76 31.75
N LYS C 86 29.64 29.23 31.28
CA LYS C 86 30.09 30.63 31.35
C LYS C 86 30.25 31.16 32.77
N LEU C 87 30.46 30.27 33.75
CA LEU C 87 30.72 30.72 35.11
C LEU C 87 32.13 31.26 35.26
N CYS C 88 33.07 30.76 34.46
CA CYS C 88 34.46 31.17 34.57
C CYS C 88 34.67 32.60 34.07
N GLY C 89 33.83 33.06 33.15
CA GLY C 89 33.95 34.43 32.67
C GLY C 89 33.51 35.45 33.70
N ILE C 90 32.62 35.07 34.61
CA ILE C 90 32.24 35.94 35.72
C ILE C 90 33.30 35.91 36.80
N ALA C 91 33.82 34.72 37.12
CA ALA C 91 34.75 34.56 38.23
C ALA C 91 36.13 35.14 37.92
N CYS C 92 36.49 35.28 36.66
CA CYS C 92 37.79 35.84 36.31
C CYS C 92 37.79 37.34 36.56
N PRO C 93 38.68 37.86 37.40
CA PRO C 93 38.70 39.30 37.68
C PRO C 93 39.41 40.14 36.64
N PHE C 94 40.00 39.51 35.61
CA PHE C 94 40.79 40.22 34.62
C PHE C 94 40.18 40.19 33.23
N GLY C 95 38.99 39.62 33.07
CA GLY C 95 38.33 39.56 31.79
C GLY C 95 39.03 38.71 30.75
N ALA C 96 39.74 37.68 31.19
CA ALA C 96 40.61 36.90 30.31
C ALA C 96 39.86 35.83 29.53
N ILE C 97 38.57 35.64 29.77
CA ILE C 97 37.80 34.59 29.12
C ILE C 97 36.64 35.23 28.37
N GLU C 98 36.59 35.02 27.06
CA GLU C 98 35.43 35.31 26.24
C GLU C 98 34.97 34.00 25.61
N PHE C 99 33.84 34.06 24.90
CA PHE C 99 33.12 32.84 24.53
C PHE C 99 32.82 32.84 23.04
N SER C 100 33.50 31.96 22.30
CA SER C 100 33.27 31.76 20.88
C SER C 100 33.21 30.28 20.59
N GLY C 101 32.47 29.92 19.52
CA GLY C 101 32.35 28.55 19.10
C GLY C 101 32.74 28.40 17.64
N SER C 102 32.93 27.15 17.24
CA SER C 102 33.37 26.87 15.87
C SER C 102 32.22 27.09 14.89
N ARG C 103 32.48 27.79 13.81
CA ARG C 103 31.45 27.93 12.77
C ARG C 103 31.70 26.77 11.79
N PRO C 104 30.74 26.40 10.92
CA PRO C 104 30.91 25.31 9.94
C PRO C 104 32.17 25.50 9.10
N LEU C 105 32.83 24.38 8.82
CA LEU C 105 34.18 24.42 8.26
C LEU C 105 34.13 24.77 6.78
N ASP C 106 34.84 25.84 6.42
CA ASP C 106 35.06 26.30 5.04
C ASP C 106 33.75 26.63 4.32
N ILE C 107 32.75 27.04 5.09
CA ILE C 107 31.47 27.51 4.58
C ILE C 107 31.43 29.02 4.81
N PRO C 108 31.14 29.83 3.79
CA PRO C 108 31.17 31.28 3.96
C PRO C 108 30.05 31.78 4.87
N ALA C 109 30.28 32.99 5.40
CA ALA C 109 29.32 33.61 6.32
C ALA C 109 28.01 33.93 5.61
N ASN C 110 28.06 34.37 4.37
CA ASN C 110 26.88 34.57 3.54
C ASN C 110 26.88 33.45 2.49
N ALA C 111 26.30 32.31 2.87
CA ALA C 111 26.23 31.15 2.00
C ALA C 111 24.88 31.05 1.28
N ASN C 112 24.10 32.12 1.29
CA ASN C 112 22.76 32.08 0.71
C ASN C 112 22.83 32.07 -0.81
N THR C 113 22.09 31.13 -1.43
CA THR C 113 21.94 31.08 -2.88
C THR C 113 20.76 31.93 -3.33
N PRO C 114 20.82 32.51 -4.54
CA PRO C 114 19.65 33.24 -5.07
C PRO C 114 18.50 32.33 -5.48
N LYS C 115 18.70 31.02 -5.57
CA LYS C 115 17.66 30.09 -5.95
C LYS C 115 16.64 29.85 -4.84
N ALA C 116 16.90 30.33 -3.63
CA ALA C 116 16.02 30.19 -2.48
C ALA C 116 15.90 31.53 -1.78
N PRO C 117 14.81 31.75 -1.03
CA PRO C 117 14.80 32.88 -0.10
C PRO C 117 15.86 32.70 0.95
N PRO C 118 16.46 33.80 1.43
CA PRO C 118 17.65 33.69 2.28
C PRO C 118 17.36 33.14 3.66
N ALA C 119 18.42 32.59 4.27
CA ALA C 119 18.34 32.06 5.62
C ALA C 119 18.12 33.18 6.62
N PRO C 120 17.50 32.89 7.77
CA PRO C 120 17.35 33.91 8.83
C PRO C 120 18.69 34.39 9.36
N PRO C 121 18.85 35.70 9.54
CA PRO C 121 20.13 36.23 10.04
C PRO C 121 20.39 35.85 11.49
N ALA C 122 21.64 35.99 11.88
CA ALA C 122 22.05 35.76 13.25
C ALA C 122 21.48 36.84 14.17
N PRO C 123 21.23 36.52 15.44
CA PRO C 123 20.84 37.54 16.41
C PRO C 123 21.97 38.53 16.66
N ALA C 124 21.58 39.74 17.08
CA ALA C 124 22.56 40.78 17.37
C ALA C 124 23.37 40.44 18.61
N ARG C 125 24.68 40.63 18.52
CA ARG C 125 25.59 40.26 19.60
C ARG C 125 25.52 41.29 20.71
N VAL C 126 25.21 40.83 21.92
CA VAL C 126 25.16 41.70 23.10
C VAL C 126 26.40 41.47 23.94
N SER C 127 26.60 40.22 24.35
CA SER C 127 27.76 39.82 25.13
C SER C 127 27.95 38.32 24.99
N THR C 128 29.22 37.89 24.94
CA THR C 128 29.54 36.47 24.77
C THR C 128 29.11 35.63 25.96
N LEU C 129 28.87 36.25 27.11
CA LEU C 129 28.25 35.60 28.26
C LEU C 129 26.74 35.48 28.11
N LEU C 130 26.16 36.06 27.06
CA LEU C 130 24.73 36.01 26.82
C LEU C 130 24.32 35.53 25.43
N ASP C 131 25.19 35.68 24.41
CA ASP C 131 24.80 35.32 23.06
C ASP C 131 24.72 33.82 22.87
N TRP C 132 23.75 33.40 22.07
CA TRP C 132 23.64 32.01 21.64
C TRP C 132 23.10 31.97 20.22
N VAL C 133 23.85 31.31 19.34
CA VAL C 133 23.43 31.05 17.97
C VAL C 133 23.18 29.54 17.91
N PRO C 134 22.12 29.09 17.22
CA PRO C 134 21.80 27.64 17.22
C PRO C 134 22.88 26.73 16.67
N GLY C 135 23.64 27.15 15.68
CA GLY C 135 24.71 26.31 15.18
C GLY C 135 26.03 26.43 15.90
N ILE C 136 26.15 27.36 16.83
CA ILE C 136 27.43 27.73 17.43
C ILE C 136 27.40 27.39 18.91
N ARG C 137 28.35 26.57 19.34
CA ARG C 137 28.51 26.19 20.75
C ARG C 137 29.67 26.99 21.32
N ALA C 138 29.36 28.16 21.86
CA ALA C 138 30.37 29.11 22.31
C ALA C 138 30.97 28.65 23.64
N ILE C 139 32.21 28.17 23.59
CA ILE C 139 32.89 27.66 24.77
C ILE C 139 33.88 28.71 25.26
N ALA C 140 34.44 28.47 26.45
CA ALA C 140 35.36 29.42 27.07
C ALA C 140 36.68 29.46 26.33
N VAL C 141 37.11 30.66 25.95
CA VAL C 141 38.29 30.87 25.13
C VAL C 141 39.26 31.72 25.94
N LYS C 142 40.35 31.11 26.40
CA LYS C 142 41.39 31.80 27.14
C LYS C 142 42.74 31.37 26.62
N CYS C 143 43.78 32.06 27.07
CA CYS C 143 45.15 31.75 26.67
C CYS C 143 45.59 30.43 27.27
N ASP C 144 45.98 29.48 26.43
CA ASP C 144 46.55 28.22 26.87
C ASP C 144 48.06 28.17 26.67
N LEU C 145 48.69 29.34 26.48
CA LEU C 145 50.14 29.54 26.34
C LEU C 145 50.73 28.85 25.11
N CYS C 146 49.88 28.47 24.16
CA CYS C 146 50.23 27.72 22.95
C CYS C 146 51.02 26.45 23.30
N SER C 147 50.51 25.72 24.30
CA SER C 147 51.21 24.55 24.83
C SER C 147 51.29 23.41 23.84
N PHE C 148 50.39 23.36 22.86
CA PHE C 148 50.49 22.40 21.77
C PHE C 148 51.66 22.74 20.83
N ASP C 149 51.98 24.02 20.68
CA ASP C 149 53.00 24.45 19.73
C ASP C 149 54.38 24.23 20.33
N GLU C 150 55.32 23.76 19.49
CA GLU C 150 56.68 23.54 19.98
C GLU C 150 57.49 24.83 20.04
N GLN C 151 57.12 25.83 19.24
CA GLN C 151 57.83 27.10 19.26
C GLN C 151 57.41 28.01 20.41
N GLY C 152 56.41 27.63 21.19
CA GLY C 152 55.96 28.43 22.30
C GLY C 152 54.84 29.35 21.89
N PRO C 153 54.66 30.45 22.64
CA PRO C 153 53.59 31.40 22.35
C PRO C 153 53.80 32.13 21.04
N ALA C 154 52.81 32.05 20.15
CA ALA C 154 52.89 32.70 18.85
C ALA C 154 52.76 34.21 18.93
N CYS C 155 52.11 34.74 19.97
CA CYS C 155 52.00 36.18 20.12
C CYS C 155 53.34 36.81 20.46
N VAL C 156 54.18 36.12 21.22
CA VAL C 156 55.50 36.63 21.56
C VAL C 156 56.41 36.65 20.33
N ARG C 157 56.34 35.61 19.50
CA ARG C 157 57.25 35.48 18.36
C ARG C 157 56.91 36.48 17.26
N MET C 158 55.64 36.75 17.03
CA MET C 158 55.21 37.62 15.95
C MET C 158 54.98 39.05 16.38
N CYS C 159 55.30 39.41 17.62
CA CYS C 159 55.24 40.79 18.05
C CYS C 159 56.42 41.56 17.47
N PRO C 160 56.20 42.61 16.67
CA PRO C 160 57.32 43.30 16.03
C PRO C 160 58.10 44.18 17.00
N THR C 161 57.44 44.69 18.03
CA THR C 161 58.07 45.57 19.00
C THR C 161 58.54 44.84 20.26
N LYS C 162 58.39 43.51 20.30
CA LYS C 162 58.77 42.65 21.43
C LYS C 162 58.11 43.09 22.74
N ALA C 163 56.84 43.51 22.64
CA ALA C 163 56.10 43.93 23.82
C ALA C 163 55.61 42.76 24.67
N LEU C 164 55.56 41.56 24.10
CA LEU C 164 55.11 40.37 24.80
C LEU C 164 56.28 39.44 25.08
N HIS C 165 56.29 38.85 26.27
CA HIS C 165 57.32 37.90 26.63
C HIS C 165 56.69 37.00 27.69
N LEU C 166 57.25 35.81 27.83
CA LEU C 166 56.78 34.88 28.87
C LEU C 166 57.49 35.17 30.19
N VAL C 167 56.77 34.97 31.29
CA VAL C 167 57.34 35.15 32.65
C VAL C 167 57.36 33.74 33.23
N ASP C 168 58.45 33.00 33.05
CA ASP C 168 58.52 31.59 33.50
C ASP C 168 58.89 31.51 34.97
N ASN C 169 57.92 31.70 35.87
CA ASN C 169 58.20 31.69 37.32
C ASN C 169 57.92 30.30 37.89
N THR C 170 58.70 29.30 37.51
CA THR C 170 58.50 27.92 38.01
C THR C 170 59.86 27.33 38.40
N LEU D 4 -2.00 23.49 -8.40
CA LEU D 4 -1.25 23.31 -7.18
C LEU D 4 -2.05 22.54 -6.13
N LEU D 5 -1.42 21.53 -5.52
CA LEU D 5 -2.09 20.74 -4.50
C LEU D 5 -2.22 21.49 -3.19
N GLY D 6 -1.23 22.31 -2.84
CA GLY D 6 -1.26 23.07 -1.61
C GLY D 6 -1.04 24.55 -1.84
N PRO D 7 -1.48 25.38 -0.90
CA PRO D 7 -1.30 26.83 -1.06
C PRO D 7 0.14 27.25 -0.86
N ARG D 8 0.53 28.32 -1.54
CA ARG D 8 1.90 28.88 -1.42
C ARG D 8 1.76 30.36 -1.15
N ASP D 9 2.85 31.03 -0.77
CA ASP D 9 2.91 32.46 -0.54
C ASP D 9 3.34 33.17 -1.84
N ALA D 10 3.70 34.45 -1.72
CA ALA D 10 4.16 35.21 -2.87
C ALA D 10 5.55 34.78 -3.35
N ASN D 11 6.33 34.14 -2.47
CA ASN D 11 7.65 33.63 -2.83
C ASN D 11 7.59 32.21 -3.38
N GLY D 12 6.41 31.59 -3.42
CA GLY D 12 6.30 30.21 -3.84
C GLY D 12 6.54 29.19 -2.74
N ILE D 13 6.84 29.64 -1.53
CA ILE D 13 7.04 28.73 -0.40
C ILE D 13 5.68 28.26 0.09
N PRO D 14 5.49 26.96 0.34
CA PRO D 14 4.19 26.46 0.80
C PRO D 14 3.79 27.00 2.17
N VAL D 15 2.50 27.23 2.32
CA VAL D 15 1.89 27.73 3.55
C VAL D 15 0.88 26.69 4.00
N PRO D 16 0.55 26.63 5.30
CA PRO D 16 -0.46 25.67 5.75
C PRO D 16 -1.84 25.96 5.18
N MET D 17 -2.49 24.83 4.89
CA MET D 17 -3.85 24.84 4.32
C MET D 17 -4.80 25.30 5.40
N THR D 18 -5.70 26.21 5.06
CA THR D 18 -6.74 26.62 6.03
C THR D 18 -7.90 25.66 5.86
N VAL D 19 -8.86 25.65 6.79
CA VAL D 19 -10.08 24.80 6.60
C VAL D 19 -11.26 25.74 6.77
N ASP D 20 -12.11 25.85 5.75
CA ASP D 20 -13.22 26.78 5.78
C ASP D 20 -13.98 26.72 7.09
N GLU D 21 -14.50 27.88 7.51
CA GLU D 21 -15.12 27.99 8.83
C GLU D 21 -16.40 27.17 8.95
N SER D 22 -17.11 26.97 7.83
CA SER D 22 -18.26 26.07 7.83
C SER D 22 -17.88 24.62 8.07
N ILE D 23 -16.81 24.15 7.42
CA ILE D 23 -16.32 22.80 7.67
C ILE D 23 -15.70 22.70 9.05
N ALA D 24 -14.91 23.71 9.44
CA ALA D 24 -14.20 23.68 10.73
C ALA D 24 -15.12 23.91 11.91
N SER D 25 -16.36 24.34 11.71
CA SER D 25 -17.31 24.45 12.81
C SER D 25 -17.94 23.10 13.16
N MET D 26 -17.67 22.06 12.37
CA MET D 26 -18.18 20.71 12.59
C MET D 26 -17.17 19.80 13.26
N LYS D 27 -15.97 20.29 13.57
CA LYS D 27 -14.96 19.46 14.18
C LYS D 27 -15.32 19.06 15.60
N ALA D 28 -16.06 19.92 16.32
CA ALA D 28 -16.55 19.56 17.65
C ALA D 28 -17.54 18.41 17.60
N SER D 29 -18.48 18.45 16.63
CA SER D 29 -19.44 17.36 16.47
C SER D 29 -18.74 16.08 16.03
N LEU D 30 -17.72 16.16 15.17
CA LEU D 30 -16.96 14.97 14.75
C LEU D 30 -16.19 14.41 15.95
N LEU D 31 -15.60 15.27 16.76
CA LEU D 31 -14.89 14.80 17.95
C LEU D 31 -15.84 14.14 18.96
N LYS D 32 -17.07 14.63 19.03
CA LYS D 32 -18.07 13.97 19.88
C LYS D 32 -18.46 12.59 19.35
N LYS D 33 -18.63 12.45 18.03
CA LYS D 33 -19.14 11.19 17.51
C LYS D 33 -18.05 10.17 17.17
N ILE D 34 -16.77 10.53 17.27
CA ILE D 34 -15.70 9.55 17.10
C ILE D 34 -15.13 9.13 18.46
N LYS D 35 -15.87 9.38 19.55
CA LYS D 35 -15.39 9.05 20.89
C LYS D 35 -15.24 7.54 21.09
N ARG D 36 -16.14 6.77 20.50
CA ARG D 36 -16.11 5.31 20.72
C ARG D 36 -15.89 4.59 19.37
N SER D 37 -15.67 5.35 18.28
CA SER D 37 -15.38 4.75 16.99
C SER D 37 -14.53 5.72 16.18
N ALA D 38 -13.21 5.50 16.20
CA ALA D 38 -12.26 6.37 15.52
C ALA D 38 -11.51 5.60 14.45
N TYR D 39 -11.43 6.18 13.26
CA TYR D 39 -10.72 5.57 12.14
C TYR D 39 -9.50 6.44 11.86
N VAL D 40 -8.32 5.83 11.92
CA VAL D 40 -7.06 6.57 11.90
C VAL D 40 -6.27 6.15 10.67
N TYR D 41 -5.89 7.12 9.84
CA TYR D 41 -5.00 6.88 8.72
C TYR D 41 -3.65 7.51 9.03
N ARG D 42 -2.59 6.71 8.92
CA ARG D 42 -1.24 7.15 9.24
C ARG D 42 -0.60 7.77 8.01
N VAL D 43 -0.12 9.01 8.16
CA VAL D 43 0.58 9.72 7.10
C VAL D 43 2.00 9.94 7.59
N ASP D 44 2.94 9.08 7.17
CA ASP D 44 4.38 9.31 7.48
C ASP D 44 4.90 10.35 6.52
N CYS D 45 5.13 11.56 7.00
CA CYS D 45 5.54 12.66 6.10
C CYS D 45 7.05 12.86 6.20
N GLY D 46 7.79 11.80 6.41
CA GLY D 46 9.25 11.92 6.36
C GLY D 46 9.97 11.73 7.66
N GLY D 47 9.43 10.96 8.57
CA GLY D 47 10.16 10.64 9.81
C GLY D 47 11.25 9.62 9.60
N CYS D 48 11.79 9.05 10.65
CA CYS D 48 12.89 8.05 10.60
C CYS D 48 12.34 6.65 10.89
N ASN D 49 11.01 6.53 10.92
CA ASN D 49 10.30 5.25 11.15
C ASN D 49 10.11 5.02 12.64
N GLY D 50 10.60 5.90 13.49
CA GLY D 50 10.53 5.63 14.93
C GLY D 50 9.11 5.82 15.38
N CYS D 51 8.47 6.88 14.92
CA CYS D 51 7.06 7.19 15.24
C CYS D 51 6.14 6.14 14.68
N GLU D 52 6.39 5.69 13.47
CA GLU D 52 5.51 4.75 12.77
C GLU D 52 5.44 3.42 13.48
N ILE D 53 6.52 2.95 14.07
CA ILE D 53 6.53 1.61 14.62
C ILE D 53 6.13 1.57 16.09
N GLU D 54 6.02 2.73 16.75
CA GLU D 54 5.35 2.78 18.03
C GLU D 54 3.85 2.92 17.88
N ILE D 55 3.38 3.42 16.72
CA ILE D 55 1.98 3.31 16.36
C ILE D 55 1.62 1.84 16.12
N PHE D 56 2.53 1.09 15.52
CA PHE D 56 2.35 -0.35 15.35
C PHE D 56 2.36 -1.06 16.70
N ALA D 57 3.21 -0.60 17.62
CA ALA D 57 3.21 -1.10 18.99
C ALA D 57 2.06 -0.56 19.82
N THR D 58 1.31 0.43 19.30
CA THR D 58 0.05 0.82 19.90
C THR D 58 -1.10 -0.03 19.34
N LEU D 59 -0.84 -0.83 18.31
CA LEU D 59 -1.76 -1.86 17.89
C LEU D 59 -1.36 -3.24 18.41
N SER D 60 -0.34 -3.30 19.27
CA SER D 60 0.18 -4.54 19.81
C SER D 60 -0.82 -5.20 20.76
N PRO D 61 -0.67 -6.50 21.03
CA PRO D 61 -1.48 -7.11 22.09
C PRO D 61 -1.31 -6.48 23.46
N LEU D 62 -0.12 -5.98 23.80
CA LEU D 62 0.07 -5.35 25.11
C LEU D 62 -0.62 -3.99 25.17
N PHE D 63 -0.22 -3.07 24.29
CA PHE D 63 -0.87 -1.78 24.15
C PHE D 63 -1.90 -1.91 23.04
N ASP D 64 -3.19 -2.05 23.40
CA ASP D 64 -4.21 -2.35 22.34
C ASP D 64 -5.13 -1.15 22.20
N ALA D 65 -5.12 -0.48 21.07
CA ALA D 65 -5.87 0.73 20.79
C ALA D 65 -7.28 0.44 20.29
N GLU D 66 -7.55 -0.78 19.83
CA GLU D 66 -8.85 -1.10 19.28
C GLU D 66 -9.93 -1.20 20.37
N ARG D 67 -9.54 -1.43 21.62
CA ARG D 67 -10.47 -1.41 22.75
C ARG D 67 -11.05 -0.03 23.01
N PHE D 68 -10.41 1.03 22.51
CA PHE D 68 -10.97 2.38 22.54
C PHE D 68 -11.74 2.72 21.27
N GLY D 69 -11.95 1.74 20.39
CA GLY D 69 -12.62 2.00 19.14
C GLY D 69 -11.75 2.59 18.06
N ILE D 70 -10.44 2.45 18.18
CA ILE D 70 -9.49 3.02 17.22
C ILE D 70 -9.10 1.92 16.23
N LYS D 71 -9.38 2.16 14.96
CA LYS D 71 -9.04 1.23 13.90
C LYS D 71 -8.16 1.94 12.87
N VAL D 72 -7.02 1.35 12.54
CA VAL D 72 -6.15 1.90 11.51
C VAL D 72 -6.67 1.47 10.15
N VAL D 73 -6.95 2.44 9.28
CA VAL D 73 -7.65 2.20 8.03
C VAL D 73 -6.68 2.19 6.85
N PRO D 74 -6.97 1.43 5.79
CA PRO D 74 -6.06 1.40 4.64
C PRO D 74 -6.09 2.64 3.78
N SER D 75 -7.18 3.39 3.80
CA SER D 75 -7.37 4.48 2.87
C SER D 75 -7.69 5.75 3.62
N PRO D 76 -7.30 6.92 3.09
CA PRO D 76 -7.75 8.18 3.71
C PRO D 76 -9.25 8.41 3.59
N ARG D 77 -9.91 7.66 2.73
CA ARG D 77 -11.35 7.82 2.51
C ARG D 77 -12.08 7.29 3.74
N HIS D 78 -11.53 6.27 4.39
CA HIS D 78 -12.15 5.74 5.60
C HIS D 78 -11.82 6.53 6.85
N ALA D 79 -10.87 7.46 6.78
CA ALA D 79 -10.30 8.08 7.98
C ALA D 79 -11.24 9.08 8.63
N ASP D 80 -11.30 9.06 9.96
CA ASP D 80 -11.77 10.22 10.71
C ASP D 80 -10.59 11.06 11.17
N ILE D 81 -9.55 10.41 11.69
CA ILE D 81 -8.35 11.06 12.18
C ILE D 81 -7.24 10.81 11.17
N LEU D 82 -6.56 11.87 10.75
CA LEU D 82 -5.36 11.72 9.94
C LEU D 82 -4.14 11.89 10.85
N LEU D 83 -3.42 10.79 11.06
CA LEU D 83 -2.26 10.77 11.93
C LEU D 83 -1.03 11.14 11.11
N PHE D 84 -0.44 12.29 11.42
CA PHE D 84 0.74 12.80 10.69
C PHE D 84 2.01 12.64 11.54
N THR D 85 2.98 11.87 11.05
CA THR D 85 4.31 11.75 11.67
C THR D 85 5.30 12.37 10.69
N GLY D 86 6.46 12.82 11.14
CA GLY D 86 7.50 13.38 10.25
C GLY D 86 7.55 14.88 10.10
N ALA D 87 8.67 15.40 9.62
CA ALA D 87 8.94 16.84 9.51
C ALA D 87 8.43 17.32 8.16
N VAL D 88 7.63 16.53 7.47
CA VAL D 88 7.16 16.91 6.11
C VAL D 88 8.34 17.26 5.22
N THR D 89 8.94 16.27 4.61
CA THR D 89 9.98 16.45 3.60
C THR D 89 9.38 17.00 2.31
N ARG D 90 10.27 17.45 1.42
CA ARG D 90 9.84 18.05 0.16
C ARG D 90 9.17 17.03 -0.74
N ALA D 91 9.66 15.80 -0.73
CA ALA D 91 9.06 14.75 -1.54
C ALA D 91 7.81 14.22 -0.85
N MET D 92 7.61 14.48 0.44
CA MET D 92 6.37 14.11 1.11
C MET D 92 5.31 15.19 1.35
N ARG D 93 5.54 16.39 0.82
CA ARG D 93 4.47 17.37 0.88
C ARG D 93 3.23 17.05 0.05
N SER D 94 3.42 16.71 -1.23
CA SER D 94 2.34 16.38 -2.14
C SER D 94 1.55 15.10 -1.79
N PRO D 95 2.17 13.96 -1.41
CA PRO D 95 1.32 12.84 -0.94
C PRO D 95 0.58 13.11 0.35
N ALA D 96 1.13 13.89 1.26
CA ALA D 96 0.42 14.25 2.49
C ALA D 96 -0.79 15.12 2.18
N LEU D 97 -0.63 16.10 1.27
CA LEU D 97 -1.75 16.92 0.86
C LEU D 97 -2.77 16.12 0.05
N ARG D 98 -2.32 15.11 -0.70
CA ARG D 98 -3.26 14.25 -1.42
C ARG D 98 -4.05 13.38 -0.46
N ALA D 99 -3.41 12.88 0.60
CA ALA D 99 -4.12 12.14 1.64
C ALA D 99 -5.08 13.04 2.41
N TRP D 100 -4.71 14.32 2.60
CA TRP D 100 -5.62 15.26 3.25
C TRP D 100 -6.82 15.56 2.35
N GLN D 101 -6.60 15.77 1.05
CA GLN D 101 -7.69 16.11 0.14
C GLN D 101 -8.59 14.92 -0.19
N SER D 102 -8.06 13.71 -0.24
CA SER D 102 -8.89 12.53 -0.52
C SER D 102 -9.39 11.89 0.78
N ALA D 103 -9.96 12.70 1.66
CA ALA D 103 -10.50 12.27 2.94
C ALA D 103 -11.77 13.08 3.21
N PRO D 104 -12.77 12.48 3.85
CA PRO D 104 -14.03 13.19 4.09
C PRO D 104 -13.88 14.33 5.08
N ASP D 105 -14.60 15.41 4.82
CA ASP D 105 -14.60 16.59 5.66
C ASP D 105 -15.72 16.52 6.69
N PRO D 106 -15.55 16.81 8.00
CA PRO D 106 -14.36 17.39 8.55
C PRO D 106 -13.24 16.45 8.99
N LYS D 107 -12.00 16.82 9.18
CA LYS D 107 -11.05 15.74 9.58
C LYS D 107 -10.29 16.17 10.81
N ILE D 108 -9.90 15.22 11.65
CA ILE D 108 -9.10 15.57 12.84
C ILE D 108 -7.64 15.24 12.50
N CYS D 109 -6.74 16.16 12.74
CA CYS D 109 -5.32 16.04 12.47
C CYS D 109 -4.57 15.92 13.78
N ILE D 110 -3.91 14.79 13.98
CA ILE D 110 -3.05 14.59 15.14
C ILE D 110 -1.62 14.62 14.65
N SER D 111 -0.85 15.58 15.15
CA SER D 111 0.58 15.66 14.89
C SER D 111 1.30 14.79 15.92
N TYR D 112 2.00 13.77 15.44
CA TYR D 112 2.58 12.74 16.29
C TYR D 112 4.10 12.80 16.21
N GLY D 113 4.76 12.96 17.35
CA GLY D 113 6.23 13.00 17.42
C GLY D 113 6.81 14.38 17.37
N ALA D 114 8.06 14.56 17.80
CA ALA D 114 8.76 15.86 17.75
C ALA D 114 8.92 16.33 16.32
N CYS D 115 9.26 15.45 15.40
CA CYS D 115 9.46 15.82 13.99
C CYS D 115 8.12 16.32 13.52
N GLY D 116 7.07 15.59 13.85
CA GLY D 116 5.79 16.11 13.38
C GLY D 116 5.39 17.40 14.05
N ASN D 117 5.76 17.59 15.32
CA ASN D 117 5.29 18.75 16.07
C ASN D 117 5.93 20.04 15.59
N SER D 118 7.26 20.05 15.41
CA SER D 118 7.95 21.27 15.06
C SER D 118 9.10 21.06 14.07
N GLY D 119 9.28 19.86 13.54
CA GLY D 119 10.46 19.50 12.81
C GLY D 119 11.43 18.65 13.61
N GLY D 120 11.37 18.75 14.93
CA GLY D 120 12.21 17.92 15.77
C GLY D 120 13.66 18.33 15.69
N ILE D 121 14.53 17.33 15.51
CA ILE D 121 15.95 17.61 15.28
C ILE D 121 16.18 18.11 13.86
N PHE D 122 15.29 17.93 12.90
CA PHE D 122 15.48 18.49 11.55
C PHE D 122 14.61 19.73 11.36
N HIS D 123 14.43 20.60 12.35
CA HIS D 123 13.47 21.69 12.31
C HIS D 123 13.83 22.78 11.31
N ASP D 124 15.09 22.86 10.89
CA ASP D 124 15.53 23.95 10.03
C ASP D 124 16.29 23.46 8.80
N LEU D 125 16.10 22.21 8.40
CA LEU D 125 16.88 21.71 7.27
C LEU D 125 16.26 22.10 5.94
N TYR D 126 17.06 21.94 4.88
CA TYR D 126 16.66 22.41 3.56
C TYR D 126 15.59 21.54 2.93
N CYS D 127 15.63 20.22 3.19
CA CYS D 127 14.81 19.28 2.44
C CYS D 127 13.56 18.88 3.22
N VAL D 128 13.22 19.65 4.26
CA VAL D 128 11.97 19.49 4.99
C VAL D 128 11.25 20.83 5.00
N TRP D 129 10.10 20.82 5.69
CA TRP D 129 9.25 22.03 5.81
C TRP D 129 9.08 22.42 7.28
N GLY D 130 9.35 21.52 8.23
CA GLY D 130 9.34 21.86 9.66
C GLY D 130 8.11 21.47 10.42
N GLY D 131 7.55 20.30 10.19
CA GLY D 131 6.41 19.86 11.01
C GLY D 131 5.14 19.77 10.25
N THR D 132 4.09 19.29 10.89
CA THR D 132 2.79 19.03 10.23
C THR D 132 1.97 20.30 10.27
N ASP D 133 2.23 21.18 11.21
CA ASP D 133 1.42 22.39 11.19
C ASP D 133 1.83 23.37 10.08
N LYS D 134 2.94 23.14 9.39
CA LYS D 134 3.36 23.97 8.29
C LYS D 134 2.65 23.64 6.98
N ILE D 135 1.92 22.52 6.91
CA ILE D 135 1.14 22.19 5.72
C ILE D 135 -0.35 22.08 6.01
N VAL D 136 -0.73 21.54 7.18
CA VAL D 136 -2.13 21.31 7.51
C VAL D 136 -2.40 21.81 8.93
N PRO D 137 -3.62 22.25 9.25
CA PRO D 137 -3.92 22.62 10.64
C PRO D 137 -3.93 21.40 11.54
N VAL D 138 -3.61 21.61 12.81
CA VAL D 138 -3.40 20.52 13.77
C VAL D 138 -4.35 20.69 14.94
N ASP D 139 -5.03 19.62 15.32
CA ASP D 139 -5.86 19.59 16.53
C ASP D 139 -5.07 19.12 17.76
N VAL D 140 -4.35 18.01 17.64
CA VAL D 140 -3.68 17.36 18.78
C VAL D 140 -2.20 17.21 18.44
N TYR D 141 -1.34 17.61 19.38
CA TYR D 141 0.11 17.42 19.27
C TYR D 141 0.53 16.36 20.28
N ILE D 142 1.19 15.31 19.81
CA ILE D 142 1.75 14.29 20.69
C ILE D 142 3.28 14.32 20.59
N PRO D 143 3.98 14.73 21.64
CA PRO D 143 5.44 14.81 21.58
C PRO D 143 6.11 13.48 21.97
N GLY D 144 7.38 13.39 21.62
CA GLY D 144 8.16 12.18 21.90
C GLY D 144 9.06 11.90 20.73
N CYS D 145 10.22 11.31 20.96
CA CYS D 145 11.08 10.91 19.82
C CYS D 145 11.58 9.46 19.97
N PRO D 146 10.80 8.38 19.72
CA PRO D 146 9.39 8.49 19.40
C PRO D 146 8.51 8.48 20.64
N PRO D 147 7.25 8.94 20.60
CA PRO D 147 6.39 8.75 21.77
C PRO D 147 6.27 7.27 22.09
N THR D 148 6.18 6.97 23.39
CA THR D 148 5.94 5.61 23.83
C THR D 148 4.52 5.19 23.44
N PRO D 149 4.26 3.89 23.30
CA PRO D 149 2.88 3.45 23.04
C PRO D 149 1.90 3.81 24.14
N ALA D 150 2.37 3.93 25.39
CA ALA D 150 1.54 4.51 26.44
C ALA D 150 1.24 5.97 26.16
N ALA D 151 2.22 6.73 25.65
CA ALA D 151 1.98 8.11 25.27
C ALA D 151 1.05 8.21 24.08
N THR D 152 1.16 7.26 23.14
CA THR D 152 0.23 7.21 22.01
C THR D 152 -1.19 6.90 22.46
N LEU D 153 -1.34 5.97 23.41
CA LEU D 153 -2.65 5.65 23.98
C LEU D 153 -3.24 6.84 24.72
N TYR D 154 -2.41 7.56 25.48
CA TYR D 154 -2.87 8.76 26.17
C TYR D 154 -3.29 9.84 25.18
N GLY D 155 -2.50 10.03 24.12
CA GLY D 155 -2.85 11.05 23.14
C GLY D 155 -4.11 10.72 22.38
N PHE D 156 -4.31 9.45 22.04
CA PHE D 156 -5.54 9.02 21.40
C PHE D 156 -6.74 9.18 22.32
N ALA D 157 -6.59 8.81 23.61
CA ALA D 157 -7.70 8.94 24.55
C ALA D 157 -8.01 10.39 24.89
N MET D 158 -6.99 11.26 24.84
CA MET D 158 -7.22 12.68 25.08
C MET D 158 -7.84 13.35 23.86
N ALA D 159 -7.48 12.89 22.66
CA ALA D 159 -8.12 13.39 21.45
C ALA D 159 -9.57 12.96 21.37
N LEU D 160 -9.87 11.72 21.75
CA LEU D 160 -11.24 11.23 21.72
C LEU D 160 -12.07 11.73 22.90
N GLY D 161 -11.47 12.40 23.87
CA GLY D 161 -12.19 12.93 25.00
C GLY D 161 -12.33 12.00 26.18
N LEU D 162 -11.67 10.84 26.16
CA LEU D 162 -11.72 9.93 27.30
C LEU D 162 -10.88 10.44 28.46
N LEU D 163 -9.81 11.17 28.16
CA LEU D 163 -8.90 11.69 29.18
C LEU D 163 -8.67 13.17 28.95
N GLU D 164 -8.29 13.86 30.02
CA GLU D 164 -8.03 15.29 29.97
C GLU D 164 -6.54 15.56 29.83
N GLN D 165 -6.22 16.74 29.31
CA GLN D 165 -4.83 17.16 29.19
C GLN D 165 -4.25 17.45 30.57
N LYS D 166 -3.06 16.91 30.84
CA LYS D 166 -2.42 17.02 32.15
C LYS D 166 -1.32 18.06 32.22
N ILE D 167 -0.42 18.11 31.25
CA ILE D 167 0.63 19.13 31.30
C ILE D 167 0.05 20.45 30.82
N HIS D 168 0.67 21.54 31.28
CA HIS D 168 0.24 22.88 30.90
C HIS D 168 1.48 23.76 30.78
N ALA D 169 1.29 24.92 30.15
CA ALA D 169 2.39 25.85 29.96
C ALA D 169 2.84 26.48 31.27
N ARG D 170 4.13 26.68 31.41
CA ARG D 170 4.67 27.39 32.59
C ARG D 170 5.32 28.67 32.10
N GLY D 171 4.67 29.80 32.32
CA GLY D 171 5.22 31.10 31.99
C GLY D 171 6.20 31.56 33.05
N PRO D 172 6.81 32.72 32.79
CA PRO D 172 7.71 33.31 33.79
C PRO D 172 6.95 33.79 35.01
N GLY D 173 7.58 33.50 36.14
CA GLY D 173 6.95 33.83 37.43
C GLY D 173 7.94 34.51 38.35
N GLU D 174 8.07 34.01 39.57
CA GLU D 174 8.93 34.69 40.57
C GLU D 174 9.98 33.70 41.04
N LEU D 175 9.79 32.41 40.77
CA LEU D 175 10.83 31.41 41.11
C LEU D 175 12.02 31.80 40.25
N ASP D 176 11.76 32.36 39.09
CA ASP D 176 12.86 32.81 38.20
C ASP D 176 13.85 33.69 38.97
N GLU D 177 13.42 34.49 39.96
CA GLU D 177 14.43 35.28 40.63
C GLU D 177 14.81 34.79 42.02
N GLN D 178 14.22 33.70 42.50
CA GLN D 178 14.64 33.10 43.75
C GLN D 178 15.98 32.40 43.54
N PRO D 179 17.01 32.72 44.31
CA PRO D 179 18.39 32.36 43.93
C PRO D 179 18.67 30.86 43.98
N ALA D 180 19.61 30.44 43.13
CA ALA D 180 19.96 29.04 43.03
C ALA D 180 20.75 28.59 44.25
N GLU D 181 20.46 27.39 44.72
CA GLU D 181 21.12 26.83 45.89
C GLU D 181 22.34 26.03 45.47
N ILE D 182 23.36 26.07 46.32
CA ILE D 182 24.58 25.33 46.09
C ILE D 182 24.34 23.86 46.38
N LEU D 183 24.63 23.00 45.40
CA LEU D 183 24.48 21.56 45.59
C LEU D 183 25.53 21.05 46.56
N HIS D 184 25.07 20.30 47.57
CA HIS D 184 25.90 19.69 48.61
C HIS D 184 26.75 20.75 49.33
N GLY D 185 26.06 21.66 50.01
CA GLY D 185 26.70 22.81 50.64
C GLY D 185 27.51 22.50 51.88
N ASP D 186 27.49 21.26 52.36
CA ASP D 186 28.26 20.86 53.53
C ASP D 186 29.61 20.27 53.15
N MET D 187 30.08 20.53 51.92
CA MET D 187 31.36 20.01 51.47
C MET D 187 31.98 20.94 50.44
N VAL D 188 33.25 20.69 50.14
CA VAL D 188 34.02 21.55 49.25
C VAL D 188 33.53 21.32 47.81
N GLN D 189 33.12 22.40 47.15
CA GLN D 189 32.50 22.36 45.83
C GLN D 189 33.41 21.85 44.69
N PRO D 190 34.69 22.23 44.58
CA PRO D 190 35.55 21.54 43.58
C PRO D 190 35.71 20.04 43.83
N LEU D 191 35.72 19.61 45.09
CA LEU D 191 35.73 18.19 45.39
C LEU D 191 34.43 17.51 44.93
N ARG D 192 33.30 18.20 45.10
CA ARG D 192 32.03 17.67 44.62
C ARG D 192 32.02 17.58 43.10
N VAL D 193 32.60 18.58 42.42
CA VAL D 193 32.75 18.56 40.97
C VAL D 193 33.60 17.38 40.52
N LYS D 194 34.73 17.15 41.21
CA LYS D 194 35.62 16.04 40.85
C LYS D 194 34.96 14.69 41.09
N VAL D 195 34.21 14.55 42.19
CA VAL D 195 33.50 13.32 42.48
C VAL D 195 32.40 13.07 41.46
N ASP D 196 31.64 14.11 41.09
CA ASP D 196 30.60 13.97 40.09
C ASP D 196 31.17 13.65 38.71
N ARG D 197 32.32 14.22 38.37
CA ARG D 197 32.94 13.93 37.07
C ARG D 197 33.51 12.51 37.04
N GLU D 198 34.09 12.05 38.15
CA GLU D 198 34.59 10.67 38.21
C GLU D 198 33.44 9.67 38.17
N ALA D 199 32.33 9.96 38.86
CA ALA D 199 31.16 9.09 38.80
C ALA D 199 30.50 9.11 37.43
N ARG D 200 30.62 10.20 36.68
CA ARG D 200 30.07 10.18 35.30
C ARG D 200 31.00 9.39 34.41
N ARG D 201 32.31 9.50 34.63
CA ARG D 201 33.21 8.67 33.80
C ARG D 201 32.79 7.21 33.90
N LEU D 202 32.89 6.60 35.08
CA LEU D 202 32.54 5.17 35.29
C LEU D 202 31.08 4.81 35.05
N ALA D 203 30.12 5.62 35.49
CA ALA D 203 28.70 5.21 35.40
C ALA D 203 27.87 5.93 34.33
N GLY D 204 28.31 7.05 33.78
CA GLY D 204 27.48 7.82 32.84
C GLY D 204 26.79 8.99 33.51
N TYR D 205 26.11 9.88 32.75
CA TYR D 205 25.54 11.04 33.41
C TYR D 205 24.37 10.66 34.30
N ARG D 206 23.61 9.61 33.93
CA ARG D 206 22.39 9.33 34.67
C ARG D 206 22.72 8.59 35.96
N TYR D 207 23.45 7.49 35.89
CA TYR D 207 23.86 6.80 37.11
C TYR D 207 24.93 7.53 37.88
N GLY D 208 25.77 8.31 37.20
CA GLY D 208 26.84 9.02 37.90
C GLY D 208 26.33 10.09 38.85
N ARG D 209 25.27 10.80 38.45
CA ARG D 209 24.71 11.84 39.30
C ARG D 209 24.02 11.18 40.49
N GLN D 210 23.37 10.04 40.24
CA GLN D 210 22.62 9.35 41.32
C GLN D 210 23.61 8.77 42.32
N ILE D 211 24.65 8.10 41.82
CA ILE D 211 25.68 7.54 42.68
C ILE D 211 26.54 8.55 43.42
N ALA D 212 26.92 9.64 42.75
CA ALA D 212 27.72 10.67 43.40
C ALA D 212 26.92 11.42 44.46
N ASP D 213 25.64 11.70 44.19
CA ASP D 213 24.79 12.38 45.18
C ASP D 213 24.58 11.53 46.41
N ASP D 214 24.28 10.23 46.21
CA ASP D 214 24.12 9.32 47.34
C ASP D 214 25.44 9.13 48.10
N TYR D 215 26.56 9.02 47.38
CA TYR D 215 27.85 8.82 48.01
C TYR D 215 28.28 10.03 48.84
N LEU D 216 28.03 11.25 48.33
CA LEU D 216 28.41 12.42 49.11
C LEU D 216 27.43 12.69 50.24
N THR D 217 26.16 12.29 50.07
CA THR D 217 25.22 12.34 51.19
C THR D 217 25.65 11.40 52.31
N GLN D 218 26.12 10.20 51.97
CA GLN D 218 26.61 9.27 52.99
C GLN D 218 27.95 9.73 53.54
N LEU D 219 28.76 10.41 52.72
CA LEU D 219 30.07 10.90 53.14
C LEU D 219 29.96 12.10 54.08
N GLY D 220 28.85 12.85 53.99
CA GLY D 220 28.62 13.94 54.90
C GLY D 220 28.35 13.50 56.34
N GLN D 221 28.01 12.24 56.54
CA GLN D 221 27.75 11.69 57.87
C GLN D 221 28.92 10.88 58.43
N GLY D 222 29.65 10.15 57.59
CA GLY D 222 30.80 9.41 58.05
C GLY D 222 31.20 8.34 57.07
N GLU D 223 32.36 7.75 57.33
CA GLU D 223 32.88 6.69 56.46
C GLU D 223 32.12 5.41 56.76
N GLU D 224 31.77 5.20 58.04
CA GLU D 224 30.91 4.06 58.37
C GLU D 224 29.53 4.13 57.73
N GLN D 225 29.02 5.36 57.54
CA GLN D 225 27.79 5.56 56.79
C GLN D 225 27.86 5.22 55.31
N VAL D 226 29.02 5.47 54.69
CA VAL D 226 29.27 5.04 53.31
C VAL D 226 29.36 3.52 53.23
N ALA D 227 30.06 2.90 54.19
CA ALA D 227 30.28 1.45 54.15
C ALA D 227 28.99 0.68 54.39
N ARG D 228 28.10 1.21 55.23
CA ARG D 228 26.82 0.54 55.46
C ARG D 228 25.86 0.73 54.30
N TRP D 229 26.02 1.81 53.53
CA TRP D 229 25.20 2.01 52.34
C TRP D 229 25.61 1.06 51.21
N LEU D 230 26.91 0.76 51.11
CA LEU D 230 27.38 -0.19 50.11
C LEU D 230 26.96 -1.62 50.45
N GLU D 231 26.82 -1.93 51.74
CA GLU D 231 26.39 -3.27 52.13
C GLU D 231 24.92 -3.51 51.82
N ALA D 232 24.10 -2.45 51.88
CA ALA D 232 22.67 -2.59 51.57
C ALA D 232 22.41 -2.78 50.08
N GLU D 233 23.20 -2.13 49.22
CA GLU D 233 22.97 -2.22 47.78
C GLU D 233 23.44 -3.57 47.24
N ASN D 234 24.55 -4.08 47.76
CA ASN D 234 25.13 -5.40 47.44
C ASN D 234 25.40 -5.59 45.94
N ASP D 235 25.86 -4.49 45.33
CA ASP D 235 26.15 -4.47 43.87
C ASP D 235 27.66 -4.30 43.72
N PRO D 236 28.35 -5.18 42.97
CA PRO D 236 29.80 -5.11 42.85
C PRO D 236 30.28 -3.94 41.99
N ARG D 237 29.55 -3.58 40.94
CA ARG D 237 29.81 -2.46 40.04
C ARG D 237 29.74 -1.14 40.80
N LEU D 238 28.73 -0.99 41.66
CA LEU D 238 28.65 0.19 42.51
C LEU D 238 29.78 0.25 43.53
N ASN D 239 30.24 -0.92 44.00
CA ASN D 239 31.41 -0.95 44.88
C ASN D 239 32.63 -0.52 44.06
N GLU D 240 32.70 -0.92 42.79
CA GLU D 240 33.78 -0.46 41.92
C GLU D 240 33.80 1.07 41.77
N ILE D 241 32.63 1.64 41.46
CA ILE D 241 32.50 3.09 41.33
C ILE D 241 32.77 3.89 42.60
N VAL D 242 32.25 3.42 43.75
CA VAL D 242 32.47 4.10 45.02
C VAL D 242 33.93 3.96 45.47
N SER D 243 34.61 2.88 45.08
CA SER D 243 36.05 2.78 45.35
C SER D 243 36.84 3.82 44.57
N HIS D 244 36.47 4.07 43.30
CA HIS D 244 37.12 5.14 42.56
C HIS D 244 36.79 6.52 43.13
N LEU D 245 35.55 6.70 43.60
CA LEU D 245 35.17 7.96 44.24
C LEU D 245 35.93 8.19 45.54
N ASN D 246 36.14 7.13 46.31
CA ASN D 246 36.96 7.21 47.52
C ASN D 246 38.42 7.51 47.18
N HIS D 247 38.90 6.98 46.05
CA HIS D 247 40.25 7.31 45.60
C HIS D 247 40.37 8.80 45.22
N VAL D 248 39.32 9.35 44.60
CA VAL D 248 39.30 10.78 44.26
C VAL D 248 39.26 11.63 45.52
N VAL D 249 38.44 11.24 46.51
CA VAL D 249 38.35 11.96 47.77
C VAL D 249 39.68 11.90 48.54
N GLU D 250 40.34 10.73 48.51
CA GLU D 250 41.65 10.60 49.16
C GLU D 250 42.73 11.41 48.44
N GLU D 251 42.66 11.50 47.11
CA GLU D 251 43.60 12.35 46.40
C GLU D 251 43.34 13.84 46.65
N ALA D 252 42.10 14.21 46.96
CA ALA D 252 41.82 15.60 47.27
C ALA D 252 42.34 15.99 48.64
N ARG D 253 42.38 15.04 49.57
CA ARG D 253 42.81 15.34 50.97
C ARG D 253 44.33 15.56 51.00
N PHE E 2 -3.85 -27.63 15.76
CA PHE E 2 -3.17 -26.40 15.30
C PHE E 2 -2.19 -25.92 16.36
N THR E 3 -0.95 -25.66 15.97
CA THR E 3 0.08 -25.13 16.90
C THR E 3 -0.22 -23.68 17.22
N PHE E 4 -0.86 -22.97 16.31
CA PHE E 4 -1.20 -21.55 16.53
C PHE E 4 -2.20 -21.46 17.66
N ILE E 5 -3.19 -22.35 17.70
CA ILE E 5 -4.25 -22.30 18.74
C ILE E 5 -3.68 -22.64 20.12
N LYS E 6 -2.79 -23.62 20.25
CA LYS E 6 -2.18 -23.79 21.57
C LYS E 6 -1.48 -22.47 21.91
N LYS E 7 -0.67 -21.96 21.00
CA LYS E 7 0.03 -20.71 21.28
C LYS E 7 -0.87 -19.58 21.76
N VAL E 8 -2.06 -19.46 21.18
CA VAL E 8 -3.02 -18.42 21.59
C VAL E 8 -3.58 -18.74 22.97
N ILE E 9 -3.93 -20.01 23.21
CA ILE E 9 -4.54 -20.40 24.48
C ILE E 9 -3.47 -20.31 25.58
N LYS E 10 -2.24 -20.66 25.27
CA LYS E 10 -1.17 -20.66 26.30
C LYS E 10 -0.81 -19.24 26.73
N THR E 11 -0.86 -18.28 25.80
CA THR E 11 -0.57 -16.90 26.17
C THR E 11 -1.64 -16.19 26.98
N GLY E 12 -2.90 -16.36 26.60
CA GLY E 12 -3.97 -15.63 27.25
C GLY E 12 -4.08 -14.21 26.71
N THR E 13 -4.63 -13.32 27.53
CA THR E 13 -4.78 -11.91 27.18
C THR E 13 -3.65 -11.11 27.81
N ALA E 14 -2.86 -10.46 26.96
CA ALA E 14 -1.72 -9.66 27.41
C ALA E 14 -2.02 -8.18 27.53
N THR E 15 -3.26 -7.78 27.27
CA THR E 15 -3.60 -6.35 27.23
C THR E 15 -3.70 -5.77 28.62
N SER E 16 -3.04 -4.63 28.82
CA SER E 16 -3.09 -3.92 30.09
C SER E 16 -4.36 -3.08 30.23
N SER E 17 -4.47 -2.44 31.39
CA SER E 17 -5.72 -1.70 31.64
C SER E 17 -5.44 -0.22 31.54
N TYR E 18 -4.36 0.15 30.86
CA TYR E 18 -4.16 1.60 30.68
C TYR E 18 -5.34 2.05 29.82
N PRO E 19 -6.02 3.16 30.16
CA PRO E 19 -5.52 4.15 31.10
C PRO E 19 -5.90 3.95 32.58
N LEU E 20 -6.72 2.96 32.91
CA LEU E 20 -7.21 2.72 34.31
C LEU E 20 -6.08 2.43 35.30
N GLU E 21 -5.12 1.62 34.89
CA GLU E 21 -3.96 1.30 35.76
C GLU E 21 -2.72 1.82 35.05
N PRO E 22 -1.80 2.53 35.73
CA PRO E 22 -0.68 3.15 35.03
C PRO E 22 0.21 2.14 34.30
N ILE E 23 1.05 2.61 33.38
CA ILE E 23 1.99 1.64 32.75
C ILE E 23 3.33 2.01 33.32
N ALA E 24 4.01 1.03 33.92
CA ALA E 24 5.31 1.30 34.57
C ALA E 24 6.36 1.65 33.55
N VAL E 25 7.22 2.63 33.83
CA VAL E 25 8.39 2.88 32.95
C VAL E 25 9.57 2.72 33.90
N ASP E 26 10.76 2.46 33.38
CA ASP E 26 11.94 2.20 34.24
C ASP E 26 12.32 3.44 35.03
N LYS E 27 12.79 3.28 36.26
CA LYS E 27 13.22 4.39 37.15
C LYS E 27 14.03 5.44 36.40
N ASN E 28 14.77 5.05 35.39
CA ASN E 28 15.61 5.99 34.66
C ASN E 28 15.11 6.18 33.23
N PHE E 29 13.80 6.04 33.04
CA PHE E 29 13.20 6.30 31.73
C PHE E 29 13.27 7.79 31.41
N ARG E 30 13.64 8.10 30.17
CA ARG E 30 13.85 9.49 29.76
C ARG E 30 12.52 10.06 29.28
N GLY E 31 11.76 10.60 30.23
CA GLY E 31 10.52 11.29 29.94
C GLY E 31 10.72 12.79 29.80
N LYS E 32 9.68 13.54 30.17
CA LYS E 32 9.67 14.99 29.96
C LYS E 32 10.71 15.68 30.84
N PRO E 33 11.52 16.59 30.29
CA PRO E 33 12.47 17.32 31.12
C PRO E 33 11.79 18.32 32.04
N GLU E 34 11.73 18.00 33.33
CA GLU E 34 11.31 18.97 34.33
C GLU E 34 12.39 20.02 34.49
N GLN E 35 11.98 21.20 34.94
CA GLN E 35 12.93 22.30 35.05
C GLN E 35 12.61 23.11 36.30
N ASN E 36 13.61 23.31 37.15
CA ASN E 36 13.45 24.11 38.35
C ASN E 36 13.87 25.53 38.01
N PRO E 37 12.95 26.50 38.00
CA PRO E 37 13.34 27.88 37.68
C PRO E 37 14.15 28.56 38.76
N GLN E 38 14.02 28.14 40.01
CA GLN E 38 14.84 28.71 41.09
C GLN E 38 16.29 28.26 40.96
N GLN E 39 16.52 26.99 40.64
CA GLN E 39 17.87 26.46 40.54
C GLN E 39 18.57 26.88 39.25
N CYS E 40 17.83 27.31 38.23
CA CYS E 40 18.43 27.69 36.97
C CYS E 40 19.12 29.04 37.07
N ILE E 41 20.35 29.12 36.59
CA ILE E 41 21.11 30.36 36.62
C ILE E 41 21.11 31.07 35.27
N GLY E 42 20.35 30.56 34.30
CA GLY E 42 20.32 31.14 32.98
C GLY E 42 21.61 31.02 32.20
N CYS E 43 22.42 30.00 32.52
CA CYS E 43 23.75 29.87 31.95
C CYS E 43 23.75 29.36 30.52
N ALA E 44 22.62 28.81 30.06
CA ALA E 44 22.44 28.29 28.69
C ALA E 44 23.43 27.19 28.33
N ALA E 45 23.92 26.45 29.33
CA ALA E 45 24.70 25.26 29.07
C ALA E 45 23.84 24.18 28.41
N CYS E 46 22.61 24.02 28.91
CA CYS E 46 21.64 23.11 28.32
C CYS E 46 21.22 23.55 26.93
N VAL E 47 21.15 24.87 26.71
CA VAL E 47 20.77 25.42 25.42
C VAL E 47 21.83 25.10 24.36
N ASN E 48 23.10 25.17 24.75
CA ASN E 48 24.19 24.88 23.82
C ASN E 48 24.32 23.39 23.51
N ALA E 49 23.83 22.52 24.39
CA ALA E 49 23.94 21.08 24.19
C ALA E 49 22.70 20.45 23.60
N CYS E 50 21.64 21.21 23.37
CA CYS E 50 20.39 20.64 22.86
C CYS E 50 20.52 20.33 21.38
N PRO E 51 20.35 19.07 20.95
CA PRO E 51 20.49 18.75 19.53
C PRO E 51 19.33 19.22 18.68
N SER E 52 18.11 19.28 19.23
CA SER E 52 16.94 19.67 18.48
C SER E 52 16.53 21.12 18.71
N ASN E 53 17.32 21.89 19.48
CA ASN E 53 17.05 23.27 19.86
C ASN E 53 15.69 23.41 20.54
N ALA E 54 15.36 22.44 21.40
CA ALA E 54 14.21 22.57 22.28
C ALA E 54 14.42 23.63 23.33
N LEU E 55 15.67 23.92 23.64
CA LEU E 55 16.05 24.93 24.62
C LEU E 55 16.56 26.14 23.87
N THR E 56 15.95 27.29 24.10
CA THR E 56 16.36 28.53 23.46
C THR E 56 16.47 29.63 24.51
N VAL E 57 17.41 30.54 24.28
CA VAL E 57 17.53 31.77 25.07
C VAL E 57 17.52 32.94 24.10
N GLU E 58 16.84 34.01 24.49
CA GLU E 58 16.81 35.26 23.73
C GLU E 58 17.14 36.38 24.69
N THR E 59 18.07 37.25 24.28
CA THR E 59 18.45 38.41 25.09
C THR E 59 17.53 39.56 24.73
N ASP E 60 16.56 39.82 25.61
CA ASP E 60 15.60 40.93 25.44
C ASP E 60 16.07 42.17 26.21
N LEU E 61 16.78 43.07 25.54
CA LEU E 61 17.36 44.28 26.18
C LEU E 61 16.24 45.17 26.70
N ALA E 62 15.13 45.27 25.97
CA ALA E 62 14.06 46.21 26.38
C ALA E 62 13.52 45.84 27.75
N THR E 63 13.34 44.56 28.01
CA THR E 63 12.81 44.09 29.32
C THR E 63 13.99 43.88 30.29
N GLY E 64 15.22 44.04 29.83
CA GLY E 64 16.42 43.75 30.63
C GLY E 64 16.48 42.32 31.09
N GLU E 65 16.09 41.38 30.25
CA GLU E 65 16.03 39.99 30.72
C GLU E 65 16.51 38.98 29.68
N LEU E 66 16.80 37.77 30.11
CA LEU E 66 17.11 36.63 29.25
C LEU E 66 15.87 35.73 29.21
N ALA E 67 15.37 35.47 28.00
CA ALA E 67 14.12 34.72 27.84
C ALA E 67 14.46 33.25 27.67
N TRP E 68 14.46 32.53 28.78
CA TRP E 68 14.65 31.08 28.76
C TRP E 68 13.36 30.39 28.37
N GLU E 69 13.46 29.39 27.50
CA GLU E 69 12.28 28.67 27.04
C GLU E 69 12.61 27.22 26.76
N PHE E 70 11.70 26.31 27.11
CA PHE E 70 11.79 24.91 26.74
C PHE E 70 10.56 24.56 25.92
N ASN E 71 10.77 23.99 24.74
CA ASN E 71 9.68 23.57 23.87
C ASN E 71 9.62 22.04 23.87
N LEU E 72 8.50 21.50 24.35
CA LEU E 72 8.36 20.05 24.42
C LEU E 72 8.12 19.43 23.05
N GLY E 73 7.51 20.17 22.14
CA GLY E 73 7.30 19.67 20.79
C GLY E 73 8.57 19.53 19.98
N HIS E 74 9.63 20.23 20.37
CA HIS E 74 10.94 20.10 19.74
C HIS E 74 11.77 18.96 20.33
N CYS E 75 11.52 18.59 21.58
CA CYS E 75 12.45 17.79 22.36
C CYS E 75 12.57 16.36 21.85
N ILE E 76 13.80 15.88 21.71
CA ILE E 76 14.05 14.52 21.27
C ILE E 76 14.36 13.59 22.43
N PHE E 77 14.27 14.09 23.67
CA PHE E 77 14.28 13.28 24.91
C PHE E 77 15.61 12.55 25.09
N CYS E 78 16.70 13.21 24.70
CA CYS E 78 18.02 12.61 24.77
C CYS E 78 18.65 12.75 26.16
N GLY E 79 18.29 13.78 26.91
CA GLY E 79 18.82 13.97 28.24
C GLY E 79 20.13 14.71 28.32
N ARG E 80 20.54 15.42 27.27
CA ARG E 80 21.79 16.16 27.31
C ARG E 80 21.70 17.42 28.17
N CYS E 81 20.51 18.00 28.29
CA CYS E 81 20.30 19.13 29.19
C CYS E 81 20.54 18.72 30.63
N GLU E 82 20.04 17.56 31.03
CA GLU E 82 20.32 17.01 32.35
C GLU E 82 21.79 16.65 32.51
N GLU E 83 22.45 16.27 31.41
CA GLU E 83 23.86 15.90 31.46
C GLU E 83 24.76 17.10 31.71
N VAL E 84 24.50 18.22 31.04
CA VAL E 84 25.41 19.36 31.09
C VAL E 84 24.97 20.44 32.07
N CYS E 85 23.88 20.21 32.81
CA CYS E 85 23.37 21.25 33.72
C CYS E 85 24.31 21.40 34.92
N PRO E 86 24.78 22.61 35.20
CA PRO E 86 25.71 22.79 36.33
C PRO E 86 25.03 22.67 37.69
N THR E 87 23.85 23.27 37.84
CA THR E 87 23.14 23.29 39.10
C THR E 87 22.14 22.15 39.24
N ALA E 88 22.08 21.25 38.26
CA ALA E 88 21.08 20.17 38.15
C ALA E 88 19.66 20.73 38.21
N ALA E 89 19.46 21.87 37.54
CA ALA E 89 18.15 22.50 37.53
C ALA E 89 17.18 21.75 36.62
N ILE E 90 17.65 21.33 35.45
CA ILE E 90 16.83 20.59 34.51
C ILE E 90 17.11 19.10 34.68
N LYS E 91 16.05 18.31 34.70
CA LYS E 91 16.16 16.87 34.86
C LYS E 91 15.00 16.21 34.14
N LEU E 92 15.29 15.08 33.49
CA LEU E 92 14.27 14.37 32.75
C LEU E 92 13.48 13.48 33.70
N SER E 93 12.17 13.68 33.75
CA SER E 93 11.29 12.93 34.63
C SER E 93 10.92 11.60 33.99
N GLN E 94 9.92 10.93 34.53
CA GLN E 94 9.37 9.71 33.96
C GLN E 94 7.97 9.92 33.40
N GLU E 95 7.56 11.18 33.23
CA GLU E 95 6.25 11.50 32.69
C GLU E 95 6.23 11.27 31.18
N TYR E 96 5.21 10.57 30.70
CA TYR E 96 5.04 10.33 29.28
C TYR E 96 3.70 10.82 28.75
N GLU E 97 2.77 11.21 29.62
CA GLU E 97 1.43 11.66 29.21
C GLU E 97 1.50 13.14 28.91
N LEU E 98 1.98 13.47 27.71
CA LEU E 98 2.36 14.83 27.36
C LEU E 98 1.61 15.40 26.16
N ALA E 99 0.53 14.76 25.71
CA ALA E 99 -0.23 15.28 24.59
C ALA E 99 -1.02 16.52 24.98
N VAL E 100 -1.15 17.46 24.05
CA VAL E 100 -1.81 18.74 24.28
C VAL E 100 -2.85 18.97 23.19
N TRP E 101 -3.72 19.95 23.44
CA TRP E 101 -4.62 20.48 22.42
C TRP E 101 -4.04 21.72 21.77
N LYS E 102 -3.35 22.55 22.55
CA LYS E 102 -2.69 23.76 22.08
C LYS E 102 -1.20 23.61 22.27
N LYS E 103 -0.42 23.89 21.23
CA LYS E 103 1.02 23.71 21.29
C LYS E 103 1.72 24.76 22.13
N GLU E 104 1.02 25.81 22.57
CA GLU E 104 1.56 26.73 23.55
C GLU E 104 1.76 26.06 24.91
N ASP E 105 1.00 25.00 25.21
CA ASP E 105 1.14 24.26 26.46
C ASP E 105 2.43 23.44 26.52
N PHE E 106 3.16 23.31 25.41
CA PHE E 106 4.46 22.67 25.42
C PHE E 106 5.52 23.53 26.07
N LEU E 107 5.27 24.82 26.28
CA LEU E 107 6.31 25.78 26.60
C LEU E 107 6.54 25.86 28.11
N GLN E 108 7.80 25.71 28.52
CA GLN E 108 8.25 25.99 29.87
C GLN E 108 9.14 27.24 29.78
N GLN E 109 8.63 28.36 30.25
CA GLN E 109 9.28 29.66 30.04
C GLN E 109 9.84 30.20 31.35
N SER E 110 10.99 30.85 31.25
CA SER E 110 11.61 31.54 32.37
C SER E 110 12.18 32.86 31.87
N ARG E 111 12.27 33.84 32.77
CA ARG E 111 12.84 35.14 32.44
C ARG E 111 13.72 35.58 33.59
N PHE E 112 15.02 35.64 33.34
CA PHE E 112 16.01 36.00 34.35
C PHE E 112 16.52 37.40 34.07
N ALA E 113 16.53 38.24 35.11
CA ALA E 113 16.94 39.62 34.97
C ALA E 113 18.44 39.70 34.66
N LEU E 114 18.78 40.48 33.64
CA LEU E 114 20.17 40.66 33.25
C LEU E 114 20.87 41.60 34.22
N CYS E 115 22.19 41.53 34.21
CA CYS E 115 23.03 42.39 35.03
C CYS E 115 23.73 43.39 34.13
N ASN E 116 23.50 44.67 34.38
CA ASN E 116 24.25 45.71 33.70
C ASN E 116 25.63 45.84 34.32
N CYS E 117 26.63 46.09 33.48
CA CYS E 117 28.02 46.30 33.93
C CYS E 117 28.15 47.60 34.76
N ARG E 118 28.99 47.60 35.81
CA ARG E 118 29.18 48.78 36.65
C ARG E 118 29.84 49.91 35.89
N VAL E 119 30.66 49.55 34.90
CA VAL E 119 31.44 50.57 34.16
C VAL E 119 30.69 51.05 32.92
N CYS E 120 30.18 50.16 32.06
CA CYS E 120 29.60 50.61 30.78
C CYS E 120 28.06 50.50 30.80
N ASN E 121 27.46 50.12 31.91
CA ASN E 121 26.02 49.93 32.07
C ASN E 121 25.36 49.17 30.93
N ARG E 122 26.10 48.31 30.23
CA ARG E 122 25.52 47.45 29.21
C ARG E 122 25.22 46.09 29.85
N PRO E 123 24.10 45.46 29.49
CA PRO E 123 23.80 44.14 30.04
C PRO E 123 24.73 43.09 29.46
N PHE E 124 25.47 42.41 30.34
CA PHE E 124 26.49 41.47 29.90
C PHE E 124 26.28 40.05 30.40
N ALA E 125 25.56 39.84 31.50
CA ALA E 125 25.39 38.49 32.03
C ALA E 125 24.09 38.42 32.81
N VAL E 126 23.67 37.19 33.08
CA VAL E 126 22.53 36.95 33.98
C VAL E 126 22.97 37.26 35.40
N GLN E 127 22.16 38.05 36.11
CA GLN E 127 22.45 38.40 37.50
C GLN E 127 22.40 37.18 38.41
N LYS E 128 21.53 36.22 38.09
CA LYS E 128 21.43 34.97 38.84
C LYS E 128 22.71 34.15 38.74
N GLU E 129 23.30 34.10 37.55
CA GLU E 129 24.54 33.37 37.35
C GLU E 129 25.70 34.04 38.08
N ILE E 130 25.71 35.37 38.13
CA ILE E 130 26.71 36.11 38.88
C ILE E 130 26.56 35.85 40.37
N ASP E 131 25.31 35.81 40.85
CA ASP E 131 25.07 35.50 42.26
C ASP E 131 25.49 34.09 42.62
N TYR E 132 25.26 33.14 41.70
CA TYR E 132 25.69 31.76 41.92
C TYR E 132 27.21 31.64 41.94
N ALA E 133 27.90 32.37 41.05
CA ALA E 133 29.37 32.35 41.05
C ALA E 133 29.93 33.00 42.30
N ILE E 134 29.28 34.08 42.77
CA ILE E 134 29.70 34.75 44.00
C ILE E 134 29.52 33.83 45.20
N ALA E 135 28.40 33.11 45.25
CA ALA E 135 28.16 32.14 46.33
C ALA E 135 29.13 30.97 46.25
N LEU E 136 29.47 30.53 45.04
CA LEU E 136 30.45 29.46 44.86
C LEU E 136 31.82 29.86 45.35
N LEU E 137 32.24 31.11 45.08
CA LEU E 137 33.53 31.57 45.55
C LEU E 137 33.52 31.89 47.04
N LYS E 138 32.38 32.32 47.58
CA LYS E 138 32.23 32.47 49.03
C LYS E 138 32.32 31.13 49.74
N HIS E 139 31.82 30.06 49.10
CA HIS E 139 31.87 28.73 49.71
C HIS E 139 33.30 28.21 49.79
N ASN E 140 34.18 28.60 48.87
CA ASN E 140 35.56 28.05 48.83
C ASN E 140 36.47 28.95 49.64
N GLY E 141 35.92 30.03 50.17
CA GLY E 141 36.71 30.97 50.97
C GLY E 141 37.32 32.02 50.09
N ASP E 142 36.54 33.02 49.68
CA ASP E 142 37.05 34.11 48.81
C ASP E 142 36.69 35.47 49.39
N SER E 143 37.64 36.41 49.36
CA SER E 143 37.40 37.78 49.87
C SER E 143 36.88 38.67 48.73
N ARG E 144 37.33 38.41 47.51
CA ARG E 144 36.81 39.17 46.34
C ARG E 144 35.31 38.91 46.24
N ALA E 145 34.86 37.76 46.73
CA ALA E 145 33.41 37.57 46.74
C ALA E 145 32.76 38.16 47.98
N GLU E 146 33.47 38.12 49.12
CA GLU E 146 32.92 38.61 50.37
C GLU E 146 32.88 40.13 50.44
N ASN E 147 33.75 40.82 49.70
CA ASN E 147 33.87 42.27 49.81
C ASN E 147 33.60 42.96 48.48
N HIS E 148 33.93 42.33 47.34
CA HIS E 148 33.81 43.04 46.04
C HIS E 148 32.85 42.39 45.04
N ARG E 149 31.55 42.63 45.17
CA ARG E 149 30.58 42.11 44.19
C ARG E 149 30.66 42.96 42.91
N GLU E 150 31.08 44.23 43.01
CA GLU E 150 31.07 45.02 41.79
C GLU E 150 32.13 44.57 40.77
N SER E 151 33.13 43.80 41.19
CA SER E 151 34.05 43.22 40.22
C SER E 151 33.41 42.07 39.46
N PHE E 152 32.48 41.34 40.10
CA PHE E 152 31.77 40.27 39.42
C PHE E 152 30.67 40.82 38.52
N GLU E 153 30.13 41.99 38.84
CA GLU E 153 29.12 42.63 38.01
C GLU E 153 29.74 43.59 37.00
N THR E 154 30.99 43.34 36.60
CA THR E 154 31.68 44.10 35.57
C THR E 154 31.87 43.20 34.35
N CYS E 155 31.73 43.76 33.17
CA CYS E 155 31.85 42.95 31.94
C CYS E 155 33.33 42.65 31.72
N PRO E 156 33.64 41.53 31.04
CA PRO E 156 35.05 41.16 30.80
C PRO E 156 35.84 42.16 29.99
N GLU E 157 35.19 42.94 29.13
CA GLU E 157 35.89 44.01 28.42
C GLU E 157 36.32 45.11 29.37
N CYS E 158 35.46 45.44 30.33
CA CYS E 158 35.74 46.51 31.31
C CYS E 158 36.72 46.01 32.35
N LYS E 159 36.73 44.72 32.61
CA LYS E 159 37.74 44.12 33.47
C LYS E 159 39.10 44.04 32.79
N ARG E 160 39.12 43.95 31.45
CA ARG E 160 40.37 44.07 30.71
C ARG E 160 40.88 45.51 30.66
N GLN E 161 39.99 46.49 30.79
CA GLN E 161 40.41 47.88 30.77
C GLN E 161 41.08 48.28 32.08
N LYS E 162 40.73 47.62 33.19
CA LYS E 162 41.37 47.93 34.46
C LYS E 162 42.82 47.44 34.51
N CYS E 163 43.14 46.40 33.75
CA CYS E 163 44.49 45.87 33.73
C CYS E 163 45.45 46.69 32.87
N LEU E 164 44.93 47.66 32.10
CA LEU E 164 45.79 48.47 31.24
C LEU E 164 46.54 49.52 32.05
N VAL E 165 45.83 50.25 32.91
CA VAL E 165 46.35 51.31 33.78
C VAL E 165 47.09 52.40 33.01
N SER F 2 -47.98 -13.27 5.77
CA SER F 2 -47.22 -13.98 4.70
C SER F 2 -46.47 -12.92 3.89
N VAL F 3 -46.88 -11.67 4.04
CA VAL F 3 -46.13 -10.55 3.38
C VAL F 3 -45.40 -9.89 4.54
N LEU F 4 -45.52 -10.48 5.74
CA LEU F 4 -44.92 -9.87 6.94
C LEU F 4 -43.82 -10.77 7.51
N TYR F 5 -44.05 -12.08 7.52
CA TYR F 5 -42.95 -12.99 7.95
C TYR F 5 -41.71 -12.72 7.11
N PRO F 6 -41.78 -12.74 5.78
CA PRO F 6 -40.59 -12.58 4.95
C PRO F 6 -39.89 -11.25 5.15
N LEU F 7 -40.66 -10.18 5.42
CA LEU F 7 -40.10 -8.83 5.63
C LEU F 7 -39.68 -8.70 7.08
N ILE F 8 -40.46 -9.26 8.00
CA ILE F 8 -39.99 -9.24 9.38
C ILE F 8 -38.66 -9.97 9.51
N GLN F 9 -38.49 -11.09 8.79
CA GLN F 9 -37.21 -11.79 8.76
C GLN F 9 -36.12 -10.94 8.10
N ALA F 10 -36.48 -10.21 7.04
CA ALA F 10 -35.50 -9.34 6.37
C ALA F 10 -35.06 -8.21 7.29
N LEU F 11 -36.00 -7.57 7.99
CA LEU F 11 -35.64 -6.54 8.99
C LEU F 11 -34.86 -7.11 10.16
N VAL F 12 -35.17 -8.33 10.61
CA VAL F 12 -34.44 -8.91 11.75
C VAL F 12 -33.01 -9.27 11.35
N LEU F 13 -32.78 -9.79 10.16
CA LEU F 13 -31.41 -10.22 9.78
C LEU F 13 -30.51 -9.01 9.49
N PHE F 14 -30.98 -8.02 8.77
CA PHE F 14 -30.23 -6.78 8.51
C PHE F 14 -29.78 -6.16 9.83
N ALA F 15 -30.67 -6.06 10.81
CA ALA F 15 -30.36 -5.37 12.09
C ALA F 15 -29.29 -6.13 12.89
N VAL F 16 -29.27 -7.45 12.80
CA VAL F 16 -28.32 -8.27 13.60
C VAL F 16 -27.09 -8.56 12.78
N ALA F 17 -27.10 -8.35 11.48
CA ALA F 17 -25.94 -8.74 10.65
C ALA F 17 -24.66 -8.07 11.16
N PRO F 18 -24.68 -6.81 11.64
CA PRO F 18 -23.49 -6.14 12.12
C PRO F 18 -23.11 -6.54 13.55
N LEU F 19 -23.84 -7.48 14.15
CA LEU F 19 -23.49 -8.00 15.49
C LEU F 19 -22.72 -9.29 15.27
N LEU F 20 -22.97 -10.01 14.19
CA LEU F 20 -22.17 -11.21 13.86
C LEU F 20 -20.78 -10.78 13.45
N SER F 21 -20.60 -9.62 12.83
CA SER F 21 -19.32 -8.99 12.57
C SER F 21 -18.65 -8.57 13.87
N GLY F 22 -19.44 -8.25 14.90
CA GLY F 22 -18.88 -7.97 16.20
C GLY F 22 -18.33 -9.22 16.87
N ILE F 23 -19.02 -10.33 16.73
CA ILE F 23 -18.46 -11.60 17.27
C ILE F 23 -17.19 -11.89 16.47
N THR F 24 -17.24 -11.73 15.15
CA THR F 24 -16.03 -11.96 14.35
C THR F 24 -14.83 -11.11 14.75
N ARG F 25 -15.03 -9.81 15.05
CA ARG F 25 -13.94 -8.87 15.44
C ARG F 25 -13.52 -9.08 16.89
N VAL F 26 -14.40 -9.59 17.75
CA VAL F 26 -14.04 -9.95 19.11
C VAL F 26 -13.22 -11.24 19.12
N ALA F 27 -13.64 -12.24 18.34
CA ALA F 27 -12.89 -13.49 18.25
C ALA F 27 -11.55 -13.29 17.54
N ARG F 28 -11.49 -12.35 16.59
CA ARG F 28 -10.22 -11.95 16.00
C ARG F 28 -9.29 -11.34 17.05
N ALA F 29 -9.84 -10.49 17.92
CA ALA F 29 -9.03 -9.87 18.97
C ALA F 29 -8.60 -10.92 20.00
N ARG F 30 -9.49 -11.86 20.33
CA ARG F 30 -9.13 -12.91 21.28
C ARG F 30 -8.09 -13.86 20.71
N LEU F 31 -8.16 -14.14 19.41
CA LEU F 31 -7.10 -14.90 18.74
C LEU F 31 -5.84 -14.09 18.46
N HIS F 32 -5.90 -12.77 18.64
CA HIS F 32 -4.71 -11.92 18.60
C HIS F 32 -4.20 -11.61 19.99
N ASN F 33 -4.72 -12.31 21.02
CA ASN F 33 -4.33 -12.20 22.42
C ASN F 33 -4.50 -10.78 22.98
N ARG F 34 -5.58 -10.13 22.56
CA ARG F 34 -5.84 -8.72 22.91
C ARG F 34 -7.24 -8.60 23.49
N ARG F 35 -7.50 -7.58 24.28
CA ARG F 35 -8.85 -7.37 24.90
C ARG F 35 -9.84 -7.07 23.80
N GLY F 36 -9.47 -6.15 22.92
CA GLY F 36 -10.31 -5.81 21.80
C GLY F 36 -11.50 -4.96 22.17
N PRO F 37 -12.33 -4.63 21.18
CA PRO F 37 -13.52 -3.82 21.46
C PRO F 37 -14.70 -4.69 21.84
N GLY F 38 -15.86 -4.07 22.04
CA GLY F 38 -17.07 -4.81 22.30
C GLY F 38 -17.67 -5.40 21.04
N VAL F 39 -18.77 -6.13 21.22
CA VAL F 39 -19.48 -6.73 20.10
C VAL F 39 -20.28 -5.71 19.30
N LEU F 40 -20.50 -4.51 19.85
CA LEU F 40 -21.23 -3.46 19.17
C LEU F 40 -20.31 -2.46 18.48
N GLN F 41 -19.04 -2.84 18.24
CA GLN F 41 -18.09 -1.91 17.63
C GLN F 41 -18.42 -1.68 16.16
N GLU F 42 -18.80 -2.73 15.45
CA GLU F 42 -19.20 -2.60 14.03
C GLU F 42 -20.47 -1.75 13.91
N TYR F 43 -21.43 -1.91 14.80
CA TYR F 43 -22.62 -1.02 14.78
C TYR F 43 -22.19 0.39 15.13
N ARG F 44 -21.31 0.53 16.12
CA ARG F 44 -20.78 1.86 16.53
C ARG F 44 -20.03 2.46 15.35
N ASP F 45 -19.41 1.65 14.49
CA ASP F 45 -18.62 2.15 13.34
C ASP F 45 -19.52 2.49 12.16
N ILE F 46 -20.60 1.73 11.93
CA ILE F 46 -21.57 2.04 10.89
C ILE F 46 -22.40 3.28 11.17
N ILE F 47 -22.86 3.46 12.42
CA ILE F 47 -23.64 4.64 12.77
C ILE F 47 -22.78 5.91 12.70
N LYS F 48 -21.49 5.80 13.07
CA LYS F 48 -20.56 6.92 12.89
C LYS F 48 -20.36 7.25 11.42
N LEU F 49 -20.22 6.23 10.57
CA LEU F 49 -19.98 6.48 9.16
C LEU F 49 -21.22 7.02 8.46
N LEU F 50 -22.42 6.66 8.93
CA LEU F 50 -23.64 7.18 8.33
C LEU F 50 -23.80 8.69 8.51
N GLY F 51 -23.16 9.28 9.51
CA GLY F 51 -23.13 10.72 9.65
C GLY F 51 -21.85 11.33 9.13
N ARG F 52 -21.12 10.59 8.30
CA ARG F 52 -19.86 11.04 7.73
C ARG F 52 -20.02 11.24 6.22
N GLN F 53 -19.33 12.25 5.70
CA GLN F 53 -19.50 12.67 4.32
C GLN F 53 -19.00 11.61 3.34
N SER F 54 -19.84 11.30 2.35
CA SER F 54 -19.52 10.29 1.34
C SER F 54 -18.83 10.99 0.17
N VAL F 55 -17.55 10.69 -0.04
CA VAL F 55 -16.78 11.33 -1.08
C VAL F 55 -16.43 10.28 -2.12
N GLY F 56 -16.00 10.73 -3.29
CA GLY F 56 -15.61 9.83 -4.34
C GLY F 56 -14.70 10.50 -5.35
N PRO F 57 -14.13 9.71 -6.25
CA PRO F 57 -13.31 10.30 -7.33
C PRO F 57 -14.18 11.05 -8.32
N ASP F 58 -13.54 12.00 -9.00
CA ASP F 58 -14.24 12.83 -9.97
C ASP F 58 -14.67 12.03 -11.19
N ALA F 59 -13.91 11.00 -11.56
CA ALA F 59 -14.26 10.14 -12.69
C ALA F 59 -15.09 8.94 -12.23
N SER F 60 -16.15 9.22 -11.47
CA SER F 60 -17.09 8.20 -11.03
C SER F 60 -18.50 8.77 -11.11
N GLY F 61 -19.46 7.90 -11.36
CA GLY F 61 -20.81 8.34 -11.59
C GLY F 61 -21.83 7.77 -10.63
N TRP F 62 -23.02 7.46 -11.15
CA TRP F 62 -24.11 6.97 -10.32
C TRP F 62 -23.90 5.54 -9.85
N VAL F 63 -23.07 4.77 -10.57
CA VAL F 63 -22.81 3.37 -10.20
C VAL F 63 -22.08 3.31 -8.86
N PHE F 64 -21.07 4.16 -8.67
CA PHE F 64 -20.32 4.22 -7.43
C PHE F 64 -21.21 4.64 -6.26
N ARG F 65 -22.12 5.60 -6.49
CA ARG F 65 -23.00 6.05 -5.42
C ARG F 65 -24.14 5.06 -5.15
N LEU F 66 -24.53 4.26 -6.14
CA LEU F 66 -25.71 3.41 -6.04
C LEU F 66 -25.41 1.99 -5.60
N THR F 67 -24.19 1.50 -5.84
CA THR F 67 -23.80 0.14 -5.50
C THR F 67 -24.02 -0.32 -4.04
N PRO F 68 -23.70 0.46 -2.97
CA PRO F 68 -23.94 -0.08 -1.61
C PRO F 68 -25.40 -0.37 -1.30
N TYR F 69 -26.30 0.50 -1.73
CA TYR F 69 -27.73 0.27 -1.52
C TYR F 69 -28.25 -0.88 -2.36
N VAL F 70 -27.68 -1.06 -3.56
CA VAL F 70 -28.02 -2.21 -4.40
C VAL F 70 -27.60 -3.51 -3.73
N MET F 71 -26.39 -3.55 -3.17
CA MET F 71 -25.93 -4.79 -2.52
C MET F 71 -26.71 -5.08 -1.24
N VAL F 72 -27.06 -4.04 -0.47
CA VAL F 72 -27.88 -4.26 0.73
C VAL F 72 -29.28 -4.76 0.35
N GLY F 73 -29.86 -4.18 -0.70
CA GLY F 73 -31.17 -4.64 -1.15
C GLY F 73 -31.15 -6.05 -1.71
N VAL F 74 -30.06 -6.42 -2.39
CA VAL F 74 -29.89 -7.78 -2.89
C VAL F 74 -29.77 -8.77 -1.73
N MET F 75 -29.00 -8.42 -0.71
CA MET F 75 -28.87 -9.30 0.46
C MET F 75 -30.17 -9.38 1.26
N LEU F 76 -30.96 -8.30 1.30
CA LEU F 76 -32.28 -8.36 1.92
C LEU F 76 -33.23 -9.24 1.12
N THR F 77 -33.14 -9.18 -0.21
CA THR F 77 -33.94 -10.03 -1.09
C THR F 77 -33.60 -11.50 -0.90
N ILE F 78 -32.32 -11.81 -0.71
CA ILE F 78 -31.90 -13.18 -0.42
C ILE F 78 -32.37 -13.59 0.97
N ALA F 79 -32.27 -12.69 1.95
CA ALA F 79 -32.67 -12.98 3.33
C ALA F 79 -34.15 -13.22 3.59
N THR F 80 -35.04 -12.71 2.72
CA THR F 80 -36.45 -13.03 2.85
C THR F 80 -36.80 -14.48 2.45
N ALA F 81 -35.92 -15.12 1.70
CA ALA F 81 -36.17 -16.45 1.16
C ALA F 81 -35.41 -17.50 1.95
N LEU F 82 -34.73 -17.11 3.03
CA LEU F 82 -33.88 -18.08 3.72
C LEU F 82 -34.60 -18.68 4.91
N PRO F 83 -34.58 -20.01 5.07
CA PRO F 83 -35.16 -20.62 6.28
C PRO F 83 -34.32 -20.34 7.51
N VAL F 84 -34.87 -19.57 8.45
CA VAL F 84 -34.16 -19.19 9.67
C VAL F 84 -34.81 -19.85 10.90
N VAL F 85 -36.10 -19.59 11.12
CA VAL F 85 -36.81 -20.16 12.26
C VAL F 85 -37.83 -21.20 11.85
N THR F 86 -38.09 -21.37 10.56
CA THR F 86 -38.95 -22.43 10.06
C THR F 86 -38.19 -23.30 9.08
N VAL F 87 -38.68 -24.52 8.89
CA VAL F 87 -38.07 -25.43 7.92
C VAL F 87 -38.31 -24.93 6.50
N GLY F 88 -39.54 -24.51 6.20
CA GLY F 88 -39.81 -23.95 4.90
C GLY F 88 -39.28 -22.54 4.77
N SER F 89 -39.18 -22.09 3.52
CA SER F 89 -38.78 -20.72 3.27
C SER F 89 -39.93 -19.76 3.59
N PRO F 90 -39.61 -18.56 4.10
CA PRO F 90 -40.67 -17.54 4.25
C PRO F 90 -41.27 -17.12 2.93
N LEU F 91 -40.49 -17.13 1.85
CA LEU F 91 -40.92 -16.67 0.54
C LEU F 91 -40.48 -17.74 -0.44
N PRO F 92 -41.26 -18.82 -0.59
CA PRO F 92 -40.76 -20.01 -1.30
C PRO F 92 -40.59 -19.83 -2.79
N GLN F 93 -41.24 -18.83 -3.38
CA GLN F 93 -41.09 -18.52 -4.81
C GLN F 93 -39.80 -17.77 -5.12
N LEU F 94 -39.10 -17.29 -4.10
CA LEU F 94 -37.73 -16.83 -4.23
C LEU F 94 -36.74 -17.86 -3.71
N GLY F 95 -37.23 -19.04 -3.32
CA GLY F 95 -36.43 -20.06 -2.69
C GLY F 95 -35.80 -21.09 -3.61
N ASP F 96 -35.79 -20.87 -4.92
CA ASP F 96 -35.05 -21.76 -5.79
C ASP F 96 -33.55 -21.50 -5.63
N LEU F 97 -32.76 -22.57 -5.71
CA LEU F 97 -31.32 -22.45 -5.54
C LEU F 97 -30.68 -21.67 -6.69
N ILE F 98 -31.22 -21.84 -7.91
CA ILE F 98 -30.79 -21.06 -9.06
C ILE F 98 -31.11 -19.57 -8.84
N THR F 99 -32.30 -19.29 -8.30
CA THR F 99 -32.73 -17.92 -8.03
C THR F 99 -31.80 -17.23 -7.04
N LEU F 100 -31.47 -17.96 -6.00
CA LEU F 100 -30.63 -17.46 -4.88
C LEU F 100 -29.16 -17.45 -5.30
N LEU F 101 -28.77 -18.24 -6.29
CA LEU F 101 -27.39 -18.21 -6.82
C LEU F 101 -27.24 -17.03 -7.77
N TYR F 102 -28.29 -16.69 -8.54
CA TYR F 102 -28.20 -15.61 -9.56
C TYR F 102 -28.46 -14.27 -8.88
N LEU F 103 -29.16 -14.27 -7.75
CA LEU F 103 -29.30 -13.07 -6.95
C LEU F 103 -27.95 -12.65 -6.37
N PHE F 104 -27.14 -13.63 -5.97
CA PHE F 104 -25.77 -13.32 -5.48
C PHE F 104 -24.93 -12.81 -6.64
N ALA F 105 -25.15 -13.29 -7.87
CA ALA F 105 -24.41 -12.83 -9.03
C ALA F 105 -24.73 -11.38 -9.36
N ILE F 106 -25.95 -10.92 -9.03
CA ILE F 106 -26.30 -9.50 -9.17
C ILE F 106 -25.37 -8.62 -8.34
N ALA F 107 -25.20 -8.98 -7.06
CA ALA F 107 -24.36 -8.17 -6.18
C ALA F 107 -22.89 -8.32 -6.54
N ARG F 108 -22.42 -9.45 -7.06
CA ARG F 108 -21.01 -9.54 -7.48
C ARG F 108 -20.82 -8.72 -8.76
N PHE F 109 -21.80 -8.69 -9.65
CA PHE F 109 -21.70 -7.78 -10.79
C PHE F 109 -21.64 -6.32 -10.37
N PHE F 110 -22.47 -5.92 -9.40
CA PHE F 110 -22.50 -4.52 -9.01
C PHE F 110 -21.24 -4.13 -8.23
N PHE F 111 -20.73 -5.06 -7.40
CA PHE F 111 -19.45 -4.86 -6.74
C PHE F 111 -18.32 -4.70 -7.75
N ALA F 112 -18.33 -5.50 -8.82
CA ALA F 112 -17.27 -5.41 -9.81
C ALA F 112 -17.37 -4.14 -10.66
N ILE F 113 -18.59 -3.71 -11.01
CA ILE F 113 -18.68 -2.48 -11.80
C ILE F 113 -18.41 -1.25 -10.94
N SER F 114 -18.53 -1.32 -9.62
CA SER F 114 -18.16 -0.13 -8.80
C SER F 114 -16.64 0.02 -8.75
N GLY F 115 -15.89 -1.06 -8.76
CA GLY F 115 -14.42 -1.01 -8.73
C GLY F 115 -13.85 -0.55 -10.04
N LEU F 116 -14.58 -0.75 -11.14
CA LEU F 116 -14.14 -0.26 -12.46
C LEU F 116 -14.65 1.14 -12.71
N ASP F 117 -15.38 1.71 -11.77
CA ASP F 117 -16.01 3.04 -11.97
C ASP F 117 -15.12 4.05 -11.29
N THR F 118 -14.33 3.60 -10.33
CA THR F 118 -13.52 4.63 -9.69
C THR F 118 -12.25 4.96 -10.48
N GLY F 119 -11.68 3.98 -11.17
CA GLY F 119 -10.46 4.19 -11.90
C GLY F 119 -9.18 3.87 -11.16
N SER F 120 -9.27 3.44 -9.91
CA SER F 120 -8.10 3.05 -9.15
C SER F 120 -7.61 1.67 -9.57
N PRO F 121 -6.30 1.42 -9.51
CA PRO F 121 -5.81 0.08 -9.83
C PRO F 121 -6.17 -0.98 -8.80
N PHE F 122 -6.24 -0.56 -7.54
CA PHE F 122 -6.56 -1.44 -6.39
C PHE F 122 -8.03 -1.81 -6.38
N THR F 123 -8.91 -0.84 -6.59
CA THR F 123 -10.35 -1.14 -6.71
C THR F 123 -10.59 -2.03 -7.92
N ALA F 124 -9.96 -1.76 -9.06
CA ALA F 124 -10.30 -2.57 -10.23
C ALA F 124 -9.75 -3.99 -10.12
N ILE F 125 -8.56 -4.14 -9.53
CA ILE F 125 -7.99 -5.48 -9.33
C ILE F 125 -8.83 -6.26 -8.32
N GLY F 126 -9.30 -5.58 -7.26
CA GLY F 126 -10.22 -6.23 -6.33
C GLY F 126 -11.55 -6.59 -6.95
N ALA F 127 -12.03 -5.77 -7.88
CA ALA F 127 -13.23 -6.11 -8.64
C ALA F 127 -12.91 -7.34 -9.50
N SER F 128 -11.73 -7.35 -10.13
CA SER F 128 -11.31 -8.50 -10.93
C SER F 128 -11.22 -9.73 -10.04
N ARG F 129 -10.66 -9.64 -8.83
CA ARG F 129 -10.67 -10.83 -7.94
C ARG F 129 -12.09 -11.16 -7.50
N GLU F 130 -12.91 -10.18 -7.12
CA GLU F 130 -14.27 -10.57 -6.76
C GLU F 130 -14.99 -11.43 -7.80
N ALA F 131 -14.95 -10.98 -9.06
CA ALA F 131 -15.56 -11.75 -10.13
C ALA F 131 -14.90 -13.09 -10.43
N MET F 132 -13.57 -13.19 -10.25
CA MET F 132 -12.89 -14.45 -10.53
C MET F 132 -13.11 -15.49 -9.42
N LEU F 133 -13.10 -15.08 -8.14
CA LEU F 133 -13.52 -15.99 -7.08
C LEU F 133 -14.96 -16.46 -7.28
N GLY F 134 -15.84 -15.57 -7.71
CA GLY F 134 -17.19 -15.97 -8.06
C GLY F 134 -17.25 -16.94 -9.22
N VAL F 135 -16.33 -16.82 -10.17
CA VAL F 135 -16.21 -17.80 -11.24
C VAL F 135 -15.78 -19.16 -10.68
N LEU F 136 -14.79 -19.15 -9.78
CA LEU F 136 -14.18 -20.39 -9.32
C LEU F 136 -15.06 -21.18 -8.36
N VAL F 137 -15.95 -20.50 -7.61
CA VAL F 137 -16.68 -21.17 -6.54
C VAL F 137 -18.03 -21.75 -6.99
N GLU F 138 -18.63 -21.21 -8.06
CA GLU F 138 -19.93 -21.70 -8.54
C GLU F 138 -20.05 -23.18 -8.92
N PRO F 139 -19.06 -23.87 -9.55
CA PRO F 139 -19.25 -25.32 -9.78
C PRO F 139 -19.48 -26.14 -8.52
N MET F 140 -18.71 -25.86 -7.47
CA MET F 140 -18.83 -26.58 -6.19
C MET F 140 -20.14 -26.26 -5.47
N LEU F 141 -20.49 -24.97 -5.38
CA LEU F 141 -21.72 -24.56 -4.73
C LEU F 141 -22.94 -25.11 -5.45
N LEU F 142 -23.00 -24.99 -6.77
CA LEU F 142 -24.12 -25.59 -7.51
C LEU F 142 -24.12 -27.11 -7.36
N LEU F 143 -22.97 -27.78 -7.49
CA LEU F 143 -23.01 -29.24 -7.44
C LEU F 143 -23.41 -29.74 -6.06
N GLY F 144 -22.98 -29.06 -5.00
CA GLY F 144 -23.43 -29.42 -3.66
C GLY F 144 -24.92 -29.20 -3.47
N LEU F 145 -25.39 -28.02 -3.83
CA LEU F 145 -26.83 -27.76 -3.70
C LEU F 145 -27.59 -28.70 -4.65
N TRP F 146 -27.03 -28.98 -5.84
CA TRP F 146 -27.71 -29.84 -6.82
C TRP F 146 -27.88 -31.23 -6.25
N VAL F 147 -26.86 -31.77 -5.61
CA VAL F 147 -26.89 -33.16 -5.10
C VAL F 147 -27.91 -33.21 -3.96
N ALA F 148 -27.97 -32.15 -3.17
CA ALA F 148 -28.96 -32.10 -2.08
C ALA F 148 -30.38 -32.03 -2.65
N ALA F 149 -30.57 -31.31 -3.75
CA ALA F 149 -31.87 -31.17 -4.43
C ALA F 149 -32.26 -32.50 -5.08
N GLN F 150 -31.26 -33.26 -5.50
CA GLN F 150 -31.53 -34.56 -6.15
C GLN F 150 -31.96 -35.54 -5.07
N VAL F 151 -31.42 -35.39 -3.85
CA VAL F 151 -31.75 -36.30 -2.71
C VAL F 151 -33.02 -35.76 -2.06
N ALA F 152 -33.56 -34.68 -2.58
CA ALA F 152 -34.74 -34.02 -2.00
C ALA F 152 -35.83 -33.91 -3.05
N GLY F 153 -35.55 -34.31 -4.27
CA GLY F 153 -36.54 -34.27 -5.37
C GLY F 153 -36.91 -32.87 -5.78
N SER F 154 -36.16 -31.85 -5.35
CA SER F 154 -36.65 -30.52 -5.67
C SER F 154 -35.54 -29.51 -5.45
N THR F 155 -35.47 -28.51 -6.32
CA THR F 155 -34.48 -27.45 -6.22
C THR F 155 -34.90 -26.33 -5.29
N ASN F 156 -36.11 -26.39 -4.73
CA ASN F 156 -36.55 -25.38 -3.76
C ASN F 156 -35.79 -25.54 -2.45
N ILE F 157 -35.47 -24.41 -1.80
CA ILE F 157 -34.73 -24.45 -0.56
C ILE F 157 -35.58 -24.99 0.59
N SER F 158 -36.92 -24.88 0.48
CA SER F 158 -37.82 -25.44 1.49
C SER F 158 -37.75 -26.96 1.50
N ASN F 159 -37.75 -27.57 0.32
CA ASN F 159 -37.76 -29.02 0.23
C ASN F 159 -36.39 -29.62 0.53
N ILE F 160 -35.31 -28.92 0.18
CA ILE F 160 -33.97 -29.34 0.58
C ILE F 160 -33.83 -29.25 2.09
N THR F 161 -34.35 -28.19 2.70
CA THR F 161 -34.31 -28.05 4.15
C THR F 161 -35.17 -29.11 4.84
N ASP F 162 -36.31 -29.46 4.25
CA ASP F 162 -37.15 -30.51 4.81
C ASP F 162 -36.51 -31.89 4.67
N THR F 163 -35.76 -32.11 3.59
CA THR F 163 -35.09 -33.39 3.41
C THR F 163 -33.87 -33.54 4.32
N VAL F 164 -33.15 -32.45 4.58
CA VAL F 164 -32.09 -32.51 5.59
C VAL F 164 -32.69 -32.65 6.98
N TYR F 165 -33.85 -32.01 7.22
CA TYR F 165 -34.56 -32.14 8.48
C TYR F 165 -35.05 -33.57 8.70
N HIS F 166 -35.89 -34.07 7.83
CA HIS F 166 -36.27 -35.49 7.95
C HIS F 166 -35.12 -36.25 7.31
N TRP F 167 -33.91 -36.10 7.84
CA TRP F 167 -32.69 -36.69 7.20
C TRP F 167 -32.94 -38.11 6.70
N PRO F 168 -32.56 -38.46 5.45
CA PRO F 168 -32.85 -39.79 4.88
C PRO F 168 -32.03 -41.01 5.33
N LEU F 169 -30.80 -40.85 5.79
CA LEU F 169 -29.96 -41.99 6.30
C LEU F 169 -29.41 -42.85 5.18
N SER F 170 -30.26 -43.42 4.32
CA SER F 170 -29.77 -44.18 3.15
C SER F 170 -28.95 -43.28 2.23
N GLN F 171 -29.39 -42.03 2.05
CA GLN F 171 -28.67 -41.08 1.17
C GLN F 171 -27.79 -40.21 2.06
N SER F 172 -27.27 -40.77 3.16
CA SER F 172 -26.34 -40.05 4.02
C SER F 172 -25.00 -39.63 3.42
N ILE F 173 -24.36 -40.51 2.64
CA ILE F 173 -23.07 -40.16 2.04
C ILE F 173 -23.15 -39.02 1.03
N PRO F 174 -24.10 -39.01 0.05
CA PRO F 174 -24.22 -37.81 -0.79
C PRO F 174 -24.63 -36.56 -0.04
N LEU F 175 -25.48 -36.68 0.99
CA LEU F 175 -25.86 -35.52 1.79
C LEU F 175 -24.68 -34.94 2.56
N VAL F 176 -23.86 -35.81 3.16
CA VAL F 176 -22.72 -35.34 3.94
C VAL F 176 -21.64 -34.74 3.03
N LEU F 177 -21.40 -35.35 1.87
CA LEU F 177 -20.40 -34.81 0.97
C LEU F 177 -20.86 -33.50 0.32
N ALA F 178 -22.15 -33.40 -0.02
CA ALA F 178 -22.70 -32.14 -0.50
C ALA F 178 -22.73 -31.08 0.59
N LEU F 179 -22.90 -31.50 1.85
CA LEU F 179 -22.82 -30.57 2.98
C LEU F 179 -21.40 -30.03 3.14
N CYS F 180 -20.39 -30.88 2.96
CA CYS F 180 -19.01 -30.43 3.04
C CYS F 180 -18.68 -29.47 1.91
N ALA F 181 -19.16 -29.78 0.69
CA ALA F 181 -18.98 -28.87 -0.45
C ALA F 181 -19.68 -27.54 -0.23
N CYS F 182 -20.89 -27.56 0.31
CA CYS F 182 -21.62 -26.32 0.56
C CYS F 182 -21.03 -25.54 1.74
N ALA F 183 -20.41 -26.23 2.70
CA ALA F 183 -19.73 -25.54 3.79
C ALA F 183 -18.50 -24.79 3.30
N PHE F 184 -17.74 -25.47 2.45
CA PHE F 184 -16.54 -24.86 1.84
C PHE F 184 -16.98 -23.69 0.98
N ALA F 185 -18.04 -23.86 0.20
CA ALA F 185 -18.58 -22.79 -0.63
C ALA F 185 -19.07 -21.63 0.22
N THR F 186 -19.65 -21.92 1.39
CA THR F 186 -20.07 -20.87 2.31
C THR F 186 -18.87 -20.09 2.83
N PHE F 187 -17.78 -20.79 3.13
CA PHE F 187 -16.56 -20.14 3.57
C PHE F 187 -15.95 -19.25 2.49
N ILE F 188 -16.00 -19.68 1.23
CA ILE F 188 -15.46 -18.83 0.16
C ILE F 188 -16.38 -17.65 -0.14
N GLU F 189 -17.70 -17.87 -0.32
CA GLU F 189 -18.67 -16.78 -0.50
C GLU F 189 -18.74 -15.79 0.65
N MET F 190 -18.31 -16.13 1.85
CA MET F 190 -18.35 -15.10 2.92
C MET F 190 -17.11 -14.23 2.83
N GLY F 191 -16.26 -14.45 1.82
CA GLY F 191 -15.03 -13.67 1.65
C GLY F 191 -14.12 -13.77 2.84
N LYS F 192 -13.99 -14.96 3.41
CA LYS F 192 -13.22 -15.11 4.67
C LYS F 192 -11.83 -15.61 4.32
N LEU F 193 -10.81 -15.15 5.03
CA LEU F 193 -9.44 -15.54 4.75
C LEU F 193 -9.30 -17.06 4.89
N PRO F 194 -8.69 -17.85 3.98
CA PRO F 194 -7.66 -17.41 3.05
C PRO F 194 -8.19 -16.99 1.68
N PHE F 195 -9.48 -16.70 1.55
CA PHE F 195 -10.14 -16.43 0.24
C PHE F 195 -10.69 -15.00 0.25
N ASP F 196 -10.03 -14.09 0.95
CA ASP F 196 -10.42 -12.66 0.98
C ASP F 196 -9.59 -12.00 -0.10
N LEU F 197 -9.61 -12.54 -1.31
CA LEU F 197 -8.70 -12.07 -2.36
C LEU F 197 -9.08 -10.73 -2.98
N ALA F 198 -10.32 -10.27 -2.78
CA ALA F 198 -10.78 -8.97 -3.31
C ALA F 198 -10.59 -7.82 -2.31
N GLU F 199 -11.16 -7.95 -1.12
CA GLU F 199 -10.94 -6.91 -0.11
C GLU F 199 -9.70 -7.31 0.67
N ALA F 200 -8.54 -7.34 0.03
CA ALA F 200 -7.31 -7.83 0.70
C ALA F 200 -6.53 -6.60 1.10
N GLU F 201 -6.80 -6.10 2.31
CA GLU F 201 -6.00 -4.98 2.82
C GLU F 201 -4.63 -5.61 2.91
N GLN F 202 -3.55 -4.85 2.97
CA GLN F 202 -2.19 -5.42 2.96
C GLN F 202 -1.86 -5.76 1.51
N GLU F 203 -2.81 -5.60 0.60
CA GLU F 203 -2.53 -5.76 -0.85
C GLU F 203 -3.26 -4.67 -1.62
N LEU F 204 -4.59 -4.71 -1.60
CA LEU F 204 -5.41 -3.80 -2.43
C LEU F 204 -6.08 -2.71 -1.60
N GLN F 205 -5.66 -2.51 -0.36
CA GLN F 205 -6.31 -1.57 0.56
C GLN F 205 -7.81 -1.86 0.69
N GLU F 206 -8.09 -3.12 1.06
CA GLU F 206 -9.37 -3.83 0.92
C GLU F 206 -10.15 -3.51 -0.36
N GLY F 207 -9.44 -3.46 -1.50
CA GLY F 207 -10.03 -3.53 -2.81
C GLY F 207 -10.98 -2.42 -3.20
N PRO F 208 -12.20 -2.78 -3.61
CA PRO F 208 -13.20 -1.76 -3.98
C PRO F 208 -13.69 -0.90 -2.83
N LEU F 209 -13.44 -1.32 -1.59
CA LEU F 209 -13.84 -0.55 -0.41
C LEU F 209 -12.91 0.64 -0.25
N SER F 210 -11.79 0.69 -0.94
CA SER F 210 -10.82 1.79 -0.71
C SER F 210 -11.43 3.13 -1.14
N GLU F 211 -12.22 3.16 -2.20
CA GLU F 211 -12.71 4.45 -2.73
C GLU F 211 -13.92 4.93 -1.95
N TYR F 212 -14.63 4.01 -1.33
CA TYR F 212 -15.80 4.36 -0.55
C TYR F 212 -15.49 5.10 0.73
N SER F 213 -16.32 6.08 1.06
CA SER F 213 -16.12 6.90 2.23
C SER F 213 -17.47 7.25 2.82
N GLY F 214 -17.46 7.52 4.13
CA GLY F 214 -18.62 8.10 4.79
C GLY F 214 -19.81 7.17 4.81
N SER F 215 -20.97 7.70 4.40
CA SER F 215 -22.21 6.93 4.43
C SER F 215 -22.18 5.81 3.40
N GLY F 216 -21.54 6.03 2.25
CA GLY F 216 -21.38 4.95 1.29
C GLY F 216 -20.53 3.81 1.81
N PHE F 217 -19.45 4.13 2.51
CA PHE F 217 -18.62 3.11 3.15
C PHE F 217 -19.37 2.40 4.27
N GLY F 218 -20.21 3.14 5.01
CA GLY F 218 -21.00 2.52 6.06
C GLY F 218 -22.02 1.53 5.52
N VAL F 219 -22.73 1.91 4.45
CA VAL F 219 -23.68 1.00 3.82
C VAL F 219 -22.95 -0.16 3.12
N MET F 220 -21.72 0.07 2.65
CA MET F 220 -20.93 -1.02 2.07
C MET F 220 -20.51 -2.05 3.13
N LYS F 221 -20.07 -1.57 4.30
CA LYS F 221 -19.68 -2.45 5.44
C LYS F 221 -20.91 -3.19 5.94
N TRP F 222 -22.06 -2.53 5.93
CA TRP F 222 -23.34 -3.17 6.34
C TRP F 222 -23.74 -4.24 5.32
N GLY F 223 -23.53 -4.00 4.03
CA GLY F 223 -23.85 -4.99 3.02
C GLY F 223 -22.89 -6.17 3.04
N ILE F 224 -21.62 -5.92 3.37
CA ILE F 224 -20.65 -7.01 3.53
C ILE F 224 -21.05 -7.90 4.70
N SER F 225 -21.41 -7.28 5.84
CA SER F 225 -21.85 -8.06 7.00
C SER F 225 -23.13 -8.84 6.75
N LEU F 226 -24.09 -8.23 6.03
CA LEU F 226 -25.34 -8.91 5.73
C LEU F 226 -25.14 -10.02 4.70
N LYS F 227 -24.20 -9.83 3.77
CA LYS F 227 -23.87 -10.87 2.80
C LYS F 227 -23.25 -12.08 3.51
N GLN F 228 -22.34 -11.83 4.45
CA GLN F 228 -21.74 -12.90 5.23
C GLN F 228 -22.80 -13.63 6.06
N LEU F 229 -23.73 -12.86 6.65
CA LEU F 229 -24.82 -13.46 7.41
C LEU F 229 -25.73 -14.32 6.54
N VAL F 230 -26.08 -13.84 5.34
CA VAL F 230 -27.03 -14.64 4.56
C VAL F 230 -26.35 -15.85 3.91
N VAL F 231 -25.04 -15.79 3.63
CA VAL F 231 -24.34 -16.98 3.13
C VAL F 231 -24.22 -18.03 4.25
N LEU F 232 -23.81 -17.60 5.44
CA LEU F 232 -23.76 -18.51 6.58
C LEU F 232 -25.15 -19.02 6.97
N GLN F 233 -26.18 -18.19 6.79
CA GLN F 233 -27.54 -18.60 7.09
C GLN F 233 -27.99 -19.59 6.02
N MET F 234 -27.58 -19.39 4.78
CA MET F 234 -27.94 -20.42 3.77
C MET F 234 -27.31 -21.75 4.19
N PHE F 235 -26.06 -21.73 4.61
CA PHE F 235 -25.55 -23.02 5.10
C PHE F 235 -26.27 -23.59 6.32
N VAL F 236 -26.30 -22.84 7.43
CA VAL F 236 -26.70 -23.40 8.72
C VAL F 236 -28.19 -23.50 8.92
N GLY F 237 -29.02 -22.94 8.05
CA GLY F 237 -30.44 -23.06 8.22
C GLY F 237 -31.03 -24.10 7.30
N VAL F 238 -30.21 -24.59 6.39
CA VAL F 238 -30.59 -25.66 5.48
C VAL F 238 -29.95 -26.97 5.86
N PHE F 239 -28.66 -26.97 6.14
CA PHE F 239 -27.95 -28.21 6.44
C PHE F 239 -27.90 -28.52 7.93
N ILE F 240 -28.23 -27.57 8.81
CA ILE F 240 -28.47 -27.85 10.22
C ILE F 240 -29.85 -27.30 10.59
N PRO F 241 -30.95 -27.92 10.16
CA PRO F 241 -32.27 -27.32 10.36
C PRO F 241 -33.05 -27.81 11.58
N TRP F 242 -32.45 -28.62 12.45
CA TRP F 242 -33.23 -29.34 13.45
C TRP F 242 -33.68 -28.48 14.62
N GLY F 243 -33.17 -27.25 14.73
CA GLY F 243 -33.75 -26.32 15.68
C GLY F 243 -34.93 -25.55 15.18
N GLN F 244 -35.22 -25.65 13.89
CA GLN F 244 -36.36 -24.96 13.30
C GLN F 244 -37.64 -25.75 13.54
N MET F 245 -38.74 -25.19 13.07
CA MET F 245 -40.07 -25.75 13.30
C MET F 245 -40.81 -25.88 11.98
N GLU F 246 -41.53 -27.00 11.82
CA GLU F 246 -42.17 -27.30 10.55
C GLU F 246 -43.38 -26.39 10.31
N THR F 247 -44.18 -26.14 11.35
CA THR F 247 -45.32 -25.25 11.28
C THR F 247 -45.09 -24.07 12.22
N PHE F 248 -45.47 -22.88 11.78
CA PHE F 248 -45.26 -21.68 12.58
C PHE F 248 -46.23 -21.65 13.75
N THR F 249 -45.68 -21.54 14.96
CA THR F 249 -46.44 -21.29 16.17
C THR F 249 -45.75 -20.17 16.94
N ALA F 250 -46.56 -19.41 17.69
CA ALA F 250 -45.99 -18.32 18.48
C ALA F 250 -45.25 -18.83 19.70
N GLY F 251 -45.64 -19.99 20.23
CA GLY F 251 -44.97 -20.55 21.39
C GLY F 251 -43.57 -21.04 21.09
N GLY F 252 -43.39 -21.68 19.93
CA GLY F 252 -42.11 -22.23 19.54
C GLY F 252 -41.19 -21.28 18.81
N LEU F 253 -41.57 -20.00 18.71
CA LEU F 253 -40.73 -19.03 17.99
C LEU F 253 -39.47 -18.68 18.79
N LEU F 254 -39.58 -18.61 20.12
CA LEU F 254 -38.47 -18.17 20.95
C LEU F 254 -37.31 -19.17 20.92
N LEU F 255 -37.62 -20.47 21.01
CA LEU F 255 -36.58 -21.49 20.94
C LEU F 255 -35.93 -21.53 19.57
N ALA F 256 -36.72 -21.31 18.51
CA ALA F 256 -36.17 -21.27 17.15
C ALA F 256 -35.19 -20.13 16.90
N LEU F 257 -35.51 -18.92 17.38
CA LEU F 257 -34.57 -17.79 17.30
C LEU F 257 -33.32 -17.99 18.18
N VAL F 258 -33.50 -18.63 19.34
CA VAL F 258 -32.38 -18.90 20.24
C VAL F 258 -31.43 -19.85 19.54
N ILE F 259 -31.97 -20.93 18.96
CA ILE F 259 -31.13 -21.92 18.28
C ILE F 259 -30.52 -21.35 17.01
N ALA F 260 -31.26 -20.50 16.29
CA ALA F 260 -30.70 -19.84 15.11
C ALA F 260 -29.57 -18.89 15.48
N ILE F 261 -29.72 -18.14 16.58
CA ILE F 261 -28.67 -17.24 17.04
C ILE F 261 -27.44 -18.02 17.48
N VAL F 262 -27.64 -19.12 18.22
CA VAL F 262 -26.52 -19.97 18.66
C VAL F 262 -25.82 -20.60 17.47
N LYS F 263 -26.57 -21.05 16.47
CA LYS F 263 -25.97 -21.64 15.26
C LYS F 263 -25.12 -20.61 14.52
N LEU F 264 -25.63 -19.37 14.40
CA LEU F 264 -24.87 -18.32 13.73
C LEU F 264 -23.61 -17.93 14.49
N VAL F 265 -23.70 -17.84 15.83
CA VAL F 265 -22.54 -17.49 16.64
C VAL F 265 -21.48 -18.59 16.61
N VAL F 266 -21.89 -19.86 16.70
CA VAL F 266 -20.94 -20.97 16.61
C VAL F 266 -20.33 -21.04 15.21
N GLY F 267 -21.11 -20.73 14.18
CA GLY F 267 -20.57 -20.68 12.83
C GLY F 267 -19.52 -19.60 12.63
N VAL F 268 -19.77 -18.38 13.13
CA VAL F 268 -18.76 -17.34 12.96
C VAL F 268 -17.58 -17.58 13.89
N LEU F 269 -17.76 -18.31 15.00
CA LEU F 269 -16.63 -18.64 15.86
C LEU F 269 -15.71 -19.67 15.21
N VAL F 270 -16.28 -20.71 14.60
CA VAL F 270 -15.47 -21.71 13.89
C VAL F 270 -14.81 -21.08 12.66
N ILE F 271 -15.55 -20.23 11.95
CA ILE F 271 -15.00 -19.51 10.81
C ILE F 271 -13.89 -18.56 11.24
N ALA F 272 -14.03 -17.92 12.42
CA ALA F 272 -12.97 -17.06 12.95
C ALA F 272 -11.72 -17.85 13.31
N LEU F 273 -11.92 -19.04 13.90
CA LEU F 273 -10.81 -19.95 14.17
C LEU F 273 -10.08 -20.35 12.90
N PHE F 274 -10.80 -20.48 11.79
CA PHE F 274 -10.13 -20.77 10.53
C PHE F 274 -9.46 -19.56 9.89
N GLU F 275 -10.08 -18.37 9.93
CA GLU F 275 -9.53 -17.26 9.15
C GLU F 275 -8.40 -16.55 9.89
N ASN F 276 -8.37 -16.59 11.22
CA ASN F 276 -7.35 -15.90 11.98
C ASN F 276 -6.14 -16.77 12.26
N SER F 277 -5.95 -17.83 11.47
CA SER F 277 -4.96 -18.86 11.79
C SER F 277 -4.08 -19.22 10.60
N MET F 278 -4.14 -18.48 9.50
CA MET F 278 -3.38 -18.83 8.31
C MET F 278 -3.10 -17.57 7.50
N ALA F 279 -2.37 -17.77 6.41
CA ALA F 279 -2.10 -16.73 5.43
C ALA F 279 -3.11 -16.82 4.29
N ARG F 280 -3.38 -15.68 3.66
CA ARG F 280 -4.29 -15.69 2.53
C ARG F 280 -3.59 -16.27 1.31
N LEU F 281 -4.39 -16.76 0.37
CA LEU F 281 -3.88 -17.38 -0.84
C LEU F 281 -3.57 -16.29 -1.87
N ARG F 282 -3.24 -16.73 -3.09
CA ARG F 282 -3.21 -15.87 -4.25
C ARG F 282 -4.21 -16.39 -5.27
N LEU F 283 -4.51 -15.55 -6.26
CA LEU F 283 -5.48 -15.95 -7.26
C LEU F 283 -4.94 -16.99 -8.23
N ASP F 284 -3.62 -17.09 -8.40
CA ASP F 284 -3.06 -18.11 -9.27
C ASP F 284 -2.97 -19.48 -8.61
N ILE F 285 -3.15 -19.57 -7.30
CA ILE F 285 -3.13 -20.85 -6.61
C ILE F 285 -4.48 -21.24 -6.01
N THR F 286 -5.43 -20.30 -5.92
CA THR F 286 -6.80 -20.62 -5.51
C THR F 286 -7.53 -21.69 -6.34
N PRO F 287 -7.41 -21.77 -7.70
CA PRO F 287 -8.17 -22.82 -8.42
C PRO F 287 -7.90 -24.25 -8.03
N ARG F 288 -6.69 -24.59 -7.56
CA ARG F 288 -6.43 -25.96 -7.10
C ARG F 288 -7.27 -26.31 -5.88
N ILE F 289 -7.37 -25.40 -4.92
CA ILE F 289 -8.16 -25.64 -3.72
C ILE F 289 -9.66 -25.63 -4.04
N THR F 290 -10.10 -24.71 -4.91
CA THR F 290 -11.52 -24.69 -5.27
C THR F 290 -11.92 -25.91 -6.11
N TRP F 291 -11.04 -26.38 -6.98
CA TRP F 291 -11.35 -27.61 -7.72
C TRP F 291 -11.41 -28.80 -6.76
N ALA F 292 -10.72 -28.76 -5.64
CA ALA F 292 -10.79 -29.85 -4.62
C ALA F 292 -12.14 -29.86 -3.90
N GLY F 293 -12.75 -28.70 -3.71
CA GLY F 293 -14.13 -28.67 -3.15
C GLY F 293 -15.10 -29.12 -4.21
N PHE F 294 -14.80 -28.77 -5.45
CA PHE F 294 -15.66 -29.29 -6.52
C PHE F 294 -15.51 -30.80 -6.44
N GLY F 295 -14.36 -31.31 -6.01
CA GLY F 295 -14.12 -32.74 -5.81
C GLY F 295 -14.98 -33.34 -4.73
N PHE F 296 -15.03 -32.74 -3.54
CA PHE F 296 -16.02 -33.23 -2.54
C PHE F 296 -17.43 -33.27 -3.14
N ALA F 297 -17.78 -32.28 -3.98
CA ALA F 297 -19.15 -32.22 -4.56
C ALA F 297 -19.32 -33.31 -5.64
N PHE F 298 -18.29 -33.58 -6.44
CA PHE F 298 -18.31 -34.61 -7.50
C PHE F 298 -18.32 -35.97 -6.82
N LEU F 299 -17.55 -36.13 -5.76
CA LEU F 299 -17.69 -37.39 -5.04
C LEU F 299 -19.12 -37.59 -4.55
N ALA F 300 -19.78 -36.49 -4.13
CA ALA F 300 -21.21 -36.55 -3.82
C ALA F 300 -22.03 -36.94 -5.03
N PHE F 301 -21.71 -36.36 -6.20
CA PHE F 301 -22.45 -36.63 -7.42
C PHE F 301 -22.23 -38.06 -7.92
N VAL F 302 -21.02 -38.59 -7.76
CA VAL F 302 -20.74 -39.98 -8.12
C VAL F 302 -21.44 -40.94 -7.16
N SER F 303 -21.43 -40.64 -5.86
CA SER F 303 -22.14 -41.47 -4.89
C SER F 303 -23.65 -41.42 -5.08
N LEU F 304 -24.22 -40.56 -5.91
CA LEU F 304 -25.69 -40.67 -6.19
C LEU F 304 -25.88 -41.53 -7.43
N LEU F 305 -24.94 -41.51 -8.37
CA LEU F 305 -25.03 -42.33 -9.61
C LEU F 305 -24.74 -43.79 -9.26
N ALA F 306 -23.74 -44.06 -8.44
CA ALA F 306 -23.45 -45.43 -8.00
C ALA F 306 -24.73 -46.03 -7.45
N ALA F 307 -25.28 -45.38 -6.42
CA ALA F 307 -26.51 -45.86 -5.80
C ALA F 307 -27.70 -45.04 -6.31
C1 CDL G . -11.27 -18.06 -35.51
O1 CDL G . -11.54 -16.72 -35.95
CA2 CDL G . -10.92 -18.90 -36.71
OA2 CDL G . -10.32 -18.04 -37.72
PA1 CDL G . -9.08 -18.61 -38.58
OA3 CDL G . -7.93 -18.77 -37.64
OA4 CDL G . -8.92 -17.82 -39.84
OA5 CDL G . -9.58 -20.08 -38.94
CA3 CDL G . -9.65 -20.48 -40.33
CA4 CDL G . -10.27 -21.85 -40.37
OA6 CDL G . -10.75 -22.06 -41.72
CA5 CDL G . -10.32 -23.14 -42.37
OA7 CDL G . -9.17 -23.46 -42.38
C11 CDL G . -11.43 -23.88 -43.05
C12 CDL G . -12.09 -23.06 -44.11
C13 CDL G . -12.12 -23.78 -45.45
C14 CDL G . -13.48 -24.28 -45.84
C15 CDL G . -13.65 -24.48 -47.31
CA6 CDL G . -11.42 -22.02 -39.40
OA8 CDL G . -11.52 -23.40 -39.02
CA7 CDL G . -12.73 -23.93 -39.02
OA9 CDL G . -13.73 -23.28 -38.92
C31 CDL G . -12.68 -25.43 -39.13
C32 CDL G . -13.68 -25.98 -40.09
C33 CDL G . -14.83 -26.68 -39.38
C34 CDL G . -14.96 -28.14 -39.74
C35 CDL G . -16.07 -28.44 -40.73
C36 CDL G . -16.72 -29.78 -40.53
C37 CDL G . -17.33 -30.37 -41.77
C38 CDL G . -16.99 -31.81 -42.02
CB2 CDL G . -12.44 -18.60 -34.72
OB2 CDL G . -12.25 -18.40 -33.30
PB2 CDL G . -11.39 -19.45 -32.45
OB3 CDL G . -9.97 -18.98 -32.48
OB4 CDL G . -12.10 -19.59 -31.14
OB5 CDL G . -11.60 -20.83 -33.26
CB3 CDL G . -10.51 -21.79 -33.43
CB4 CDL G . -10.90 -23.15 -32.91
OB6 CDL G . -11.73 -23.85 -33.88
CB5 CDL G . -11.14 -24.70 -34.74
OB7 CDL G . -10.39 -24.30 -35.61
C51 CDL G . -11.63 -26.12 -34.50
C52 CDL G . -12.21 -26.72 -35.76
C53 CDL G . -12.62 -28.16 -35.55
C54 CDL G . -13.75 -28.55 -36.45
C55 CDL G . -13.87 -30.02 -36.66
C56 CDL G . -14.83 -30.67 -35.70
C57 CDL G . -16.12 -31.09 -36.40
C58 CDL G . -15.86 -32.14 -37.46
CB6 CDL G . -11.63 -23.06 -31.59
OB8 CDL G . -12.37 -24.27 -31.35
CB7 CDL G . -12.55 -24.60 -30.08
OB9 CDL G . -12.10 -23.91 -29.17
C71 CDL G . -13.33 -25.90 -29.96
C72 CDL G . -12.95 -26.69 -28.72
C73 CDL G . -13.89 -27.86 -28.54
C74 CDL G . -13.85 -28.80 -29.73
C75 CDL G . -15.08 -29.68 -29.77
C76 CDL G . -14.96 -30.74 -30.85
C77 CDL G . -16.09 -31.74 -30.76
C78 CDL G . -15.72 -33.05 -31.42
C79 CDL G . -16.15 -33.09 -32.87
C1 PTY H . -7.00 -25.49 -15.30
C2 PTY H . -3.06 -28.16 -14.59
C3 PTY H . -3.58 -27.21 -15.63
O4 PTY H . -8.39 -25.85 -15.21
C5 PTY H . -5.24 -24.14 -14.08
C6 PTY H . -6.63 -24.73 -14.04
O7 PTY H . -6.82 -25.54 -12.86
C8 PTY H . -5.93 -26.51 -12.59
O10 PTY H . -4.86 -26.29 -12.09
C11 PTY H . -6.43 -27.88 -12.94
C12 PTY H . -6.87 -28.67 -11.75
C13 PTY H . -8.35 -28.97 -11.77
C14 PTY H . -9.02 -28.67 -13.08
C15 PTY H . -10.07 -29.68 -13.47
C16 PTY H . -11.49 -29.25 -13.15
C17 PTY H . -12.53 -30.26 -13.51
C18 PTY H . -13.71 -29.69 -14.26
C19 PTY H . -14.98 -30.49 -14.13
C20 PTY H . -15.89 -30.39 -15.32
C21 PTY H . -17.08 -29.50 -15.11
C22 PTY H . -18.40 -30.20 -15.27
C23 PTY H . -18.76 -30.49 -16.70
C24 PTY H . -19.32 -29.32 -17.45
C25 PTY H . -20.11 -29.70 -18.68
C26 PTY H . -19.80 -31.07 -19.19
C27 PTY H . -20.97 -31.79 -19.80
C28 PTY H . -20.64 -33.20 -20.24
C29 PTY H . -19.35 -33.71 -19.65
C30 PTY H . -9.13 -25.61 -16.29
C31 PTY H . -10.53 -26.13 -16.13
O30 PTY H . -8.71 -25.04 -17.27
C32 PTY H . -11.40 -25.75 -17.28
C33 PTY H . -12.52 -26.76 -17.52
C34 PTY H . -13.56 -26.78 -16.44
C35 PTY H . -14.88 -27.37 -16.87
C36 PTY H . -15.43 -26.77 -18.13
C37 PTY H . -16.76 -26.11 -17.97
C38 PTY H . -17.83 -26.62 -18.90
C39 PTY H . -17.34 -27.65 -19.89
C40 PTY H . -17.87 -27.46 -21.29
C41 PTY H . -17.16 -28.30 -22.32
C42 PTY H . -17.10 -29.77 -21.99
C43 PTY H . -17.84 -30.65 -22.94
C44 PTY H . -19.33 -30.69 -22.66
P1 PTY H . -2.95 -24.67 -15.27
O11 PTY H . -2.61 -26.13 -15.83
O12 PTY H . -2.46 -24.58 -13.86
O13 PTY H . -2.50 -23.66 -16.28
O14 PTY H . -4.56 -24.64 -15.25
N1 PTY H . -2.39 -27.49 -13.47
C1 PTY I . -27.77 8.48 -4.71
C2 PTY I . -24.75 11.42 -5.44
C3 PTY I . -25.68 11.57 -4.27
O4 PTY I . -27.14 7.46 -5.50
C5 PTY I . -26.79 8.06 -2.44
C6 PTY I . -28.00 7.94 -3.31
O7 PTY I . -28.44 6.56 -3.36
C8 PTY I . -29.76 6.33 -3.38
O10 PTY I . -30.54 7.13 -3.79
C11 PTY I . -30.14 4.96 -2.88
C12 PTY I . -31.53 4.57 -3.26
C13 PTY I . -31.58 3.24 -4.00
C14 PTY I . -32.90 2.94 -4.65
C15 PTY I . -32.80 2.51 -6.10
C16 PTY I . -33.08 1.05 -6.34
C17 PTY I . -32.05 0.36 -7.20
C18 PTY I . -32.63 -0.59 -8.21
C19 PTY I . -31.59 -1.24 -9.10
C20 PTY I . -31.91 -2.67 -9.46
C21 PTY I . -30.70 -3.55 -9.63
C22 PTY I . -31.02 -5.01 -9.80
C23 PTY I . -30.40 -5.67 -11.00
C24 PTY I . -31.35 -6.47 -11.85
C25 PTY I . -30.68 -7.46 -12.76
C30 PTY I . -27.65 7.24 -6.72
C31 PTY I . -28.83 8.13 -6.98
O30 PTY I . -27.22 6.43 -7.48
C32 PTY I . -29.54 7.79 -8.25
C33 PTY I . -30.33 6.50 -8.14
C34 PTY I . -31.78 6.63 -8.52
C35 PTY I . -32.57 5.37 -8.37
C36 PTY I . -33.15 4.83 -9.65
C37 PTY I . -34.18 3.74 -9.46
C38 PTY I . -34.71 3.17 -10.74
C39 PTY I . -34.42 1.70 -10.93
C40 PTY I . -35.63 0.85 -11.17
P1 PTY I . -25.35 10.24 -2.01
O11 PTY I . -24.94 11.40 -3.04
O12 PTY I . -24.09 9.66 -1.45
O13 PTY I . -26.41 10.75 -1.09
O14 PTY I . -25.98 9.13 -2.99
N1 PTY I . -23.68 12.41 -5.44
NI NI J . 17.15 1.42 9.48
FE FCO K . 19.31 0.44 8.60
C1 FCO K . 19.24 -1.30 9.16
N1 FCO K . 19.17 -2.38 9.55
C2 FCO K . 19.10 -0.09 6.88
N2 FCO K . 18.98 -0.42 5.78
C3 FCO K . 21.12 0.32 8.43
O3 FCO K . 22.22 0.27 8.30
CBX DR9 L . -23.25 -24.47 14.07
CBV DR9 L . -22.52 -23.87 12.89
CBS DR9 L . -21.37 -24.67 12.39
CBH DR9 L . -21.24 -24.68 10.88
CAQ DR9 L . -19.86 -24.40 10.37
CAP DR9 L . -19.75 -23.15 9.52
CAO DR9 L . -18.69 -23.22 8.44
CAN DR9 L . -17.52 -24.08 8.77
CAM DR9 L . -16.39 -23.94 7.80
CAL DR9 L . -16.16 -24.71 6.79
CAK DR9 L . -14.87 -24.77 6.01
CAJ DR9 L . -13.67 -24.52 6.86
CAI DR9 L . -12.36 -24.61 6.10
CAH DR9 L . -12.06 -23.40 5.25
CAG DR9 L . -10.60 -23.00 5.23
CAF DR9 L . -9.76 -23.75 4.21
CAE DR9 L . -8.41 -23.14 4.02
CAD DR9 L . -7.61 -23.80 2.93
OAA DR9 L . -8.02 -24.63 2.18
OAC DR9 L . -6.36 -23.32 2.89
CAB DR9 L . -5.43 -24.05 2.06
CBE DR9 L . -4.68 -25.04 2.93
CBK DR9 L . -3.20 -25.11 2.64
OBL DR9 L . -2.53 -25.57 3.83
PBM DR9 L . -1.08 -26.25 3.71
OBU DR9 L . -1.29 -27.74 3.55
OBF DR9 L . -0.24 -25.52 2.71
OBN DR9 L . -0.45 -26.00 5.16
CBO DR9 L . -0.55 -27.05 6.17
CBP DR9 L . -0.80 -26.42 7.52
OBG DR9 L . 0.41 -25.84 8.00
CBQ DR9 L . -1.37 -27.39 8.54
OBR DR9 L . -1.07 -26.98 9.88
OBD DR9 L . -5.25 -26.36 2.68
CBC DR9 L . -5.39 -27.20 3.71
OBJ DR9 L . -5.48 -28.38 3.56
CBB DR9 L . -5.44 -26.52 5.05
CBA DR9 L . -6.25 -27.28 6.06
CAZ DR9 L . -7.68 -26.77 6.17
CAY DR9 L . -8.65 -27.46 5.23
CAX DR9 L . -9.67 -28.33 5.91
CAW DR9 L . -10.21 -27.76 7.21
CAV DR9 L . -11.12 -28.68 7.95
CAU DR9 L . -12.42 -28.05 8.37
CAT DR9 L . -13.17 -28.45 9.36
CAS DR9 L . -14.59 -28.07 9.59
CAR DR9 L . -14.96 -28.04 11.05
CBI DR9 L . -16.22 -27.26 11.35
CBT DR9 L . -17.05 -27.82 12.48
CBW DR9 L . -18.33 -27.07 12.77
CBY DR9 L . -19.25 -27.81 13.70
FE1 SF4 M . 51.19 44.49 18.00
FE2 SF4 M . 53.04 43.60 19.80
FE3 SF4 M . 50.42 42.82 20.03
FE4 SF4 M . 51.14 45.41 20.57
S1 SF4 M . 51.79 43.53 21.71
S2 SF4 M . 49.36 44.72 19.33
S3 SF4 M . 52.80 45.73 19.04
S4 SF4 M . 51.85 42.34 18.32
FE1 SF4 N . 49.60 34.33 23.04
FE2 SF4 N . 49.48 31.61 23.08
FE3 SF4 N . 47.33 33.05 22.20
FE4 SF4 N . 48.00 33.05 24.86
S1 SF4 N . 47.29 31.27 23.63
S2 SF4 N . 47.45 34.86 23.58
S3 SF4 N . 50.27 32.95 24.73
S4 SF4 N . 49.39 32.95 21.24
FE1 SF4 O . 43.49 33.20 33.82
FE2 SF4 O . 41.55 32.11 35.41
FE3 SF4 O . 41.33 34.70 34.58
FE4 SF4 O . 43.24 34.01 36.42
S1 SF4 O . 40.98 33.90 36.68
S2 SF4 O . 43.52 35.34 34.59
S3 SF4 O . 43.81 31.92 35.69
S4 SF4 O . 41.31 32.84 33.27
FE1 SF4 P . 34.12 27.86 31.95
FE2 SF4 P . 33.34 25.71 30.46
FE3 SF4 P . 31.68 26.71 32.39
FE4 SF4 P . 33.96 25.38 33.10
S1 SF4 P . 32.16 24.52 32.00
S2 SF4 P . 33.20 27.35 33.98
S3 SF4 P . 35.37 26.02 31.44
S4 SF4 P . 32.37 27.78 30.50
FE1 SF4 Q . 11.91 9.60 14.28
FE2 SF4 Q . 9.57 10.19 15.50
FE3 SF4 Q . 10.94 12.11 14.14
FE4 SF4 Q . 11.88 11.15 16.47
S1 SF4 Q . 9.98 12.29 16.17
S2 SF4 Q . 13.06 11.50 14.60
S3 SF4 Q . 11.28 8.99 16.35
S4 SF4 Q . 10.00 10.24 13.25
FE1 SF4 R . 22.00 26.29 32.69
FE2 SF4 R . 19.88 25.10 31.45
FE3 SF4 R . 19.47 26.62 33.68
FE4 SF4 R . 20.71 24.19 33.88
S1 SF4 R . 18.57 24.58 33.23
S2 SF4 R . 21.35 26.14 34.88
S3 SF4 R . 21.89 24.15 31.93
S4 SF4 R . 20.27 27.34 31.67
FE1 SF4 S . 17.14 19.36 24.35
FE2 SF4 S . 17.65 16.68 24.54
FE3 SF4 S . 15.12 17.61 24.96
FE4 SF4 S . 17.09 18.13 26.80
S1 SF4 S . 16.24 16.09 26.24
S2 SF4 S . 15.55 19.61 25.97
S3 SF4 S . 18.90 18.38 25.42
S4 SF4 S . 16.30 17.70 23.03
FE FE T . 31.34 46.89 30.78
C1 LMN U . -32.22 -40.39 11.87
O1 LMN U . -31.43 -39.34 12.32
C2 LMN U . -33.37 -39.86 11.05
O2 LMN U . -32.90 -39.05 9.99
C3 LMN U . -34.16 -41.03 10.52
O3 LMN U . -35.32 -40.54 9.84
C4 LMN U . -34.57 -41.97 11.65
O4 LMN U . -34.94 -43.20 11.04
C5 LMN U . -33.42 -42.28 12.60
O5 LMN U . -32.74 -41.08 12.99
C6 LMN U . -33.88 -42.95 13.88
O6 LMN U . -32.77 -43.50 14.59
CAA LMN U . -23.80 -30.50 13.98
CAB LMN U . -24.24 -30.89 9.76
OAI LMN U . -36.28 -45.93 14.11
OAJ LMN U . -38.29 -31.78 17.53
OAL LMN U . -34.23 -33.17 15.47
OAN LMN U . -38.63 -36.64 12.97
OAP LMN U . -36.44 -36.02 11.41
OAQ LMN U . -39.66 -45.84 11.18
OAR LMN U . -42.16 -31.19 15.20
OAS LMN U . -39.30 -43.75 9.31
OAT LMN U . -42.11 -33.09 13.14
OAU LMN U . -36.17 -43.68 8.84
OAV LMN U . -40.49 -35.55 14.19
CAW LMN U . -24.92 -29.87 14.78
CAX LMN U . -25.22 -31.74 10.54
CAY LMN U . -26.27 -30.50 14.54
CAZ LMN U . -25.74 -32.92 9.76
CBA LMN U . -26.27 -32.00 14.48
CBB LMN U . -24.88 -34.15 9.84
CBC LMN U . -27.14 -32.66 15.52
CBD LMN U . -25.62 -35.38 10.29
CBE LMN U . -28.24 -33.51 14.96
CBF LMN U . -26.63 -35.13 11.38
CBG LMN U . -29.60 -33.23 15.54
CBH LMN U . -28.03 -35.55 11.02
CBI LMN U . -30.67 -34.17 15.09
CBJ LMN U . -28.19 -37.03 10.90
CBK LMN U . -30.23 -35.09 13.97
CBL LMN U . -29.25 -37.59 11.82
CBM LMN U . -37.46 -45.41 13.50
CBN LMN U . -39.37 -31.22 16.78
CBP LMN U . -35.58 -33.36 15.06
CBQ LMN U . -30.79 -36.48 14.05
CBR LMN U . -30.63 -37.04 11.58
CBS LMN U . -32.12 -38.36 13.09
CBT LMN U . -32.69 -35.97 12.53
OBV LMN U . -33.93 -36.64 12.24
OBX LMN U . -34.86 -35.10 13.64
OBY LMN U . -36.17 -45.06 11.54
OBZ LMN U . -39.65 -33.52 16.33
OCB LMN U . -38.17 -34.86 15.16
CCC LMN U . -37.42 -45.61 12.00
CCD LMN U . -40.37 -32.28 16.38
CCF LMN U . -35.82 -34.79 14.66
CCH LMN U . -37.37 -36.45 13.59
CCJ LMN U . -34.91 -36.45 13.22
CCL LMN U . -36.27 -36.77 12.61
CCM LMN U . -31.56 -36.97 12.81
CCN LMN U . -38.59 -44.91 11.30
CCO LMN U . -41.00 -32.02 15.02
CCQ LMN U . -37.23 -35.03 14.10
CCR LMN U . -36.23 -43.69 11.24
CCS LMN U . -39.08 -33.79 15.06
CCT LMN U . -38.20 -44.42 9.91
CCU LMN U . -41.41 -33.33 14.37
CCV LMN U . -37.02 -43.47 9.97
CCW LMN U . -40.18 -34.16 14.08
#